data_6TGY
# 
_entry.id   6TGY 
# 
_audit_conform.dict_name       mmcif_pdbx.dic 
_audit_conform.dict_version    5.392 
_audit_conform.dict_location   http://mmcif.pdb.org/dictionaries/ascii/mmcif_pdbx.dic 
# 
loop_
_database_2.database_id 
_database_2.database_code 
_database_2.pdbx_database_accession 
_database_2.pdbx_DOI 
PDB   6TGY         pdb_00006tgy 10.2210/pdb6tgy/pdb 
WWPDB D_1292105447 ?            ?                   
EMDB  EMD-10501    ?            ?                   
# 
loop_
_pdbx_audit_revision_history.ordinal 
_pdbx_audit_revision_history.data_content_type 
_pdbx_audit_revision_history.major_revision 
_pdbx_audit_revision_history.minor_revision 
_pdbx_audit_revision_history.revision_date 
1 'Structure model' 1 0 2020-02-12 
2 'Structure model' 1 1 2024-05-22 
# 
_pdbx_audit_revision_details.ordinal             1 
_pdbx_audit_revision_details.revision_ordinal    1 
_pdbx_audit_revision_details.data_content_type   'Structure model' 
_pdbx_audit_revision_details.provider            repository 
_pdbx_audit_revision_details.type                'Initial release' 
_pdbx_audit_revision_details.description         ? 
_pdbx_audit_revision_details.details             ? 
# 
loop_
_pdbx_audit_revision_group.ordinal 
_pdbx_audit_revision_group.revision_ordinal 
_pdbx_audit_revision_group.data_content_type 
_pdbx_audit_revision_group.group 
1 2 'Structure model' 'Data collection'        
2 2 'Structure model' 'Database references'    
3 2 'Structure model' 'Refinement description' 
# 
loop_
_pdbx_audit_revision_category.ordinal 
_pdbx_audit_revision_category.revision_ordinal 
_pdbx_audit_revision_category.data_content_type 
_pdbx_audit_revision_category.category 
1 2 'Structure model' chem_comp_atom                
2 2 'Structure model' chem_comp_bond                
3 2 'Structure model' database_2                    
4 2 'Structure model' em_3d_fitting_list            
5 2 'Structure model' pdbx_initial_refinement_model 
# 
loop_
_pdbx_audit_revision_item.ordinal 
_pdbx_audit_revision_item.revision_ordinal 
_pdbx_audit_revision_item.data_content_type 
_pdbx_audit_revision_item.item 
1 2 'Structure model' '_database_2.pdbx_DOI'                            
2 2 'Structure model' '_database_2.pdbx_database_accession'             
3 2 'Structure model' '_em_3d_fitting_list.accession_code'              
4 2 'Structure model' '_em_3d_fitting_list.initial_refinement_model_id' 
5 2 'Structure model' '_em_3d_fitting_list.source_name'                 
6 2 'Structure model' '_em_3d_fitting_list.type'                        
# 
_pdbx_database_status.status_code                     REL 
_pdbx_database_status.status_code_sf                  ? 
_pdbx_database_status.status_code_mr                  ? 
_pdbx_database_status.entry_id                        6TGY 
_pdbx_database_status.recvd_initial_deposition_date   2019-11-18 
_pdbx_database_status.SG_entry                        N 
_pdbx_database_status.deposit_site                    PDBE 
_pdbx_database_status.process_site                    PDBE 
_pdbx_database_status.status_code_cs                  ? 
_pdbx_database_status.methods_development_category    ? 
_pdbx_database_status.pdb_format_compatible           Y 
_pdbx_database_status.status_code_nmr_data            ? 
# 
loop_
_pdbx_database_related.db_name 
_pdbx_database_related.details 
_pdbx_database_related.db_id 
_pdbx_database_related.content_type 
EMDB .                                                EMD-10500 'other EM volume'      
EMDB .                                                EMD-10499 'other EM volume'      
PDB  .                                                6TGP      unspecified            
PDB  .                                                6TGN      unspecified            
EMDB 'Cryo-EM structure of p62-PB1 filament (L-type)' EMD-10501 'associated EM volume' 
# 
loop_
_audit_author.name 
_audit_author.pdbx_ordinal 
_audit_author.identifier_ORCID 
'Jakobi, A.J.'    1 0000-0002-7761-2027 
'Huber, S.T.'     2 ?                   
'Mortensen, S.A.' 3 ?                   
'Sachse, C.'      4 ?                   
# 
_citation.abstract                  ? 
_citation.abstract_id_CAS           ? 
_citation.book_id_ISBN              ? 
_citation.book_publisher            ? 
_citation.book_publisher_city       ? 
_citation.book_title                ? 
_citation.coordinate_linkage        ? 
_citation.country                   UK 
_citation.database_id_Medline       ? 
_citation.details                   ? 
_citation.id                        primary 
_citation.journal_abbrev            'Nat Commun' 
_citation.journal_id_ASTM           ? 
_citation.journal_id_CSD            ? 
_citation.journal_id_ISSN           2041-1723 
_citation.journal_full              ? 
_citation.journal_issue             ? 
_citation.journal_volume            11 
_citation.language                  ? 
_citation.page_first                440 
_citation.page_last                 440 
_citation.title                     'Structural basis of p62/SQSTM1 helical filaments and their role in cellular cargo uptake.' 
_citation.year                      2020 
_citation.database_id_CSD           ? 
_citation.pdbx_database_id_DOI      10.1038/s41467-020-14343-8 
_citation.pdbx_database_id_PubMed   31974402 
_citation.unpublished_flag          ? 
# 
loop_
_citation_author.citation_id 
_citation_author.name 
_citation_author.ordinal 
_citation_author.identifier_ORCID 
primary 'Jakobi, A.J.'    1  0000-0002-7761-2027 
primary 'Huber, S.T.'     2  0000-0003-3721-5104 
primary 'Mortensen, S.A.' 3  ?                   
primary 'Schultz, S.W.'   4  ?                   
primary 'Palara, A.'      5  ?                   
primary 'Kuhm, T.'        6  ?                   
primary 'Shrestha, B.K.'  7  ?                   
primary 'Lamark, T.'      8  0000-0001-6338-3342 
primary 'Hagen, W.J.H.'   9  ?                   
primary 'Wilmanns, M.'    10 0000-0002-4643-5435 
primary 'Johansen, T.'    11 0000-0003-1451-9578 
primary 'Brech, A.'       12 ?                   
primary 'Sachse, C.'      13 0000-0002-1168-5143 
# 
_entity.id                         1 
_entity.type                       polymer 
_entity.src_method                 man 
_entity.pdbx_description           Sequestosome-1 
_entity.formula_weight             13704.609 
_entity.pdbx_number_of_molecules   1 
_entity.pdbx_ec                    ? 
_entity.pdbx_mutation              ? 
_entity.pdbx_fragment              ? 
_entity.details                    ? 
# 
_entity_name_com.entity_id   1 
_entity_name_com.name        
;EBI3-associated protein of 60 kDa,p60,Phosphotyrosine-independent ligand for the Lck SH2 domain of 62 kDa,Ubiquitin-binding protein p62
;
# 
_entity_poly.entity_id                      1 
_entity_poly.type                           'polypeptide(L)' 
_entity_poly.nstd_linkage                   no 
_entity_poly.nstd_monomer                   no 
_entity_poly.pdbx_seq_one_letter_code       
;MASLTVKAYLLGKEDAAREIRRFSFCCSPEPEAEAEAAAGPGPCERLLSRVAALFPALRPGGFQAHYRDEDGDLVAFSSD
EELTMAMSYVKDDIFRIYIKEKKECRRDHRPPCAQEAPRNMV
;
_entity_poly.pdbx_seq_one_letter_code_can   
;MASLTVKAYLLGKEDAAREIRRFSFCCSPEPEAEAEAAAGPGPCERLLSRVAALFPALRPGGFQAHYRDEDGDLVAFSSD
EELTMAMSYVKDDIFRIYIKEKKECRRDHRPPCAQEAPRNMV
;
_entity_poly.pdbx_strand_id                 A 
_entity_poly.pdbx_target_identifier         ? 
# 
loop_
_entity_poly_seq.entity_id 
_entity_poly_seq.num 
_entity_poly_seq.mon_id 
_entity_poly_seq.hetero 
1 1   MET n 
1 2   ALA n 
1 3   SER n 
1 4   LEU n 
1 5   THR n 
1 6   VAL n 
1 7   LYS n 
1 8   ALA n 
1 9   TYR n 
1 10  LEU n 
1 11  LEU n 
1 12  GLY n 
1 13  LYS n 
1 14  GLU n 
1 15  ASP n 
1 16  ALA n 
1 17  ALA n 
1 18  ARG n 
1 19  GLU n 
1 20  ILE n 
1 21  ARG n 
1 22  ARG n 
1 23  PHE n 
1 24  SER n 
1 25  PHE n 
1 26  CYS n 
1 27  CYS n 
1 28  SER n 
1 29  PRO n 
1 30  GLU n 
1 31  PRO n 
1 32  GLU n 
1 33  ALA n 
1 34  GLU n 
1 35  ALA n 
1 36  GLU n 
1 37  ALA n 
1 38  ALA n 
1 39  ALA n 
1 40  GLY n 
1 41  PRO n 
1 42  GLY n 
1 43  PRO n 
1 44  CYS n 
1 45  GLU n 
1 46  ARG n 
1 47  LEU n 
1 48  LEU n 
1 49  SER n 
1 50  ARG n 
1 51  VAL n 
1 52  ALA n 
1 53  ALA n 
1 54  LEU n 
1 55  PHE n 
1 56  PRO n 
1 57  ALA n 
1 58  LEU n 
1 59  ARG n 
1 60  PRO n 
1 61  GLY n 
1 62  GLY n 
1 63  PHE n 
1 64  GLN n 
1 65  ALA n 
1 66  HIS n 
1 67  TYR n 
1 68  ARG n 
1 69  ASP n 
1 70  GLU n 
1 71  ASP n 
1 72  GLY n 
1 73  ASP n 
1 74  LEU n 
1 75  VAL n 
1 76  ALA n 
1 77  PHE n 
1 78  SER n 
1 79  SER n 
1 80  ASP n 
1 81  GLU n 
1 82  GLU n 
1 83  LEU n 
1 84  THR n 
1 85  MET n 
1 86  ALA n 
1 87  MET n 
1 88  SER n 
1 89  TYR n 
1 90  VAL n 
1 91  LYS n 
1 92  ASP n 
1 93  ASP n 
1 94  ILE n 
1 95  PHE n 
1 96  ARG n 
1 97  ILE n 
1 98  TYR n 
1 99  ILE n 
1 100 LYS n 
1 101 GLU n 
1 102 LYS n 
1 103 LYS n 
1 104 GLU n 
1 105 CYS n 
1 106 ARG n 
1 107 ARG n 
1 108 ASP n 
1 109 HIS n 
1 110 ARG n 
1 111 PRO n 
1 112 PRO n 
1 113 CYS n 
1 114 ALA n 
1 115 GLN n 
1 116 GLU n 
1 117 ALA n 
1 118 PRO n 
1 119 ARG n 
1 120 ASN n 
1 121 MET n 
1 122 VAL n 
# 
_entity_src_gen.entity_id                          1 
_entity_src_gen.pdbx_src_id                        1 
_entity_src_gen.pdbx_alt_source_flag               sample 
_entity_src_gen.pdbx_seq_type                      'Biological sequence' 
_entity_src_gen.pdbx_beg_seq_num                   1 
_entity_src_gen.pdbx_end_seq_num                   122 
_entity_src_gen.gene_src_common_name               Human 
_entity_src_gen.gene_src_genus                     ? 
_entity_src_gen.pdbx_gene_src_gene                 'SQSTM1, ORCA, OSIL' 
_entity_src_gen.gene_src_species                   ? 
_entity_src_gen.gene_src_strain                    ? 
_entity_src_gen.gene_src_tissue                    ? 
_entity_src_gen.gene_src_tissue_fraction           ? 
_entity_src_gen.gene_src_details                   ? 
_entity_src_gen.pdbx_gene_src_fragment             ? 
_entity_src_gen.pdbx_gene_src_scientific_name      'Homo sapiens' 
_entity_src_gen.pdbx_gene_src_ncbi_taxonomy_id     9606 
_entity_src_gen.pdbx_gene_src_variant              ? 
_entity_src_gen.pdbx_gene_src_cell_line            ? 
_entity_src_gen.pdbx_gene_src_atcc                 ? 
_entity_src_gen.pdbx_gene_src_organ                ? 
_entity_src_gen.pdbx_gene_src_organelle            ? 
_entity_src_gen.pdbx_gene_src_cell                 ? 
_entity_src_gen.pdbx_gene_src_cellular_location    ? 
_entity_src_gen.host_org_common_name               ? 
_entity_src_gen.pdbx_host_org_scientific_name      'Escherichia coli BL21(DE3)' 
_entity_src_gen.pdbx_host_org_ncbi_taxonomy_id     469008 
_entity_src_gen.host_org_genus                     ? 
_entity_src_gen.pdbx_host_org_gene                 ? 
_entity_src_gen.pdbx_host_org_organ                ? 
_entity_src_gen.host_org_species                   ? 
_entity_src_gen.pdbx_host_org_tissue               ? 
_entity_src_gen.pdbx_host_org_tissue_fraction      ? 
_entity_src_gen.pdbx_host_org_strain               ? 
_entity_src_gen.pdbx_host_org_variant              ? 
_entity_src_gen.pdbx_host_org_cell_line            ? 
_entity_src_gen.pdbx_host_org_atcc                 ? 
_entity_src_gen.pdbx_host_org_culture_collection   ? 
_entity_src_gen.pdbx_host_org_cell                 ? 
_entity_src_gen.pdbx_host_org_organelle            ? 
_entity_src_gen.pdbx_host_org_cellular_location    ? 
_entity_src_gen.pdbx_host_org_vector_type          ? 
_entity_src_gen.pdbx_host_org_vector               ? 
_entity_src_gen.host_org_details                   ? 
_entity_src_gen.expression_system_id               ? 
_entity_src_gen.plasmid_name                       ? 
_entity_src_gen.plasmid_details                    ? 
_entity_src_gen.pdbx_description                   ? 
# 
loop_
_chem_comp.id 
_chem_comp.type 
_chem_comp.mon_nstd_flag 
_chem_comp.name 
_chem_comp.pdbx_synonyms 
_chem_comp.formula 
_chem_comp.formula_weight 
ALA 'L-peptide linking' y ALANINE         ? 'C3 H7 N O2'     89.093  
ARG 'L-peptide linking' y ARGININE        ? 'C6 H15 N4 O2 1' 175.209 
ASN 'L-peptide linking' y ASPARAGINE      ? 'C4 H8 N2 O3'    132.118 
ASP 'L-peptide linking' y 'ASPARTIC ACID' ? 'C4 H7 N O4'     133.103 
CYS 'L-peptide linking' y CYSTEINE        ? 'C3 H7 N O2 S'   121.158 
GLN 'L-peptide linking' y GLUTAMINE       ? 'C5 H10 N2 O3'   146.144 
GLU 'L-peptide linking' y 'GLUTAMIC ACID' ? 'C5 H9 N O4'     147.129 
GLY 'peptide linking'   y GLYCINE         ? 'C2 H5 N O2'     75.067  
HIS 'L-peptide linking' y HISTIDINE       ? 'C6 H10 N3 O2 1' 156.162 
ILE 'L-peptide linking' y ISOLEUCINE      ? 'C6 H13 N O2'    131.173 
LEU 'L-peptide linking' y LEUCINE         ? 'C6 H13 N O2'    131.173 
LYS 'L-peptide linking' y LYSINE          ? 'C6 H15 N2 O2 1' 147.195 
MET 'L-peptide linking' y METHIONINE      ? 'C5 H11 N O2 S'  149.211 
PHE 'L-peptide linking' y PHENYLALANINE   ? 'C9 H11 N O2'    165.189 
PRO 'L-peptide linking' y PROLINE         ? 'C5 H9 N O2'     115.130 
SER 'L-peptide linking' y SERINE          ? 'C3 H7 N O3'     105.093 
THR 'L-peptide linking' y THREONINE       ? 'C4 H9 N O3'     119.119 
TYR 'L-peptide linking' y TYROSINE        ? 'C9 H11 N O3'    181.189 
VAL 'L-peptide linking' y VALINE          ? 'C5 H11 N O2'    117.146 
# 
loop_
_pdbx_poly_seq_scheme.asym_id 
_pdbx_poly_seq_scheme.entity_id 
_pdbx_poly_seq_scheme.seq_id 
_pdbx_poly_seq_scheme.mon_id 
_pdbx_poly_seq_scheme.ndb_seq_num 
_pdbx_poly_seq_scheme.pdb_seq_num 
_pdbx_poly_seq_scheme.auth_seq_num 
_pdbx_poly_seq_scheme.pdb_mon_id 
_pdbx_poly_seq_scheme.auth_mon_id 
_pdbx_poly_seq_scheme.pdb_strand_id 
_pdbx_poly_seq_scheme.pdb_ins_code 
_pdbx_poly_seq_scheme.hetero 
A 1 1   MET 1   1   ?   ?   ?   A . n 
A 1 2   ALA 2   2   2   ALA ALA A . n 
A 1 3   SER 3   3   3   SER SER A . n 
A 1 4   LEU 4   4   4   LEU LEU A . n 
A 1 5   THR 5   5   5   THR THR A . n 
A 1 6   VAL 6   6   6   VAL VAL A . n 
A 1 7   LYS 7   7   7   LYS LYS A . n 
A 1 8   ALA 8   8   8   ALA ALA A . n 
A 1 9   TYR 9   9   9   TYR TYR A . n 
A 1 10  LEU 10  10  10  LEU LEU A . n 
A 1 11  LEU 11  11  11  LEU LEU A . n 
A 1 12  GLY 12  12  12  GLY GLY A . n 
A 1 13  LYS 13  13  13  LYS LYS A . n 
A 1 14  GLU 14  14  14  GLU GLU A . n 
A 1 15  ASP 15  15  15  ASP ASP A . n 
A 1 16  ALA 16  16  16  ALA ALA A . n 
A 1 17  ALA 17  17  17  ALA ALA A . n 
A 1 18  ARG 18  18  18  ARG ARG A . n 
A 1 19  GLU 19  19  19  GLU GLU A . n 
A 1 20  ILE 20  20  20  ILE ILE A . n 
A 1 21  ARG 21  21  21  ARG ARG A . n 
A 1 22  ARG 22  22  22  ARG ARG A . n 
A 1 23  PHE 23  23  23  PHE PHE A . n 
A 1 24  SER 24  24  24  SER SER A . n 
A 1 25  PHE 25  25  25  PHE PHE A . n 
A 1 26  CYS 26  26  26  CYS CYS A . n 
A 1 27  CYS 27  27  27  CYS CYS A . n 
A 1 28  SER 28  28  28  SER SER A . n 
A 1 29  PRO 29  29  29  PRO PRO A . n 
A 1 30  GLU 30  30  30  GLU GLU A . n 
A 1 31  PRO 31  31  31  PRO PRO A . n 
A 1 32  GLU 32  32  32  GLU GLU A . n 
A 1 33  ALA 33  33  33  ALA ALA A . n 
A 1 34  GLU 34  34  34  GLU GLU A . n 
A 1 35  ALA 35  35  35  ALA ALA A . n 
A 1 36  GLU 36  36  36  GLU GLU A . n 
A 1 37  ALA 37  37  37  ALA ALA A . n 
A 1 38  ALA 38  38  38  ALA ALA A . n 
A 1 39  ALA 39  39  39  ALA ALA A . n 
A 1 40  GLY 40  40  40  GLY GLY A . n 
A 1 41  PRO 41  41  41  PRO PRO A . n 
A 1 42  GLY 42  42  42  GLY GLY A . n 
A 1 43  PRO 43  43  43  PRO PRO A . n 
A 1 44  CYS 44  44  44  CYS CYS A . n 
A 1 45  GLU 45  45  45  GLU GLU A . n 
A 1 46  ARG 46  46  46  ARG ARG A . n 
A 1 47  LEU 47  47  47  LEU LEU A . n 
A 1 48  LEU 48  48  48  LEU LEU A . n 
A 1 49  SER 49  49  49  SER SER A . n 
A 1 50  ARG 50  50  50  ARG ARG A . n 
A 1 51  VAL 51  51  51  VAL VAL A . n 
A 1 52  ALA 52  52  52  ALA ALA A . n 
A 1 53  ALA 53  53  53  ALA ALA A . n 
A 1 54  LEU 54  54  54  LEU LEU A . n 
A 1 55  PHE 55  55  55  PHE PHE A . n 
A 1 56  PRO 56  56  56  PRO PRO A . n 
A 1 57  ALA 57  57  57  ALA ALA A . n 
A 1 58  LEU 58  58  58  LEU LEU A . n 
A 1 59  ARG 59  59  59  ARG ARG A . n 
A 1 60  PRO 60  60  60  PRO PRO A . n 
A 1 61  GLY 61  61  61  GLY GLY A . n 
A 1 62  GLY 62  62  62  GLY GLY A . n 
A 1 63  PHE 63  63  63  PHE PHE A . n 
A 1 64  GLN 64  64  64  GLN GLN A . n 
A 1 65  ALA 65  65  65  ALA ALA A . n 
A 1 66  HIS 66  66  66  HIS HIS A . n 
A 1 67  TYR 67  67  67  TYR TYR A . n 
A 1 68  ARG 68  68  68  ARG ARG A . n 
A 1 69  ASP 69  69  69  ASP ASP A . n 
A 1 70  GLU 70  70  70  GLU GLU A . n 
A 1 71  ASP 71  71  71  ASP ASP A . n 
A 1 72  GLY 72  72  72  GLY GLY A . n 
A 1 73  ASP 73  73  73  ASP ASP A . n 
A 1 74  LEU 74  74  74  LEU LEU A . n 
A 1 75  VAL 75  75  75  VAL VAL A . n 
A 1 76  ALA 76  76  76  ALA ALA A . n 
A 1 77  PHE 77  77  77  PHE PHE A . n 
A 1 78  SER 78  78  78  SER SER A . n 
A 1 79  SER 79  79  79  SER SER A . n 
A 1 80  ASP 80  80  80  ASP ASP A . n 
A 1 81  GLU 81  81  81  GLU GLU A . n 
A 1 82  GLU 82  82  82  GLU GLU A . n 
A 1 83  LEU 83  83  83  LEU LEU A . n 
A 1 84  THR 84  84  84  THR THR A . n 
A 1 85  MET 85  85  85  MET MET A . n 
A 1 86  ALA 86  86  86  ALA ALA A . n 
A 1 87  MET 87  87  87  MET MET A . n 
A 1 88  SER 88  88  88  SER SER A . n 
A 1 89  TYR 89  89  89  TYR TYR A . n 
A 1 90  VAL 90  90  90  VAL VAL A . n 
A 1 91  LYS 91  91  91  LYS LYS A . n 
A 1 92  ASP 92  92  92  ASP ASP A . n 
A 1 93  ASP 93  93  93  ASP ASP A . n 
A 1 94  ILE 94  94  94  ILE ILE A . n 
A 1 95  PHE 95  95  95  PHE PHE A . n 
A 1 96  ARG 96  96  96  ARG ARG A . n 
A 1 97  ILE 97  97  97  ILE ILE A . n 
A 1 98  TYR 98  98  98  TYR TYR A . n 
A 1 99  ILE 99  99  99  ILE ILE A . n 
A 1 100 LYS 100 100 100 LYS LYS A . n 
A 1 101 GLU 101 101 101 GLU GLU A . n 
A 1 102 LYS 102 102 102 LYS LYS A . n 
A 1 103 LYS 103 103 103 LYS LYS A . n 
A 1 104 GLU 104 104 104 GLU GLU A . n 
A 1 105 CYS 105 105 105 CYS CYS A . n 
A 1 106 ARG 106 106 ?   ?   ?   A . n 
A 1 107 ARG 107 107 ?   ?   ?   A . n 
A 1 108 ASP 108 108 ?   ?   ?   A . n 
A 1 109 HIS 109 109 ?   ?   ?   A . n 
A 1 110 ARG 110 110 ?   ?   ?   A . n 
A 1 111 PRO 111 111 ?   ?   ?   A . n 
A 1 112 PRO 112 112 ?   ?   ?   A . n 
A 1 113 CYS 113 113 ?   ?   ?   A . n 
A 1 114 ALA 114 114 ?   ?   ?   A . n 
A 1 115 GLN 115 115 ?   ?   ?   A . n 
A 1 116 GLU 116 116 ?   ?   ?   A . n 
A 1 117 ALA 117 117 ?   ?   ?   A . n 
A 1 118 PRO 118 118 ?   ?   ?   A . n 
A 1 119 ARG 119 119 ?   ?   ?   A . n 
A 1 120 ASN 120 120 ?   ?   ?   A . n 
A 1 121 MET 121 121 ?   ?   ?   A . n 
A 1 122 VAL 122 122 ?   ?   ?   A . n 
# 
_cell.angle_alpha                  90.00 
_cell.angle_alpha_esd              ? 
_cell.angle_beta                   90.00 
_cell.angle_beta_esd               ? 
_cell.angle_gamma                  90.00 
_cell.angle_gamma_esd              ? 
_cell.entry_id                     6TGY 
_cell.details                      ? 
_cell.formula_units_Z              ? 
_cell.length_a                     1.00 
_cell.length_a_esd                 ? 
_cell.length_b                     1.00 
_cell.length_b_esd                 ? 
_cell.length_c                     1.00 
_cell.length_c_esd                 ? 
_cell.volume                       ? 
_cell.volume_esd                   ? 
_cell.Z_PDB                        ? 
_cell.reciprocal_angle_alpha       ? 
_cell.reciprocal_angle_beta        ? 
_cell.reciprocal_angle_gamma       ? 
_cell.reciprocal_angle_alpha_esd   ? 
_cell.reciprocal_angle_beta_esd    ? 
_cell.reciprocal_angle_gamma_esd   ? 
_cell.reciprocal_length_a          ? 
_cell.reciprocal_length_b          ? 
_cell.reciprocal_length_c          ? 
_cell.reciprocal_length_a_esd      ? 
_cell.reciprocal_length_b_esd      ? 
_cell.reciprocal_length_c_esd      ? 
_cell.pdbx_unique_axis             ? 
# 
_symmetry.entry_id                         6TGY 
_symmetry.cell_setting                     ? 
_symmetry.Int_Tables_number                1 
_symmetry.space_group_name_Hall            ? 
_symmetry.space_group_name_H-M             'P 1' 
_symmetry.pdbx_full_space_group_name_H-M   ? 
# 
_exptl.absorpt_coefficient_mu     ? 
_exptl.absorpt_correction_T_max   ? 
_exptl.absorpt_correction_T_min   ? 
_exptl.absorpt_correction_type    ? 
_exptl.absorpt_process_details    ? 
_exptl.entry_id                   6TGY 
_exptl.crystals_number            ? 
_exptl.details                    ? 
_exptl.method                     'ELECTRON MICROSCOPY' 
_exptl.method_details             ? 
# 
_struct.entry_id                     6TGY 
_struct.title                        'Cryo-EM structure of p62-PB1 filament (L-type)' 
_struct.pdbx_model_details           ? 
_struct.pdbx_formula_weight          ? 
_struct.pdbx_formula_weight_method   ? 
_struct.pdbx_model_type_details      ? 
_struct.pdbx_CASP_flag               N 
# 
_struct_keywords.entry_id        6TGY 
_struct_keywords.text            'Autophagy, apoptosis' 
_struct_keywords.pdbx_keywords   APOPTOSIS 
# 
_struct_asym.id                            A 
_struct_asym.pdbx_blank_PDB_chainid_flag   N 
_struct_asym.pdbx_modified                 N 
_struct_asym.entity_id                     1 
_struct_asym.details                       ? 
# 
_struct_ref.id                         1 
_struct_ref.db_name                    UNP 
_struct_ref.db_code                    SQSTM_HUMAN 
_struct_ref.pdbx_db_accession          Q13501 
_struct_ref.pdbx_db_isoform            ? 
_struct_ref.entity_id                  1 
_struct_ref.pdbx_seq_one_letter_code   
;MASLTVKAYLLGKEDAAREIRRFSFCCSPEPEAEAEAAAGPGPCERLLSRVAALFPALRPGGFQAHYRDEDGDLVAFSSD
EELTMAMSYVKDDIFRIYIKEKKECRRDHRPPCAQEAPRNMV
;
_struct_ref.pdbx_align_begin           1 
# 
_struct_ref_seq.align_id                      1 
_struct_ref_seq.ref_id                        1 
_struct_ref_seq.pdbx_PDB_id_code              6TGY 
_struct_ref_seq.pdbx_strand_id                A 
_struct_ref_seq.seq_align_beg                 1 
_struct_ref_seq.pdbx_seq_align_beg_ins_code   ? 
_struct_ref_seq.seq_align_end                 122 
_struct_ref_seq.pdbx_seq_align_end_ins_code   ? 
_struct_ref_seq.pdbx_db_accession             Q13501 
_struct_ref_seq.db_align_beg                  1 
_struct_ref_seq.pdbx_db_align_beg_ins_code    ? 
_struct_ref_seq.db_align_end                  122 
_struct_ref_seq.pdbx_db_align_end_ins_code    ? 
_struct_ref_seq.pdbx_auth_seq_align_beg       1 
_struct_ref_seq.pdbx_auth_seq_align_end       122 
# 
_pdbx_struct_assembly.id                   1 
_pdbx_struct_assembly.details              software_defined_assembly 
_pdbx_struct_assembly.method_details       'UCSF CHIMERA 1.12_b41623.' 
_pdbx_struct_assembly.oligomeric_details   120-meric 
_pdbx_struct_assembly.oligomeric_count     120 
# 
_pdbx_struct_assembly_gen.assembly_id       1 
_pdbx_struct_assembly_gen.oper_expression   
;1,2,3,4,5,6,7,8,9,10,11,12,13,14,15,16,17,18,19,20,21,22,23,24,25,26,27,28,29,30,31,32,33,34,35,36,37,38,39,40,41,42,43,44,45,46,47,48,49,50,51,52,53,54,55,56,57,58,59,60,61,62,63,64,65,66,67,68,69,70,71,72,73,74,75,76,77,78,79,80,81,82,83,84,85,86,87,88,89,90,91,92,93,94,95,96,97,98,99,100,101,102,103,104,105,106,107,108,109,110,111,112,113,114,115,116,117,118,119,120
;
_pdbx_struct_assembly_gen.asym_id_list      A 
# 
_pdbx_struct_assembly_auth_evidence.id                     1 
_pdbx_struct_assembly_auth_evidence.assembly_id            1 
_pdbx_struct_assembly_auth_evidence.experimental_support   SAXS 
_pdbx_struct_assembly_auth_evidence.details                ? 
# 
loop_
_pdbx_struct_oper_list.id 
_pdbx_struct_oper_list.type 
_pdbx_struct_oper_list.name 
_pdbx_struct_oper_list.symmetry_operation 
_pdbx_struct_oper_list.matrix[1][1] 
_pdbx_struct_oper_list.matrix[1][2] 
_pdbx_struct_oper_list.matrix[1][3] 
_pdbx_struct_oper_list.vector[1] 
_pdbx_struct_oper_list.matrix[2][1] 
_pdbx_struct_oper_list.matrix[2][2] 
_pdbx_struct_oper_list.matrix[2][3] 
_pdbx_struct_oper_list.vector[2] 
_pdbx_struct_oper_list.matrix[3][1] 
_pdbx_struct_oper_list.matrix[3][2] 
_pdbx_struct_oper_list.matrix[3][3] 
_pdbx_struct_oper_list.vector[3] 
1   'identity operation'       1_555 x,y,z 1.0000000000 0.0000000000 0.0000000000 0.0000000000 0.0000000000 1.0000000000 0.0000000000 0.0000000000 0.0000000000 0.0000000000 1.0000000000 0.0000000000 
2   'point symmetry operation' ?     ?     -0.62604700  -0.68613652  -0.37051495  -145.05783   -0.14913920  -0.36102257  0.92055407   18.66185     -0.76539020  0.63156865   0.12368756   102.50378    
3   'point symmetry operation' ?     ?     0.28395601   -0.91477328  0.28732928   -118.16729   0.54695232   0.40066183   0.73505963   72.20717     -0.78753503  -0.05156884  0.61410817   71.12464     
4   'point symmetry operation' ?     ?     0.99782486   -0.05366397  0.03829067   -55.51973    0.05254663   0.99817938   0.02961678   74.74529     -0.03981016  -0.02754052  0.99882777   96.49576     
5   'point symmetry operation' ?     ?     0.40194745   0.55388989   -0.72913934  -51.87283    -0.86110044  0.49942221   -0.09530716  18.25811     0.31135869   0.66617070   0.67769635   133.51927    
6   'point symmetry operation' ?     ?     -0.57412723  -0.03987651  -0.81779470  -109.94519   -0.76872881  -0.31756504  0.55516553   -13.19520    -0.28184094  0.94739782   0.15166827   118.92013    
7   'point symmetry operation' ?     ?     -0.40775483  -0.90870674  -0.08937627  -136.17542   0.18556439   -0.17830917  0.96631866   25.39273     -0.89403686  0.37743602   0.24133000   69.95278     
8   'point symmetry operation' ?     ?     0.64152892   -0.69725418  0.31980700   -86.67475    0.51311301   0.69995502   0.49676693   69.76718     -0.57022359  -0.15459287  0.80681206   57.48500     
9   'point symmetry operation' ?     ?     0.93687622   0.26462229   -0.22855727  -35.69223    -0.29704802  0.94716457   -0.12100459  46.64664     0.18446099   0.18125860   0.96598121   95.44640     
10  'point symmetry operation' ?     ?     0.01755478   0.47642703   -0.87903898  -59.78845    -0.98109426  0.17768052   0.07670741   -11.96045    0.19273373   0.86107332   0.47053869   119.09878    
11  'point symmetry operation' ?     ?     -0.68232379  -0.39224800  -0.61690813  -118.40375   -0.47193626  -0.40812698  0.78147837   -18.68776    -0.55831022  0.82436265   0.09335876   86.02547     
12  'point symmetry operation' ?     ?     -0.07097205  -0.98629896  0.14892019   -117.12976   0.43615683   0.10358241   0.89388915   32.90016     -0.89706749  0.12839375   0.42282964   42.30012     
13  'point symmetry operation' ?     ?     0.89792145   -0.37902548  0.22377871   -54.98345    0.32658928   0.91455892   0.23858239   58.26908     -0.29508757  -0.14114459  0.94498763   50.61311     
14  'point symmetry operation' ?     ?     0.71291471   0.48224535   -0.50910908  -25.94058    -0.62971672  0.75970586   -0.16218468  13.78541     0.30856035   0.43621834   0.84528343   92.47682     
15  'point symmetry operation' ?     ?     -0.33738759  0.25395934   -0.90646218  -72.33670    -0.94095509  -0.11941087  0.31677131   -35.21666    -0.02779461  0.95981519   0.27925246   97.06555     
16  'point symmetry operation' ?     ?     -0.61454921  -0.70776473  -0.34842334  -118.82484   -0.12160476  -0.35139877  0.92829499   -16.35427    -0.77944982  0.61285266   0.12988397   51.70136     
17  'point symmetry operation' ?     ?     0.31379352   -0.90266890  0.29448553   -89.91472    0.55017502   0.42563622   0.71842928   36.88898     -0.77384773  -0.06341951  0.63018826   21.63119     
18  'point symmetry operation' ?     ?     0.99945621   -0.02670932  0.01934777   -27.73471    0.02642999   0.99954484   0.01455801   37.39653     -0.01972765  -0.01403894  0.99970694   48.24385     
19  'point symmetry operation' ?     ?     0.37282712   0.55364614   -0.74463122  -26.31308    -0.87581536  0.47504811   -0.08530277  -19.68215    0.30650803   0.68396275   0.66200276   84.50479     
20  'point symmetry operation' ?     ?     -0.58857206  -0.06693793  -0.80566887  -84.89725    -0.74908749  -0.32965556  0.57462616   -49.36511    -0.30405748  0.94172533   0.14388363   68.32841     
21  'point symmetry operation' ?     ?     -0.38499074  -0.92037127  -0.06854837  -109.12736   0.20892249   -0.15925533  0.96487779   -9.40679     -0.89896248  0.35714771   0.25359807   19.42972     
22  'point symmetry operation' ?     ?     0.66599087   -0.67532563  0.31684628   -58.23480    0.50375019   0.72042999   0.47667227   33.80037     -0.55017453  -0.15784805  0.81999514   8.56934      
23  'point symmetry operation' ?     ?     0.92487673   0.28593537   -0.25068715  -8.63997     -0.32452505  0.93712084   -0.12840583  8.79565      0.19820840   0.20011380   0.95951442   47.16947     
24  'point symmetry operation' ?     ?     -0.01218677  0.46387719   -0.88581603  -34.73873    -0.98382221  0.15278645   0.09354495   -49.47308    0.17873427   0.87262521   0.45451032   69.49537     
25  'point symmetry operation' ?     ?     -0.68341136  -0.41908442  -0.59775953  -92.84745    -0.44565851  -0.40903729  0.79628914   -54.16750    -0.57821856  0.81059000   0.09277265   35.19981     
26  'point symmetry operation' ?     ?     -0.04170862  -0.98555796  0.16412343   -89.34805    0.45044801   0.12807628   0.88356865   -2.02325     -0.89182823  0.11078122   0.43860034   -7.73702     
27  'point symmetry operation' ?     ?     0.91188564   -0.35186355  0.21132031   -26.72896    0.30660053   0.92624713   0.21923064   21.55754     -0.27287422  -0.13512218  0.95251323   2.14528      
28  'point symmetry operation' ?     ?     0.68979623   0.49345667   -0.52979443  0.29647      -0.65280365  0.74035539   -0.16037977  -24.26922    0.31309586   0.45648088   0.83282438   43.91092     
29  'point symmetry operation' ?     ?     -0.36152545  0.23173040   -0.90310618  -47.46002    -0.93112541  -0.13961458  0.33691774   -72.07416    -0.04801257  0.96270926   0.26624403   46.88728     
30  'point symmetry operation' ?     ?     -0.60205223  -0.72875712  -0.32626156  -92.52943    -0.09419286  -0.34093864  0.93535497   -51.34186    -0.79288161  0.59386385   0.13661887   0.91156      
31  'point symmetry operation' ?     ?     0.34342986   -0.88967746  0.30088123   -61.63458    0.55240732   0.45044222   0.70138976   1.52706      -0.75954042  -0.07466899  0.64615993   -27.81527    
32  'point symmetry operation' ?     ?     0.34342986   0.55240732   -0.75954042  -0.80311     -0.88967746  0.45044222   -0.07466899  -57.59974    0.30088123   0.70138976   0.64615993   35.44684     
33  'point symmetry operation' ?     ?     -0.60205223  -0.09419286  -0.79288161  -59.82075    -0.72875712  -0.34093864  0.59386385   -85.47736    -0.32626156  0.93535497   0.13661887   17.70966     
34  'point symmetry operation' ?     ?     -0.36152545  -0.93112541  -0.04801257  -82.01690    0.23173040   -0.13961458  0.96270926   -44.20351    -0.90310618  0.33691774   0.26624403   -31.06182    
35  'point symmetry operation' ?     ?     0.68979623   -0.65280365  0.31309586   -29.79587    0.49345667   0.74035539   0.45648088   -2.22295     -0.52979443  -0.16037977  0.83282438   -40.30531    
36  'point symmetry operation' ?     ?     0.91188564   0.30660053   -0.27287422  18.34968     -0.35186355  0.92624713   -0.13512218  -29.08268    0.21132031   0.21923064   0.95251323   -1.12106     
37  'point symmetry operation' ?     ?     -0.04170862  0.45044801   -0.89182823  -9.71542     -0.98555796  0.12807628   0.11078122   -86.94132    0.16412343   0.88356865   0.43860034   19.84511     
38  'point symmetry operation' ?     ?     -0.68341136  -0.44565851  -0.57821856  -67.24006    -0.41908442  -0.40903729  0.81059000   -89.60011    -0.59775953  0.79628914   0.09277265   -15.63301    
39  'point symmetry operation' ?     ?     -0.01218677  -0.98382221  0.17873427   -61.51736    0.46387719   0.15278645   0.87262521   -36.97028    -0.88581603  0.09354495   0.45451032   -57.73044    
40  'point symmetry operation' ?     ?     0.92487673   -0.32452505  0.19820840   1.49589      0.28593537   0.93712084   0.20011380   -15.21139    -0.25068715  -0.12840583  0.95951442   -46.29631    
41  'point symmetry operation' ?     ?     0.66599087   0.50375019   -0.55017453  26.47152     -0.67532563  0.72042999   -0.15784805  -62.32559    0.31684628   0.47667227   0.81999514   -4.68705     
42  'point symmetry operation' ?     ?     -0.38499074  0.20892249   -0.89896248  -22.58123    -0.92037127  -0.15925533  0.35714771   -108.87495   -0.06854837  0.96487779   0.25359807   -3.33156     
43  'point symmetry operation' ?     ?     -0.58857206  -0.74908749  -0.30405748  -66.17117    -0.06693793  -0.32965556  0.94172533   -86.30293    -0.80566887  0.57462616   0.14388363   -49.86392    
44  'point symmetry operation' ?     ?     0.37282712   -0.87581536  0.30650803   -33.32901    0.55364614   0.47504811   0.68396275   -33.87993    -0.74463122  -0.08530277  0.66200276   -77.21491    
45  'point symmetry operation' ?     ?     0.99945621   0.02642999   -0.01972765  27.68291     -0.02670932  0.99954484   -0.01403894  -37.44301    0.01934777   0.01455801   0.99970694   -48.23755    
46  'point symmetry operation' ?     ?     0.31379352   0.55017502   -0.77384773  24.65857     -0.90266890  0.42563622   -0.06341951  -95.49273    0.29448553   0.71842928   0.63018826   -13.65518    
47  'point symmetry operation' ?     ?     -0.61454921  -0.12160476  -0.77944982  -34.71382    -0.70776473  -0.35139877  0.61285266   -121.53224   -0.34842334  0.92829499   0.12988397   -32.93490    
48  'point symmetry operation' ?     ?     -0.33738759  -0.94095509  -0.02779461  -54.84491    0.25395934   -0.11941087  0.95981519   -78.99963    -0.90646218  0.31677131   0.27925246   -81.52068    
49  'point symmetry operation' ?     ?     0.71291471   -0.62971672  0.30856035   -1.36034     0.48224535   0.75970586   0.43621834   -38.30320    -0.50910908  -0.16218468  0.84528343   -89.13993    
50  'point symmetry operation' ?     ?     0.89792145   0.32658928   -0.29508757  45.27602     -0.37902548  0.91455892   -0.14114459  -66.98687    0.22377871   0.23858239   0.94498763   -49.42664    
51  'point symmetry operation' ?     ?     -0.07097205  0.43615683   -0.89706749  15.28345     -0.98629896  0.10358241   0.12839375   -124.36389   0.14892019   0.89388915   0.42282964   -29.85189    
52  'point symmetry operation' ?     ?     -0.68232379  -0.47193626  -0.55831022  -41.58022    -0.39224800  -0.40812698  0.82436265   -124.98693   -0.61690813  0.78147837   0.09335876   -66.47128    
53  'point symmetry operation' ?     ?     0.01755478   -0.98109426  0.19273373   -33.63911    0.47642703   0.17768052   0.86107332   -71.94283    -0.87903898  0.07670741   0.47053869   -107.67950   
54  'point symmetry operation' ?     ?     0.93687622   -0.29704802  0.18446099   29.68932     0.26462229   0.94716457   0.18125860   -52.03758    -0.22855727  -0.12100459  0.96598121   -94.71270    
55  'point symmetry operation' ?     ?     0.64152892   0.51311301   -0.57022359  52.58529     -0.69725418  0.69995502   -0.15459287  -100.38149   0.31980700   0.49676693   0.80681206   -53.31836    
56  'point symmetry operation' ?     ?     -0.40775483  0.18556439   -0.89403686  2.30223      -0.90870674  -0.17830917  0.37743602   -145.61851   -0.08937627  0.96631866   0.24133000   -53.58997    
57  'point symmetry operation' ?     ?     -0.57412723  -0.76872881  -0.28184094  -39.74947    -0.03987651  -0.31756504  0.94739782   -121.23918   -0.81779470  0.55516553   0.15166827   -100.62352   
58  'point symmetry operation' ?     ?     0.40194745   -0.86110044  0.31135869   -5.00017     0.55388989   0.49942221   0.66617070   -69.33330    -0.72913934  -0.09530716  0.67769635   -126.56791   
59  'point symmetry operation' ?     ?     0.99782486   0.05254663   -0.03981016  55.31279     -0.05366397  0.99817938   -0.02754052  -74.93109    0.03829067   0.02961678   0.99882777   -96.47050    
60  'point symmetry operation' ?     ?     0.28395601   0.54695232   -0.78753503  50.07357     -0.91477328  0.40066183   -0.05156884  -133.35916   0.28732928   0.73505963   0.61410817   -62.80185    
61  'point symmetry operation' ?     ?     0.94249927   0.25373003   -0.21752172  -49.24170    -0.28326729  0.95187114   -0.11704941  65.56109     0.17735353   0.17193601   0.96901159   119.58043    
62  'point symmetry operation' ?     ?     0.03249627   0.48236679   -0.87536596  -72.32393    -0.97935881  0.19018674   0.06844503   6.81201      0.19949836   0.85507350   0.47859099   143.88290    
63  'point symmetry operation' ?     ?     -0.68137258  -0.37874252  -0.62632735  -131.16318   -0.48495313  -0.40733081  0.77388788   -0.92986     -0.54822651  0.83104518   0.09387139   111.43511    
64  'point symmetry operation' ?     ?     -0.08549518  -0.98629639  0.14110267   -131.00177   0.42869395   0.09142636   0.89881181   50.35357     -0.89939537  0.13733396   0.41500281   67.33493     
65  'point symmetry operation' ?     ?     0.89057950   -0.39252998  0.22975802   -69.12109    0.33632232   0.90841361   0.24833912   76.60313     -0.30619573  -0.14389316  0.94103089   74.85741     
66  'point symmetry operation' ?     ?     0.72420710   0.47630025   -0.49866041  -39.08255    -0.61797089  0.76915774   -0.16281400  32.81144     0.30600019   0.42606864   0.85136915   116.74809    
67  'point symmetry operation' ?     ?     -0.32507664  0.26484769   -0.90784368  -84.77490    -0.94551951  -0.10910645  0.30673772   -16.76675    -0.01781308  0.95809752   0.28588710   122.13921    
68  'point symmetry operation' ?     ?     -0.62042395  -0.69702878  -0.35947940  -131.94912   -0.13535847  -0.35631600  0.92450925   1.15004      -0.77249767  0.62224605   0.12671795   77.10114     
69  'point symmetry operation' ?     ?     0.29889749   -0.90883352  0.29100231   -104.04458   0.54868777   0.41316805   0.72679725   54.55337     -0.78077041  -0.05756867  0.62216046   46.37209     
70  'point symmetry operation' ?     ?     0.99877606   -0.04015849  0.02887145   -41.62097    0.03952977   0.99897555   0.02202629   56.07693     -0.02972646  -0.02085799  0.99934039   72.36874     
71  'point symmetry operation' ?     ?     0.38742432   0.55389247   -0.73695686  -39.08664    -0.86856332  0.48726616   -0.09038450  -0.71473     0.30903082   0.67511090   0.66986951   109.01742    
72  'point symmetry operation' ?     ?     -0.58146918  -0.05338101  -0.81181539  -97.42465    -0.75899577  -0.32371035  0.56492227   -31.28741    -0.29294911  0.94464925   0.14771153   93.62776     
73  'point symmetry operation' ?     ?     -0.39646243  -0.91465184  -0.07892760  -122.65920   0.19731022   -0.16885729  0.96568934   7.99251      -0.89659702  0.36728632   0.24741572   44.68739     
74  'point symmetry operation' ?     ?     0.65383986   -0.68636583  0.31842550   -72.45477    0.50854860   0.71025944   0.48673335   51.79082     -0.56024206  -0.15631054  0.81344670   33.02199     
75  'point symmetry operation' ?     ?     0.93100148   0.27535824   -0.23961333  -22.15831    -0.31080174  0.94224734   -0.12479033  27.72469     0.19141314   0.19065200   0.96281518   71.30952     
76  'point symmetry operation' ?     ?     0.00265875   0.47026241   -0.88252220  -47.26013    -0.98258151  0.16521235   0.08507538   -30.72232    0.18581106   0.86692417   0.46251090   94.30302     
77  'point symmetry operation' ?     ?     -0.68300394  -0.40569717  -0.60738445  -105.63182   -0.45883648  -0.40869627  0.78894665   -36.43362    -0.56830903  0.81754360   0.09299221   60.61369     
78  'point symmetry operation' ?     ?     -0.05637485  -0.98605264  0.15659455   -103.24514   0.44340887   0.11580046   0.88880743   15.44131     -0.89454471  0.11954190   0.43069639   17.27609     
79  'point symmetry operation' ?     ?     0.90502434   -0.36546856  0.21763219   -40.85266    0.31668100   0.92050413   0.22887850   39.92052     -0.28397920  -0.13822067  0.94881553   26.37580     
80  'point symmetry operation' ?     ?     0.70144301   0.48796478   -0.51948830  -12.81424    -0.64132898  0.75010390   -0.16137313  -5.24155     0.31092581   0.44635695   0.83910108   68.19782     
81  'point symmetry operation' ?     ?     -0.34953859  0.24291914   -0.90488296  -59.89849    -0.93615669  -0.12958142  0.32683238   -53.65246    -0.03786214  0.96135271   0.27270401   71.98153     
82  'point symmetry operation' ?     ?     -0.60842446  -0.71834186  -0.33734953  -105.68500   -0.10788144  -0.34627227  0.93191049   -33.85149    -0.78624508  0.60339086   0.13318473   26.30474     
83  'point symmetry operation' ?     ?     0.32863905   -0.89628368  0.29777935   -75.77793    0.55141572   0.43806212   0.70995971   19.21349     -0.76677094  -0.06912055  0.63818884   -3.09783     
84  'point symmetry operation' ?     ?     0.99986363   -0.01332207  0.00972285   -13.86090    0.01325202   0.99988586   0.00721551   18.70416     -0.00981812  -0.00708535  0.99992651   24.12107     
85  'point symmetry operation' ?     ?     0.35816090   0.55315147   -0.75216011  -13.55199    -0.88285450  0.46277229   -0.08006400  -38.64384    0.30379155   0.69272344   0.65409881   59.98123     
86  'point symmetry operation' ?     ?     -0.59543336  -0.08054294  -0.79935698  -72.36277    -0.73900703  -0.33539856  0.58427402   -67.42838    -0.31516245  0.93862684   0.14018592   43.02226     
87  'point symmetry operation' ?     ?     -0.37334396  -0.92586316  -0.05824225  -95.57988    0.22039716   -0.14950682  0.96388443   -26.80538    -0.90113253  0.34702378   0.25987478   -5.82005     
88  'point symmetry operation' ?     ?     0.67797773   -0.66413689  0.31506950   -44.01508    0.49871892   0.73046315   0.46658692   15.79581     -0.54002411  -0.15920460  0.82645512   -15.87307    
89  'point symmetry operation' ?     ?     0.91850451   0.29635063   -0.26177512  4.86265      -0.33821363  0.93178721   -0.13185031  -10.14024    0.20484493   0.20964081   0.95608029   23.02599     
90  'point symmetry operation' ?     ?     -0.02697758  0.45727097   -0.88891790  -22.22390    -0.98481381  0.14040635   0.10211489   -68.21291    0.17150375   0.87817364   0.44653923   44.67615     
91  'point symmetry operation' ?     ?     -0.68354773  -0.43240649  -0.58803668  -80.05016    -0.43240649  -0.40915143  0.80350466   -71.88960    -0.58803668  0.80350466   0.09269916   9.78421      
92  'point symmetry operation' ?     ?     -0.02697758  -0.98481381  0.17150375   -75.43874    0.45727097   0.14040635   0.87817364   -19.49361    -0.88891790  0.10211489   0.44653923   -32.73930    
93  'point symmetry operation' ?     ?     0.91850451   -0.33821363  0.20484493   -12.61279    0.29635063   0.93178721   0.20964081   3.18025      -0.26177512  -0.13185031  0.95608029   -22.07878    
94  'point symmetry operation' ?     ?     0.67797773   0.49871892   -0.54002411  13.39167     -0.66413689  0.73046315   -0.15920460  -43.29735    0.31506950   0.46658692   0.82645512   19.61603     
95  'point symmetry operation' ?     ?     -0.37334396  0.22039716   -0.90113253  -35.02105    -0.92586316  -0.14950682  0.34702378   -90.48166    -0.05824225  0.96388443   0.25987478   21.78286     
96  'point symmetry operation' ?     ?     -0.59543336  -0.73900703  -0.31516245  -79.35828    -0.08054294  -0.33539856  0.93862684   -68.82568    -0.79935698  0.58427402   0.14018592   -24.47806    
97  'point symmetry operation' ?     ?     0.35816090   -0.88285450  0.30379155   -47.48487    0.55315147   0.46277229   0.69272344   -16.17079    -0.75216011  -0.08006400  0.65409881   -52.52090    
98  'point symmetry operation' ?     ?     0.99986363   0.01325202   -0.00981812  13.84808     -0.01332207  0.99988586   -0.00708535  -18.71575    0.00972285   0.00721551   0.99992651   -24.11944    
99  'point symmetry operation' ?     ?     0.32863905   0.55141572   -0.76677094  11.93370     -0.89628368  0.43806212   -0.06912055  -76.54933    0.29777935   0.70995971   0.63818884   10.90132     
100 'point symmetry operation' ?     ?     -0.60842446  -0.10788144  -0.78624508  -47.27124    -0.71834186  -0.34627227  0.60339086   -103.51197   -0.33734953  0.93191049   0.13318473   -7.60948     
101 'point symmetry operation' ?     ?     -0.34953859  -0.93615669  -0.03786214  -68.43857    0.24291914   -0.12958142  0.96135271   -61.60152    -0.90488296  0.32683238   0.27270401   -56.29541    
102 'point symmetry operation' ?     ?     0.70144301   -0.64132898  0.31092581   -15.57750    0.48796478   0.75010390   0.44635695   -20.25592    -0.51948830  -0.16137313  0.83910108   -64.72756    
103 'point symmetry operation' ?     ?     0.90502434   0.31668100   -0.28397920  31.82075     -0.36546856  0.92050413   -0.13822067  -48.03168    0.21763219   0.22887850   0.94881553   -25.27187    
104 'point symmetry operation' ?     ?     -0.05637485  0.44340887   -0.89454471  2.78690      -0.98605264  0.11580046   0.11954190   -105.65844   0.15659455   0.88880743   0.43069639   -4.99755     
105 'point symmetry operation' ?     ?     -0.68300394  -0.45883648  -0.56830903  -54.41670    -0.40569717  -0.40869627  0.81754360   -107.29911   -0.60738445  0.78894665   0.09299221   -41.05157    
106 'point symmetry operation' ?     ?     0.00265875   -0.98258151  0.18581106   -47.58405    0.47026241   0.16521235   0.86692417   -54.45314    -0.88252220  0.08507538   0.46251090   -82.71061    
107 'point symmetry operation' ?     ?     0.93100148   -0.31080174  0.19141314   15.59665     0.27535824   0.94224734   0.19065200   -33.61738    -0.23961333  -0.12479033  0.96281518   -70.50755    
108 'point symmetry operation' ?     ?     0.65383986   0.50854860   -0.56024206  39.53605     -0.68636583  0.71025944   -0.15631054  -81.35374    0.31842550   0.48673335   0.81344670   -28.99844    
109 'point symmetry operation' ?     ?     -0.39646243  0.19731022   -0.89659702  -10.14020    -0.91465184  -0.16885729  0.36728632   -127.25392   -0.07892760  0.96568934   0.24741572   -28.45586    
110 'point symmetry operation' ?     ?     -0.58146918  -0.75899577  -0.29294911  -52.96825    -0.05338101  -0.32371035  0.94464925   -103.77401   -0.81181539  0.56492227   0.14771153   -75.24582    
111 'point symmetry operation' ?     ?     0.38742432   -0.86856332  0.30903082   -19.16737    0.55389247   0.48726616   0.67511090   -51.60073    -0.73695686  -0.09038450  0.66986951   -101.89723   
112 'point symmetry operation' ?     ?     0.99877606   0.03952977   -0.02972646  41.50461     -0.04015849  0.99897555   -0.02085799  -56.18145    0.02887145   0.02202629   0.99934039   -72.35451    
113 'point symmetry operation' ?     ?     0.29889749   0.54868777   -0.78077041  37.37182     -0.90883352  0.41316805   -0.05756867  -114.42929   0.29100231   0.72679725   0.62216046   -38.22296    
114 'point symmetry operation' ?     ?     -0.62042395  -0.13535847  -0.77249767  -22.14830    -0.69702878  -0.35631600  0.62224605   -139.53830   -0.35947940  0.92450925   0.12671795   -58.26642    
115 'point symmetry operation' ?     ?     -0.32507664  -0.94551951  -0.01781308  -41.23596    0.26484769   -0.10910645  0.95809752   -96.39814    -0.90784368  0.30673772   0.28588710   -106.73743   
116 'point symmetry operation' ?     ?     0.72420710   -0.61797089  0.30600019   12.85541     0.47630025   0.76915774   0.42606864   -56.36487    -0.49866041  -0.16281400  0.85136915   -113.54248   
117 'point symmetry operation' ?     ?     0.89057950   0.33632232   -0.30619573  58.71542     -0.39252998  0.90841361   -0.14389316  -85.94795    0.22975802   0.24833912   0.94103089   -73.58560    
118 'point symmetry operation' ?     ?     -0.08549518  0.42869395   -0.89939537  27.77443     -0.98629639  0.09142636   0.13733396   -143.05759   0.14110267   0.89881181   0.41500281   -54.71787    
119 'point symmetry operation' ?     ?     -0.68137258  -0.48495313  -0.54822651  -28.73022    -0.37874252  -0.40733081  0.83104518   -142.66354   -0.62632735  0.77388788   0.09387139   -91.89195    
120 'point symmetry operation' ?     ?     0.03249627   -0.97935881  0.19949836   -19.68268    0.48236679   0.19018674   0.85507350   -89.43923    -0.87536596  0.06844503   0.47859099   -132.63727    
# 
loop_
_struct_conf.conf_type_id 
_struct_conf.id 
_struct_conf.pdbx_PDB_helix_id 
_struct_conf.beg_label_comp_id 
_struct_conf.beg_label_asym_id 
_struct_conf.beg_label_seq_id 
_struct_conf.pdbx_beg_PDB_ins_code 
_struct_conf.end_label_comp_id 
_struct_conf.end_label_asym_id 
_struct_conf.end_label_seq_id 
_struct_conf.pdbx_end_PDB_ins_code 
_struct_conf.beg_auth_comp_id 
_struct_conf.beg_auth_asym_id 
_struct_conf.beg_auth_seq_id 
_struct_conf.end_auth_comp_id 
_struct_conf.end_auth_asym_id 
_struct_conf.end_auth_seq_id 
_struct_conf.pdbx_PDB_helix_class 
_struct_conf.details 
_struct_conf.pdbx_PDB_helix_length 
HELX_P HELX_P1 AA1 GLY A 42 ? PHE A 55 ? GLY A 42 PHE A 55 1 ? 14 
HELX_P HELX_P2 AA2 GLU A 82 ? MET A 87 ? GLU A 82 MET A 87 1 ? 6  
HELX_P HELX_P3 AA3 SER A 88 ? VAL A 90 ? SER A 88 VAL A 90 5 ? 3  
# 
_struct_conf_type.id          HELX_P 
_struct_conf_type.criteria    ? 
_struct_conf_type.reference   ? 
# 
loop_
_struct_sheet.id 
_struct_sheet.type 
_struct_sheet.number_strands 
_struct_sheet.details 
AA1 ? 3 ? 
AA2 ? 5 ? 
# 
loop_
_struct_sheet_order.sheet_id 
_struct_sheet_order.range_id_1 
_struct_sheet_order.range_id_2 
_struct_sheet_order.offset 
_struct_sheet_order.sense 
AA1 1 2 ? anti-parallel 
AA1 2 3 ? anti-parallel 
AA2 1 2 ? anti-parallel 
AA2 2 3 ? parallel      
AA2 3 4 ? anti-parallel 
AA2 4 5 ? anti-parallel 
# 
loop_
_struct_sheet_range.sheet_id 
_struct_sheet_range.id 
_struct_sheet_range.beg_label_comp_id 
_struct_sheet_range.beg_label_asym_id 
_struct_sheet_range.beg_label_seq_id 
_struct_sheet_range.pdbx_beg_PDB_ins_code 
_struct_sheet_range.end_label_comp_id 
_struct_sheet_range.end_label_asym_id 
_struct_sheet_range.end_label_seq_id 
_struct_sheet_range.pdbx_end_PDB_ins_code 
_struct_sheet_range.beg_auth_comp_id 
_struct_sheet_range.beg_auth_asym_id 
_struct_sheet_range.beg_auth_seq_id 
_struct_sheet_range.end_auth_comp_id 
_struct_sheet_range.end_auth_asym_id 
_struct_sheet_range.end_auth_seq_id 
AA1 1 ALA A 17 ? ILE A 20  ? ALA A 17 ILE A 20  
AA1 2 LEU A 4  ? LEU A 11  ? LEU A 4  LEU A 11  
AA1 3 PHE A 23 ? PHE A 25  ? PHE A 23 PHE A 25  
AA2 1 ALA A 17 ? ILE A 20  ? ALA A 17 ILE A 20  
AA2 2 LEU A 4  ? LEU A 11  ? LEU A 4  LEU A 11  
AA2 3 ILE A 94 ? GLU A 101 ? ILE A 94 GLU A 101 
AA2 4 PHE A 63 ? ARG A 68  ? PHE A 63 ARG A 68  
AA2 5 LEU A 74 ? ALA A 76  ? LEU A 74 ALA A 76  
# 
loop_
_pdbx_struct_sheet_hbond.sheet_id 
_pdbx_struct_sheet_hbond.range_id_1 
_pdbx_struct_sheet_hbond.range_id_2 
_pdbx_struct_sheet_hbond.range_1_label_atom_id 
_pdbx_struct_sheet_hbond.range_1_label_comp_id 
_pdbx_struct_sheet_hbond.range_1_label_asym_id 
_pdbx_struct_sheet_hbond.range_1_label_seq_id 
_pdbx_struct_sheet_hbond.range_1_PDB_ins_code 
_pdbx_struct_sheet_hbond.range_1_auth_atom_id 
_pdbx_struct_sheet_hbond.range_1_auth_comp_id 
_pdbx_struct_sheet_hbond.range_1_auth_asym_id 
_pdbx_struct_sheet_hbond.range_1_auth_seq_id 
_pdbx_struct_sheet_hbond.range_2_label_atom_id 
_pdbx_struct_sheet_hbond.range_2_label_comp_id 
_pdbx_struct_sheet_hbond.range_2_label_asym_id 
_pdbx_struct_sheet_hbond.range_2_label_seq_id 
_pdbx_struct_sheet_hbond.range_2_PDB_ins_code 
_pdbx_struct_sheet_hbond.range_2_auth_atom_id 
_pdbx_struct_sheet_hbond.range_2_auth_comp_id 
_pdbx_struct_sheet_hbond.range_2_auth_asym_id 
_pdbx_struct_sheet_hbond.range_2_auth_seq_id 
AA1 1 2 O ARG A 18  ? O ARG A 18  N LEU A 10 ? N LEU A 10 
AA1 2 3 N LEU A 4   ? N LEU A 4   O PHE A 25 ? O PHE A 25 
AA2 1 2 O ARG A 18  ? O ARG A 18  N LEU A 10 ? N LEU A 10 
AA2 2 3 N TYR A 9   ? N TYR A 9   O ILE A 99 ? O ILE A 99 
AA2 3 4 O LYS A 100 ? O LYS A 100 N GLN A 64 ? N GLN A 64 
AA2 4 5 N TYR A 67  ? N TYR A 67  O VAL A 75 ? O VAL A 75 
# 
loop_
_pdbx_validate_torsion.id 
_pdbx_validate_torsion.PDB_model_num 
_pdbx_validate_torsion.auth_comp_id 
_pdbx_validate_torsion.auth_asym_id 
_pdbx_validate_torsion.auth_seq_id 
_pdbx_validate_torsion.PDB_ins_code 
_pdbx_validate_torsion.label_alt_id 
_pdbx_validate_torsion.phi 
_pdbx_validate_torsion.psi 
1 1 ARG A 22 ? ? 57.12   75.29   
2 1 PRO A 31 ? ? -72.97  -169.83 
3 1 ALA A 39 ? ? -154.74 86.81   
4 1 LYS A 91 ? ? -92.83  -65.41  
5 1 ASP A 92 ? ? -105.36 -67.29  
6 1 ASP A 93 ? ? -145.67 16.95   
# 
_em_3d_fitting.entry_id          6TGY 
_em_3d_fitting.id                1 
_em_3d_fitting.details           ? 
_em_3d_fitting.overall_b_value   ? 
_em_3d_fitting.ref_protocol      'FLEXIBLE FIT' 
_em_3d_fitting.ref_space         REAL 
_em_3d_fitting.target_criteria   'Correlation coefficient' 
_em_3d_fitting.method            ? 
# 
_em_3d_fitting_list.3d_fitting_id                 1 
_em_3d_fitting_list.id                            1 
_em_3d_fitting_list.details                       ? 
_em_3d_fitting_list.pdb_chain_id                  ? 
_em_3d_fitting_list.pdb_chain_residue_range       ? 
_em_3d_fitting_list.pdb_entry_id                  2KKC 
_em_3d_fitting_list.initial_refinement_model_id   1 
_em_3d_fitting_list.chain_id                      ? 
_em_3d_fitting_list.chain_residue_range           ? 
_em_3d_fitting_list.source_name                   PDB 
_em_3d_fitting_list.type                          'experimental model' 
_em_3d_fitting_list.accession_code                2KKC 
# 
_em_3d_reconstruction.entry_id                    6TGY 
_em_3d_reconstruction.id                          1 
_em_3d_reconstruction.algorithm                   ? 
_em_3d_reconstruction.details                     ? 
_em_3d_reconstruction.refinement_type             ? 
_em_3d_reconstruction.image_processing_id         1 
_em_3d_reconstruction.num_class_averages          ? 
_em_3d_reconstruction.num_particles               51853 
_em_3d_reconstruction.resolution                  3.5 
_em_3d_reconstruction.resolution_method           'FSC 0.143 CUT-OFF' 
_em_3d_reconstruction.symmetry_type               HELICAL 
_em_3d_reconstruction.method                      ? 
_em_3d_reconstruction.nominal_pixel_size          ? 
_em_3d_reconstruction.actual_pixel_size           ? 
_em_3d_reconstruction.magnification_calibration   ? 
# 
_em_buffer.id            1 
_em_buffer.details       '50 mM TRIS (pH 7.5), 100 mM NaCl, 4 mM DTT' 
_em_buffer.pH            7.5 
_em_buffer.specimen_id   1 
_em_buffer.name          ? 
# 
_em_entity_assembly.id                   1 
_em_entity_assembly.parent_id            0 
_em_entity_assembly.details              ? 
_em_entity_assembly.name                 'p62-PB1 domain filament (L-type)' 
_em_entity_assembly.source               RECOMBINANT 
_em_entity_assembly.type                 COMPLEX 
_em_entity_assembly.entity_id_list       1 
_em_entity_assembly.synonym              ? 
_em_entity_assembly.oligomeric_details   ? 
# 
_em_image_scans.entry_id                6TGY 
_em_image_scans.id                      1 
_em_image_scans.dimension_height        ? 
_em_image_scans.dimension_width         ? 
_em_image_scans.frames_per_image        40 
_em_image_scans.image_recording_id      1 
_em_image_scans.sampling_size           ? 
_em_image_scans.scanner_model           ? 
_em_image_scans.used_frames_per_image   ? 
_em_image_scans.citation_id             ? 
_em_image_scans.number_digital_images   ? 
_em_image_scans.od_range                ? 
_em_image_scans.quant_bit_size          ? 
_em_image_scans.details                 ? 
# 
_em_imaging.id                              1 
_em_imaging.entry_id                        6TGY 
_em_imaging.accelerating_voltage            300 
_em_imaging.alignment_procedure             ? 
_em_imaging.c2_aperture_diameter            ? 
_em_imaging.calibrated_defocus_max          ? 
_em_imaging.calibrated_defocus_min          ? 
_em_imaging.calibrated_magnification        ? 
_em_imaging.cryogen                         NITROGEN 
_em_imaging.details                         ? 
_em_imaging.electron_source                 'FIELD EMISSION GUN' 
_em_imaging.illumination_mode               'FLOOD BEAM' 
_em_imaging.microscope_model                'FEI TITAN KRIOS' 
_em_imaging.mode                            'BRIGHT FIELD' 
_em_imaging.nominal_cs                      ? 
_em_imaging.nominal_defocus_max             2500 
_em_imaging.nominal_defocus_min             500 
_em_imaging.nominal_magnification           ? 
_em_imaging.recording_temperature_maximum   ? 
_em_imaging.recording_temperature_minimum   ? 
_em_imaging.residual_tilt                   ? 
_em_imaging.specimen_holder_model           'FEI TITAN KRIOS AUTOGRID HOLDER' 
_em_imaging.specimen_id                     1 
_em_imaging.citation_id                     ? 
_em_imaging.date                            ? 
_em_imaging.temperature                     ? 
_em_imaging.tilt_angle_min                  ? 
_em_imaging.tilt_angle_max                  ? 
_em_imaging.astigmatism                     ? 
_em_imaging.detector_distance               ? 
_em_imaging.electron_beam_tilt_params       ? 
_em_imaging.specimen_holder_type            ? 
# 
_em_sample_support.id               1 
_em_sample_support.specimen_id      1 
_em_sample_support.details          ? 
_em_sample_support.grid_material    COPPER 
_em_sample_support.grid_mesh_size   400 
_em_sample_support.grid_type        'Quantifoil R2/1' 
_em_sample_support.method           ? 
_em_sample_support.film_material    ? 
# 
_em_vitrification.id                    1 
_em_vitrification.specimen_id           1 
_em_vitrification.chamber_temperature   283 
_em_vitrification.cryogen_name          ETHANE 
_em_vitrification.details               ? 
_em_vitrification.humidity              100 
_em_vitrification.instrument            'FEI VITROBOT MARK IV' 
_em_vitrification.entry_id              6TGY 
_em_vitrification.citation_id           ? 
_em_vitrification.method                ? 
_em_vitrification.temp                  ? 
_em_vitrification.time_resolved_state   ? 
# 
_em_experiment.entry_id                6TGY 
_em_experiment.id                      1 
_em_experiment.aggregation_state       FILAMENT 
_em_experiment.reconstruction_method   HELICAL 
_em_experiment.entity_assembly_id      1 
# 
loop_
_pdbx_unobs_or_zero_occ_residues.id 
_pdbx_unobs_or_zero_occ_residues.PDB_model_num 
_pdbx_unobs_or_zero_occ_residues.polymer_flag 
_pdbx_unobs_or_zero_occ_residues.occupancy_flag 
_pdbx_unobs_or_zero_occ_residues.auth_asym_id 
_pdbx_unobs_or_zero_occ_residues.auth_comp_id 
_pdbx_unobs_or_zero_occ_residues.auth_seq_id 
_pdbx_unobs_or_zero_occ_residues.PDB_ins_code 
_pdbx_unobs_or_zero_occ_residues.label_asym_id 
_pdbx_unobs_or_zero_occ_residues.label_comp_id 
_pdbx_unobs_or_zero_occ_residues.label_seq_id 
1  1 Y 1 A MET 1   ? A MET 1   
2  1 Y 1 A ARG 106 ? A ARG 106 
3  1 Y 1 A ARG 107 ? A ARG 107 
4  1 Y 1 A ASP 108 ? A ASP 108 
5  1 Y 1 A HIS 109 ? A HIS 109 
6  1 Y 1 A ARG 110 ? A ARG 110 
7  1 Y 1 A PRO 111 ? A PRO 111 
8  1 Y 1 A PRO 112 ? A PRO 112 
9  1 Y 1 A CYS 113 ? A CYS 113 
10 1 Y 1 A ALA 114 ? A ALA 114 
11 1 Y 1 A GLN 115 ? A GLN 115 
12 1 Y 1 A GLU 116 ? A GLU 116 
13 1 Y 1 A ALA 117 ? A ALA 117 
14 1 Y 1 A PRO 118 ? A PRO 118 
15 1 Y 1 A ARG 119 ? A ARG 119 
16 1 Y 1 A ASN 120 ? A ASN 120 
17 1 Y 1 A MET 121 ? A MET 121 
18 1 Y 1 A VAL 122 ? A VAL 122 
# 
loop_
_chem_comp_atom.comp_id 
_chem_comp_atom.atom_id 
_chem_comp_atom.type_symbol 
_chem_comp_atom.pdbx_aromatic_flag 
_chem_comp_atom.pdbx_stereo_config 
_chem_comp_atom.pdbx_ordinal 
ALA N    N N N 1   
ALA CA   C N S 2   
ALA C    C N N 3   
ALA O    O N N 4   
ALA CB   C N N 5   
ALA OXT  O N N 6   
ALA H    H N N 7   
ALA H2   H N N 8   
ALA HA   H N N 9   
ALA HB1  H N N 10  
ALA HB2  H N N 11  
ALA HB3  H N N 12  
ALA HXT  H N N 13  
ARG N    N N N 14  
ARG CA   C N S 15  
ARG C    C N N 16  
ARG O    O N N 17  
ARG CB   C N N 18  
ARG CG   C N N 19  
ARG CD   C N N 20  
ARG NE   N N N 21  
ARG CZ   C N N 22  
ARG NH1  N N N 23  
ARG NH2  N N N 24  
ARG OXT  O N N 25  
ARG H    H N N 26  
ARG H2   H N N 27  
ARG HA   H N N 28  
ARG HB2  H N N 29  
ARG HB3  H N N 30  
ARG HG2  H N N 31  
ARG HG3  H N N 32  
ARG HD2  H N N 33  
ARG HD3  H N N 34  
ARG HE   H N N 35  
ARG HH11 H N N 36  
ARG HH12 H N N 37  
ARG HH21 H N N 38  
ARG HH22 H N N 39  
ARG HXT  H N N 40  
ASN N    N N N 41  
ASN CA   C N S 42  
ASN C    C N N 43  
ASN O    O N N 44  
ASN CB   C N N 45  
ASN CG   C N N 46  
ASN OD1  O N N 47  
ASN ND2  N N N 48  
ASN OXT  O N N 49  
ASN H    H N N 50  
ASN H2   H N N 51  
ASN HA   H N N 52  
ASN HB2  H N N 53  
ASN HB3  H N N 54  
ASN HD21 H N N 55  
ASN HD22 H N N 56  
ASN HXT  H N N 57  
ASP N    N N N 58  
ASP CA   C N S 59  
ASP C    C N N 60  
ASP O    O N N 61  
ASP CB   C N N 62  
ASP CG   C N N 63  
ASP OD1  O N N 64  
ASP OD2  O N N 65  
ASP OXT  O N N 66  
ASP H    H N N 67  
ASP H2   H N N 68  
ASP HA   H N N 69  
ASP HB2  H N N 70  
ASP HB3  H N N 71  
ASP HD2  H N N 72  
ASP HXT  H N N 73  
CYS N    N N N 74  
CYS CA   C N R 75  
CYS C    C N N 76  
CYS O    O N N 77  
CYS CB   C N N 78  
CYS SG   S N N 79  
CYS OXT  O N N 80  
CYS H    H N N 81  
CYS H2   H N N 82  
CYS HA   H N N 83  
CYS HB2  H N N 84  
CYS HB3  H N N 85  
CYS HG   H N N 86  
CYS HXT  H N N 87  
GLN N    N N N 88  
GLN CA   C N S 89  
GLN C    C N N 90  
GLN O    O N N 91  
GLN CB   C N N 92  
GLN CG   C N N 93  
GLN CD   C N N 94  
GLN OE1  O N N 95  
GLN NE2  N N N 96  
GLN OXT  O N N 97  
GLN H    H N N 98  
GLN H2   H N N 99  
GLN HA   H N N 100 
GLN HB2  H N N 101 
GLN HB3  H N N 102 
GLN HG2  H N N 103 
GLN HG3  H N N 104 
GLN HE21 H N N 105 
GLN HE22 H N N 106 
GLN HXT  H N N 107 
GLU N    N N N 108 
GLU CA   C N S 109 
GLU C    C N N 110 
GLU O    O N N 111 
GLU CB   C N N 112 
GLU CG   C N N 113 
GLU CD   C N N 114 
GLU OE1  O N N 115 
GLU OE2  O N N 116 
GLU OXT  O N N 117 
GLU H    H N N 118 
GLU H2   H N N 119 
GLU HA   H N N 120 
GLU HB2  H N N 121 
GLU HB3  H N N 122 
GLU HG2  H N N 123 
GLU HG3  H N N 124 
GLU HE2  H N N 125 
GLU HXT  H N N 126 
GLY N    N N N 127 
GLY CA   C N N 128 
GLY C    C N N 129 
GLY O    O N N 130 
GLY OXT  O N N 131 
GLY H    H N N 132 
GLY H2   H N N 133 
GLY HA2  H N N 134 
GLY HA3  H N N 135 
GLY HXT  H N N 136 
HIS N    N N N 137 
HIS CA   C N S 138 
HIS C    C N N 139 
HIS O    O N N 140 
HIS CB   C N N 141 
HIS CG   C Y N 142 
HIS ND1  N Y N 143 
HIS CD2  C Y N 144 
HIS CE1  C Y N 145 
HIS NE2  N Y N 146 
HIS OXT  O N N 147 
HIS H    H N N 148 
HIS H2   H N N 149 
HIS HA   H N N 150 
HIS HB2  H N N 151 
HIS HB3  H N N 152 
HIS HD1  H N N 153 
HIS HD2  H N N 154 
HIS HE1  H N N 155 
HIS HE2  H N N 156 
HIS HXT  H N N 157 
ILE N    N N N 158 
ILE CA   C N S 159 
ILE C    C N N 160 
ILE O    O N N 161 
ILE CB   C N S 162 
ILE CG1  C N N 163 
ILE CG2  C N N 164 
ILE CD1  C N N 165 
ILE OXT  O N N 166 
ILE H    H N N 167 
ILE H2   H N N 168 
ILE HA   H N N 169 
ILE HB   H N N 170 
ILE HG12 H N N 171 
ILE HG13 H N N 172 
ILE HG21 H N N 173 
ILE HG22 H N N 174 
ILE HG23 H N N 175 
ILE HD11 H N N 176 
ILE HD12 H N N 177 
ILE HD13 H N N 178 
ILE HXT  H N N 179 
LEU N    N N N 180 
LEU CA   C N S 181 
LEU C    C N N 182 
LEU O    O N N 183 
LEU CB   C N N 184 
LEU CG   C N N 185 
LEU CD1  C N N 186 
LEU CD2  C N N 187 
LEU OXT  O N N 188 
LEU H    H N N 189 
LEU H2   H N N 190 
LEU HA   H N N 191 
LEU HB2  H N N 192 
LEU HB3  H N N 193 
LEU HG   H N N 194 
LEU HD11 H N N 195 
LEU HD12 H N N 196 
LEU HD13 H N N 197 
LEU HD21 H N N 198 
LEU HD22 H N N 199 
LEU HD23 H N N 200 
LEU HXT  H N N 201 
LYS N    N N N 202 
LYS CA   C N S 203 
LYS C    C N N 204 
LYS O    O N N 205 
LYS CB   C N N 206 
LYS CG   C N N 207 
LYS CD   C N N 208 
LYS CE   C N N 209 
LYS NZ   N N N 210 
LYS OXT  O N N 211 
LYS H    H N N 212 
LYS H2   H N N 213 
LYS HA   H N N 214 
LYS HB2  H N N 215 
LYS HB3  H N N 216 
LYS HG2  H N N 217 
LYS HG3  H N N 218 
LYS HD2  H N N 219 
LYS HD3  H N N 220 
LYS HE2  H N N 221 
LYS HE3  H N N 222 
LYS HZ1  H N N 223 
LYS HZ2  H N N 224 
LYS HZ3  H N N 225 
LYS HXT  H N N 226 
MET N    N N N 227 
MET CA   C N S 228 
MET C    C N N 229 
MET O    O N N 230 
MET CB   C N N 231 
MET CG   C N N 232 
MET SD   S N N 233 
MET CE   C N N 234 
MET OXT  O N N 235 
MET H    H N N 236 
MET H2   H N N 237 
MET HA   H N N 238 
MET HB2  H N N 239 
MET HB3  H N N 240 
MET HG2  H N N 241 
MET HG3  H N N 242 
MET HE1  H N N 243 
MET HE2  H N N 244 
MET HE3  H N N 245 
MET HXT  H N N 246 
PHE N    N N N 247 
PHE CA   C N S 248 
PHE C    C N N 249 
PHE O    O N N 250 
PHE CB   C N N 251 
PHE CG   C Y N 252 
PHE CD1  C Y N 253 
PHE CD2  C Y N 254 
PHE CE1  C Y N 255 
PHE CE2  C Y N 256 
PHE CZ   C Y N 257 
PHE OXT  O N N 258 
PHE H    H N N 259 
PHE H2   H N N 260 
PHE HA   H N N 261 
PHE HB2  H N N 262 
PHE HB3  H N N 263 
PHE HD1  H N N 264 
PHE HD2  H N N 265 
PHE HE1  H N N 266 
PHE HE2  H N N 267 
PHE HZ   H N N 268 
PHE HXT  H N N 269 
PRO N    N N N 270 
PRO CA   C N S 271 
PRO C    C N N 272 
PRO O    O N N 273 
PRO CB   C N N 274 
PRO CG   C N N 275 
PRO CD   C N N 276 
PRO OXT  O N N 277 
PRO H    H N N 278 
PRO HA   H N N 279 
PRO HB2  H N N 280 
PRO HB3  H N N 281 
PRO HG2  H N N 282 
PRO HG3  H N N 283 
PRO HD2  H N N 284 
PRO HD3  H N N 285 
PRO HXT  H N N 286 
SER N    N N N 287 
SER CA   C N S 288 
SER C    C N N 289 
SER O    O N N 290 
SER CB   C N N 291 
SER OG   O N N 292 
SER OXT  O N N 293 
SER H    H N N 294 
SER H2   H N N 295 
SER HA   H N N 296 
SER HB2  H N N 297 
SER HB3  H N N 298 
SER HG   H N N 299 
SER HXT  H N N 300 
THR N    N N N 301 
THR CA   C N S 302 
THR C    C N N 303 
THR O    O N N 304 
THR CB   C N R 305 
THR OG1  O N N 306 
THR CG2  C N N 307 
THR OXT  O N N 308 
THR H    H N N 309 
THR H2   H N N 310 
THR HA   H N N 311 
THR HB   H N N 312 
THR HG1  H N N 313 
THR HG21 H N N 314 
THR HG22 H N N 315 
THR HG23 H N N 316 
THR HXT  H N N 317 
TYR N    N N N 318 
TYR CA   C N S 319 
TYR C    C N N 320 
TYR O    O N N 321 
TYR CB   C N N 322 
TYR CG   C Y N 323 
TYR CD1  C Y N 324 
TYR CD2  C Y N 325 
TYR CE1  C Y N 326 
TYR CE2  C Y N 327 
TYR CZ   C Y N 328 
TYR OH   O N N 329 
TYR OXT  O N N 330 
TYR H    H N N 331 
TYR H2   H N N 332 
TYR HA   H N N 333 
TYR HB2  H N N 334 
TYR HB3  H N N 335 
TYR HD1  H N N 336 
TYR HD2  H N N 337 
TYR HE1  H N N 338 
TYR HE2  H N N 339 
TYR HH   H N N 340 
TYR HXT  H N N 341 
VAL N    N N N 342 
VAL CA   C N S 343 
VAL C    C N N 344 
VAL O    O N N 345 
VAL CB   C N N 346 
VAL CG1  C N N 347 
VAL CG2  C N N 348 
VAL OXT  O N N 349 
VAL H    H N N 350 
VAL H2   H N N 351 
VAL HA   H N N 352 
VAL HB   H N N 353 
VAL HG11 H N N 354 
VAL HG12 H N N 355 
VAL HG13 H N N 356 
VAL HG21 H N N 357 
VAL HG22 H N N 358 
VAL HG23 H N N 359 
VAL HXT  H N N 360 
# 
loop_
_chem_comp_bond.comp_id 
_chem_comp_bond.atom_id_1 
_chem_comp_bond.atom_id_2 
_chem_comp_bond.value_order 
_chem_comp_bond.pdbx_aromatic_flag 
_chem_comp_bond.pdbx_stereo_config 
_chem_comp_bond.pdbx_ordinal 
ALA N   CA   sing N N 1   
ALA N   H    sing N N 2   
ALA N   H2   sing N N 3   
ALA CA  C    sing N N 4   
ALA CA  CB   sing N N 5   
ALA CA  HA   sing N N 6   
ALA C   O    doub N N 7   
ALA C   OXT  sing N N 8   
ALA CB  HB1  sing N N 9   
ALA CB  HB2  sing N N 10  
ALA CB  HB3  sing N N 11  
ALA OXT HXT  sing N N 12  
ARG N   CA   sing N N 13  
ARG N   H    sing N N 14  
ARG N   H2   sing N N 15  
ARG CA  C    sing N N 16  
ARG CA  CB   sing N N 17  
ARG CA  HA   sing N N 18  
ARG C   O    doub N N 19  
ARG C   OXT  sing N N 20  
ARG CB  CG   sing N N 21  
ARG CB  HB2  sing N N 22  
ARG CB  HB3  sing N N 23  
ARG CG  CD   sing N N 24  
ARG CG  HG2  sing N N 25  
ARG CG  HG3  sing N N 26  
ARG CD  NE   sing N N 27  
ARG CD  HD2  sing N N 28  
ARG CD  HD3  sing N N 29  
ARG NE  CZ   sing N N 30  
ARG NE  HE   sing N N 31  
ARG CZ  NH1  sing N N 32  
ARG CZ  NH2  doub N N 33  
ARG NH1 HH11 sing N N 34  
ARG NH1 HH12 sing N N 35  
ARG NH2 HH21 sing N N 36  
ARG NH2 HH22 sing N N 37  
ARG OXT HXT  sing N N 38  
ASN N   CA   sing N N 39  
ASN N   H    sing N N 40  
ASN N   H2   sing N N 41  
ASN CA  C    sing N N 42  
ASN CA  CB   sing N N 43  
ASN CA  HA   sing N N 44  
ASN C   O    doub N N 45  
ASN C   OXT  sing N N 46  
ASN CB  CG   sing N N 47  
ASN CB  HB2  sing N N 48  
ASN CB  HB3  sing N N 49  
ASN CG  OD1  doub N N 50  
ASN CG  ND2  sing N N 51  
ASN ND2 HD21 sing N N 52  
ASN ND2 HD22 sing N N 53  
ASN OXT HXT  sing N N 54  
ASP N   CA   sing N N 55  
ASP N   H    sing N N 56  
ASP N   H2   sing N N 57  
ASP CA  C    sing N N 58  
ASP CA  CB   sing N N 59  
ASP CA  HA   sing N N 60  
ASP C   O    doub N N 61  
ASP C   OXT  sing N N 62  
ASP CB  CG   sing N N 63  
ASP CB  HB2  sing N N 64  
ASP CB  HB3  sing N N 65  
ASP CG  OD1  doub N N 66  
ASP CG  OD2  sing N N 67  
ASP OD2 HD2  sing N N 68  
ASP OXT HXT  sing N N 69  
CYS N   CA   sing N N 70  
CYS N   H    sing N N 71  
CYS N   H2   sing N N 72  
CYS CA  C    sing N N 73  
CYS CA  CB   sing N N 74  
CYS CA  HA   sing N N 75  
CYS C   O    doub N N 76  
CYS C   OXT  sing N N 77  
CYS CB  SG   sing N N 78  
CYS CB  HB2  sing N N 79  
CYS CB  HB3  sing N N 80  
CYS SG  HG   sing N N 81  
CYS OXT HXT  sing N N 82  
GLN N   CA   sing N N 83  
GLN N   H    sing N N 84  
GLN N   H2   sing N N 85  
GLN CA  C    sing N N 86  
GLN CA  CB   sing N N 87  
GLN CA  HA   sing N N 88  
GLN C   O    doub N N 89  
GLN C   OXT  sing N N 90  
GLN CB  CG   sing N N 91  
GLN CB  HB2  sing N N 92  
GLN CB  HB3  sing N N 93  
GLN CG  CD   sing N N 94  
GLN CG  HG2  sing N N 95  
GLN CG  HG3  sing N N 96  
GLN CD  OE1  doub N N 97  
GLN CD  NE2  sing N N 98  
GLN NE2 HE21 sing N N 99  
GLN NE2 HE22 sing N N 100 
GLN OXT HXT  sing N N 101 
GLU N   CA   sing N N 102 
GLU N   H    sing N N 103 
GLU N   H2   sing N N 104 
GLU CA  C    sing N N 105 
GLU CA  CB   sing N N 106 
GLU CA  HA   sing N N 107 
GLU C   O    doub N N 108 
GLU C   OXT  sing N N 109 
GLU CB  CG   sing N N 110 
GLU CB  HB2  sing N N 111 
GLU CB  HB3  sing N N 112 
GLU CG  CD   sing N N 113 
GLU CG  HG2  sing N N 114 
GLU CG  HG3  sing N N 115 
GLU CD  OE1  doub N N 116 
GLU CD  OE2  sing N N 117 
GLU OE2 HE2  sing N N 118 
GLU OXT HXT  sing N N 119 
GLY N   CA   sing N N 120 
GLY N   H    sing N N 121 
GLY N   H2   sing N N 122 
GLY CA  C    sing N N 123 
GLY CA  HA2  sing N N 124 
GLY CA  HA3  sing N N 125 
GLY C   O    doub N N 126 
GLY C   OXT  sing N N 127 
GLY OXT HXT  sing N N 128 
HIS N   CA   sing N N 129 
HIS N   H    sing N N 130 
HIS N   H2   sing N N 131 
HIS CA  C    sing N N 132 
HIS CA  CB   sing N N 133 
HIS CA  HA   sing N N 134 
HIS C   O    doub N N 135 
HIS C   OXT  sing N N 136 
HIS CB  CG   sing N N 137 
HIS CB  HB2  sing N N 138 
HIS CB  HB3  sing N N 139 
HIS CG  ND1  sing Y N 140 
HIS CG  CD2  doub Y N 141 
HIS ND1 CE1  doub Y N 142 
HIS ND1 HD1  sing N N 143 
HIS CD2 NE2  sing Y N 144 
HIS CD2 HD2  sing N N 145 
HIS CE1 NE2  sing Y N 146 
HIS CE1 HE1  sing N N 147 
HIS NE2 HE2  sing N N 148 
HIS OXT HXT  sing N N 149 
ILE N   CA   sing N N 150 
ILE N   H    sing N N 151 
ILE N   H2   sing N N 152 
ILE CA  C    sing N N 153 
ILE CA  CB   sing N N 154 
ILE CA  HA   sing N N 155 
ILE C   O    doub N N 156 
ILE C   OXT  sing N N 157 
ILE CB  CG1  sing N N 158 
ILE CB  CG2  sing N N 159 
ILE CB  HB   sing N N 160 
ILE CG1 CD1  sing N N 161 
ILE CG1 HG12 sing N N 162 
ILE CG1 HG13 sing N N 163 
ILE CG2 HG21 sing N N 164 
ILE CG2 HG22 sing N N 165 
ILE CG2 HG23 sing N N 166 
ILE CD1 HD11 sing N N 167 
ILE CD1 HD12 sing N N 168 
ILE CD1 HD13 sing N N 169 
ILE OXT HXT  sing N N 170 
LEU N   CA   sing N N 171 
LEU N   H    sing N N 172 
LEU N   H2   sing N N 173 
LEU CA  C    sing N N 174 
LEU CA  CB   sing N N 175 
LEU CA  HA   sing N N 176 
LEU C   O    doub N N 177 
LEU C   OXT  sing N N 178 
LEU CB  CG   sing N N 179 
LEU CB  HB2  sing N N 180 
LEU CB  HB3  sing N N 181 
LEU CG  CD1  sing N N 182 
LEU CG  CD2  sing N N 183 
LEU CG  HG   sing N N 184 
LEU CD1 HD11 sing N N 185 
LEU CD1 HD12 sing N N 186 
LEU CD1 HD13 sing N N 187 
LEU CD2 HD21 sing N N 188 
LEU CD2 HD22 sing N N 189 
LEU CD2 HD23 sing N N 190 
LEU OXT HXT  sing N N 191 
LYS N   CA   sing N N 192 
LYS N   H    sing N N 193 
LYS N   H2   sing N N 194 
LYS CA  C    sing N N 195 
LYS CA  CB   sing N N 196 
LYS CA  HA   sing N N 197 
LYS C   O    doub N N 198 
LYS C   OXT  sing N N 199 
LYS CB  CG   sing N N 200 
LYS CB  HB2  sing N N 201 
LYS CB  HB3  sing N N 202 
LYS CG  CD   sing N N 203 
LYS CG  HG2  sing N N 204 
LYS CG  HG3  sing N N 205 
LYS CD  CE   sing N N 206 
LYS CD  HD2  sing N N 207 
LYS CD  HD3  sing N N 208 
LYS CE  NZ   sing N N 209 
LYS CE  HE2  sing N N 210 
LYS CE  HE3  sing N N 211 
LYS NZ  HZ1  sing N N 212 
LYS NZ  HZ2  sing N N 213 
LYS NZ  HZ3  sing N N 214 
LYS OXT HXT  sing N N 215 
MET N   CA   sing N N 216 
MET N   H    sing N N 217 
MET N   H2   sing N N 218 
MET CA  C    sing N N 219 
MET CA  CB   sing N N 220 
MET CA  HA   sing N N 221 
MET C   O    doub N N 222 
MET C   OXT  sing N N 223 
MET CB  CG   sing N N 224 
MET CB  HB2  sing N N 225 
MET CB  HB3  sing N N 226 
MET CG  SD   sing N N 227 
MET CG  HG2  sing N N 228 
MET CG  HG3  sing N N 229 
MET SD  CE   sing N N 230 
MET CE  HE1  sing N N 231 
MET CE  HE2  sing N N 232 
MET CE  HE3  sing N N 233 
MET OXT HXT  sing N N 234 
PHE N   CA   sing N N 235 
PHE N   H    sing N N 236 
PHE N   H2   sing N N 237 
PHE CA  C    sing N N 238 
PHE CA  CB   sing N N 239 
PHE CA  HA   sing N N 240 
PHE C   O    doub N N 241 
PHE C   OXT  sing N N 242 
PHE CB  CG   sing N N 243 
PHE CB  HB2  sing N N 244 
PHE CB  HB3  sing N N 245 
PHE CG  CD1  doub Y N 246 
PHE CG  CD2  sing Y N 247 
PHE CD1 CE1  sing Y N 248 
PHE CD1 HD1  sing N N 249 
PHE CD2 CE2  doub Y N 250 
PHE CD2 HD2  sing N N 251 
PHE CE1 CZ   doub Y N 252 
PHE CE1 HE1  sing N N 253 
PHE CE2 CZ   sing Y N 254 
PHE CE2 HE2  sing N N 255 
PHE CZ  HZ   sing N N 256 
PHE OXT HXT  sing N N 257 
PRO N   CA   sing N N 258 
PRO N   CD   sing N N 259 
PRO N   H    sing N N 260 
PRO CA  C    sing N N 261 
PRO CA  CB   sing N N 262 
PRO CA  HA   sing N N 263 
PRO C   O    doub N N 264 
PRO C   OXT  sing N N 265 
PRO CB  CG   sing N N 266 
PRO CB  HB2  sing N N 267 
PRO CB  HB3  sing N N 268 
PRO CG  CD   sing N N 269 
PRO CG  HG2  sing N N 270 
PRO CG  HG3  sing N N 271 
PRO CD  HD2  sing N N 272 
PRO CD  HD3  sing N N 273 
PRO OXT HXT  sing N N 274 
SER N   CA   sing N N 275 
SER N   H    sing N N 276 
SER N   H2   sing N N 277 
SER CA  C    sing N N 278 
SER CA  CB   sing N N 279 
SER CA  HA   sing N N 280 
SER C   O    doub N N 281 
SER C   OXT  sing N N 282 
SER CB  OG   sing N N 283 
SER CB  HB2  sing N N 284 
SER CB  HB3  sing N N 285 
SER OG  HG   sing N N 286 
SER OXT HXT  sing N N 287 
THR N   CA   sing N N 288 
THR N   H    sing N N 289 
THR N   H2   sing N N 290 
THR CA  C    sing N N 291 
THR CA  CB   sing N N 292 
THR CA  HA   sing N N 293 
THR C   O    doub N N 294 
THR C   OXT  sing N N 295 
THR CB  OG1  sing N N 296 
THR CB  CG2  sing N N 297 
THR CB  HB   sing N N 298 
THR OG1 HG1  sing N N 299 
THR CG2 HG21 sing N N 300 
THR CG2 HG22 sing N N 301 
THR CG2 HG23 sing N N 302 
THR OXT HXT  sing N N 303 
TYR N   CA   sing N N 304 
TYR N   H    sing N N 305 
TYR N   H2   sing N N 306 
TYR CA  C    sing N N 307 
TYR CA  CB   sing N N 308 
TYR CA  HA   sing N N 309 
TYR C   O    doub N N 310 
TYR C   OXT  sing N N 311 
TYR CB  CG   sing N N 312 
TYR CB  HB2  sing N N 313 
TYR CB  HB3  sing N N 314 
TYR CG  CD1  doub Y N 315 
TYR CG  CD2  sing Y N 316 
TYR CD1 CE1  sing Y N 317 
TYR CD1 HD1  sing N N 318 
TYR CD2 CE2  doub Y N 319 
TYR CD2 HD2  sing N N 320 
TYR CE1 CZ   doub Y N 321 
TYR CE1 HE1  sing N N 322 
TYR CE2 CZ   sing Y N 323 
TYR CE2 HE2  sing N N 324 
TYR CZ  OH   sing N N 325 
TYR OH  HH   sing N N 326 
TYR OXT HXT  sing N N 327 
VAL N   CA   sing N N 328 
VAL N   H    sing N N 329 
VAL N   H2   sing N N 330 
VAL CA  C    sing N N 331 
VAL CA  CB   sing N N 332 
VAL CA  HA   sing N N 333 
VAL C   O    doub N N 334 
VAL C   OXT  sing N N 335 
VAL CB  CG1  sing N N 336 
VAL CB  CG2  sing N N 337 
VAL CB  HB   sing N N 338 
VAL CG1 HG11 sing N N 339 
VAL CG1 HG12 sing N N 340 
VAL CG1 HG13 sing N N 341 
VAL CG2 HG21 sing N N 342 
VAL CG2 HG22 sing N N 343 
VAL CG2 HG23 sing N N 344 
VAL OXT HXT  sing N N 345 
# 
_em_ctf_correction.id                       1 
_em_ctf_correction.em_image_processing_id   1 
_em_ctf_correction.type                     'PHASE FLIPPING AND AMPLITUDE CORRECTION' 
_em_ctf_correction.details                  ? 
# 
_em_entity_assembly_molwt.entity_assembly_id   1 
_em_entity_assembly_molwt.id                   1 
_em_entity_assembly_molwt.experimental_flag    NO 
_em_entity_assembly_molwt.units                ? 
_em_entity_assembly_molwt.value                ? 
# 
_em_entity_assembly_naturalsource.id                   2 
_em_entity_assembly_naturalsource.entity_assembly_id   1 
_em_entity_assembly_naturalsource.cell                 ? 
_em_entity_assembly_naturalsource.cellular_location    ? 
_em_entity_assembly_naturalsource.ncbi_tax_id          9606 
_em_entity_assembly_naturalsource.organ                ? 
_em_entity_assembly_naturalsource.organelle            ? 
_em_entity_assembly_naturalsource.organism             'Homo sapiens' 
_em_entity_assembly_naturalsource.strain               ? 
_em_entity_assembly_naturalsource.tissue               ? 
# 
_em_entity_assembly_recombinant.id                   2 
_em_entity_assembly_recombinant.entity_assembly_id   1 
_em_entity_assembly_recombinant.cell                 ? 
_em_entity_assembly_recombinant.ncbi_tax_id          469008 
_em_entity_assembly_recombinant.organism             'Escherichia coli BL21(DE3)' 
_em_entity_assembly_recombinant.plasmid              ? 
_em_entity_assembly_recombinant.strain               ? 
# 
_em_helical_entity.id                             1 
_em_helical_entity.image_processing_id            1 
_em_helical_entity.angular_rotation_per_subunit   77.29 
_em_helical_entity.axial_rise_per_subunit         4.787 
_em_helical_entity.axial_symmetry                 C2 
_em_helical_entity.details                        ? 
# 
_em_image_processing.id                   1 
_em_image_processing.image_recording_id   1 
_em_image_processing.details              ? 
# 
_em_image_recording.id                            1 
_em_image_recording.imaging_id                    1 
_em_image_recording.avg_electron_dose_per_image   40 
_em_image_recording.average_exposure_time         ? 
_em_image_recording.details                       ? 
_em_image_recording.detector_mode                 COUNTING 
_em_image_recording.film_or_detector_model        'GATAN K2 SUMMIT (4k x 4k)' 
_em_image_recording.num_diffraction_images        ? 
_em_image_recording.num_grids_imaged              ? 
_em_image_recording.num_real_images               2277 
# 
loop_
_em_software.id 
_em_software.category 
_em_software.details 
_em_software.name 
_em_software.version 
_em_software.image_processing_id 
_em_software.fitting_id 
_em_software.imaging_id 
1  'PARTICLE SELECTION'       ? SPRING   ? 1 ? ? 
2  'IMAGE ACQUISITION'        ? SerialEM ? ? ? 1 
3  MASKING                    ? ?        ? ? ? ? 
4  'CTF CORRECTION'           ? Gctf     ? 1 ? ? 
5  'LAYERLINE INDEXING'       ? ?        ? ? ? ? 
6  'DIFFRACTION INDEXING'     ? ?        ? ? ? ? 
7  'MODEL FITTING'            ? PHENIX   ? ? 1 ? 
8  OTHER                      ? ?        ? ? ? ? 
9  'INITIAL EULER ASSIGNMENT' ? RELION   3 1 ? ? 
10 'FINAL EULER ASSIGNMENT'   ? RELION   3 1 ? ? 
11 CLASSIFICATION             ? ?        ? 1 ? ? 
12 RECONSTRUCTION             ? RELION   3 1 ? ? 
13 'MODEL REFINEMENT'         ? PHENIX   ? ? 1 ? 
# 
_em_specimen.id                      1 
_em_specimen.experiment_id           1 
_em_specimen.concentration           ? 
_em_specimen.details                 ? 
_em_specimen.embedding_applied       NO 
_em_specimen.shadowing_applied       NO 
_em_specimen.staining_applied        NO 
_em_specimen.vitrification_applied   YES 
# 
loop_
_pdbx_audit_support.funding_organization 
_pdbx_audit_support.country 
_pdbx_audit_support.grant_number 
_pdbx_audit_support.ordinal 
'European Commission'        ?       PIEF-GA-2012-331285    1 
'European Commission'        ?       PCOFUND-GA-2008-229597 2 
'German Research Foundation' Germany EXC1074                3 
# 
_pdbx_initial_refinement_model.id               1 
_pdbx_initial_refinement_model.type             'experimental model' 
_pdbx_initial_refinement_model.source_name      PDB 
_pdbx_initial_refinement_model.accession_code   2KKC 
# 
_atom_sites.entry_id                    6TGY 
_atom_sites.Cartn_transf_matrix[1][1]   ? 
_atom_sites.Cartn_transf_matrix[1][2]   ? 
_atom_sites.Cartn_transf_matrix[1][3]   ? 
_atom_sites.Cartn_transf_matrix[2][1]   ? 
_atom_sites.Cartn_transf_matrix[2][2]   ? 
_atom_sites.Cartn_transf_matrix[2][3]   ? 
_atom_sites.Cartn_transf_matrix[3][1]   ? 
_atom_sites.Cartn_transf_matrix[3][2]   ? 
_atom_sites.Cartn_transf_matrix[3][3]   ? 
_atom_sites.Cartn_transf_vector[1]      ? 
_atom_sites.Cartn_transf_vector[2]      ? 
_atom_sites.Cartn_transf_vector[3]      ? 
_atom_sites.fract_transf_matrix[1][1]   1.000000 
_atom_sites.fract_transf_matrix[1][2]   0.000000 
_atom_sites.fract_transf_matrix[1][3]   0.000000 
_atom_sites.fract_transf_matrix[2][1]   0.000000 
_atom_sites.fract_transf_matrix[2][2]   1.000000 
_atom_sites.fract_transf_matrix[2][3]   0.000000 
_atom_sites.fract_transf_matrix[3][1]   0.000000 
_atom_sites.fract_transf_matrix[3][2]   0.000000 
_atom_sites.fract_transf_matrix[3][3]   1.000000 
_atom_sites.fract_transf_vector[1]      0.00000 
_atom_sites.fract_transf_vector[2]      0.00000 
_atom_sites.fract_transf_vector[3]      0.00000 
_atom_sites.solution_primary            ? 
_atom_sites.solution_secondary          ? 
_atom_sites.solution_hydrogens          ? 
_atom_sites.special_details             ? 
# 
loop_
_atom_type.symbol 
C 
N 
O 
S 
# 
loop_
_atom_site.group_PDB 
_atom_site.id 
_atom_site.type_symbol 
_atom_site.label_atom_id 
_atom_site.label_alt_id 
_atom_site.label_comp_id 
_atom_site.label_asym_id 
_atom_site.label_entity_id 
_atom_site.label_seq_id 
_atom_site.pdbx_PDB_ins_code 
_atom_site.Cartn_x 
_atom_site.Cartn_y 
_atom_site.Cartn_z 
_atom_site.occupancy 
_atom_site.B_iso_or_equiv 
_atom_site.pdbx_formal_charge 
_atom_site.auth_seq_id 
_atom_site.auth_comp_id 
_atom_site.auth_asym_id 
_atom_site.auth_atom_id 
_atom_site.pdbx_PDB_model_num 
ATOM 1   N N   . ALA A 1 2   ? 13.857  0.230   -9.600  1.00 88.99  ? 2   ALA A N   1 
ATOM 2   C CA  . ALA A 1 2   ? 13.002  -0.872  -9.180  1.00 88.99  ? 2   ALA A CA  1 
ATOM 3   C C   . ALA A 1 2   ? 11.535  -0.560  -9.449  1.00 88.99  ? 2   ALA A C   1 
ATOM 4   O O   . ALA A 1 2   ? 10.817  -0.098  -8.564  1.00 88.99  ? 2   ALA A O   1 
ATOM 5   C CB  . ALA A 1 2   ? 13.216  -1.180  -7.705  1.00 88.99  ? 2   ALA A CB  1 
ATOM 6   N N   . SER A 1 3   ? 11.102  -0.805  -10.685 1.00 79.89  ? 3   SER A N   1 
ATOM 7   C CA  . SER A 1 3   ? 9.698   -0.659  -11.044 1.00 79.89  ? 3   SER A CA  1 
ATOM 8   C C   . SER A 1 3   ? 8.882   -1.758  -10.380 1.00 79.89  ? 3   SER A C   1 
ATOM 9   O O   . SER A 1 3   ? 9.153   -2.947  -10.578 1.00 79.89  ? 3   SER A O   1 
ATOM 10  C CB  . SER A 1 3   ? 9.519   -0.696  -12.562 1.00 79.89  ? 3   SER A CB  1 
ATOM 11  O OG  . SER A 1 3   ? 8.152   -0.586  -12.917 1.00 79.89  ? 3   SER A OG  1 
ATOM 12  N N   . LEU A 1 4   ? 7.886   -1.373  -9.593  1.00 68.09  ? 4   LEU A N   1 
ATOM 13  C CA  . LEU A 1 4   ? 7.143   -2.300  -8.758  1.00 68.09  ? 4   LEU A CA  1 
ATOM 14  C C   . LEU A 1 4   ? 5.654   -2.029  -8.912  1.00 68.09  ? 4   LEU A C   1 
ATOM 15  O O   . LEU A 1 4   ? 5.185   -0.922  -8.636  1.00 68.09  ? 4   LEU A O   1 
ATOM 16  C CB  . LEU A 1 4   ? 7.609   -2.155  -7.300  1.00 68.09  ? 4   LEU A CB  1 
ATOM 17  C CG  . LEU A 1 4   ? 7.247   -3.096  -6.148  1.00 68.09  ? 4   LEU A CG  1 
ATOM 18  C CD1 . LEU A 1 4   ? 5.930   -2.736  -5.512  1.00 68.09  ? 4   LEU A CD1 1 
ATOM 19  C CD2 . LEU A 1 4   ? 7.228   -4.529  -6.629  1.00 68.09  ? 4   LEU A CD2 1 
ATOM 20  N N   . THR A 1 5   ? 4.918   -3.038  -9.360  1.00 61.84  ? 5   THR A N   1 
ATOM 21  C CA  . THR A 1 5   ? 3.488   -2.922  -9.610  1.00 61.84  ? 5   THR A CA  1 
ATOM 22  C C   . THR A 1 5   ? 2.720   -3.266  -8.343  1.00 61.84  ? 5   THR A C   1 
ATOM 23  O O   . THR A 1 5   ? 2.968   -4.306  -7.729  1.00 61.84  ? 5   THR A O   1 
ATOM 24  C CB  . THR A 1 5   ? 3.065   -3.847  -10.752 1.00 61.84  ? 5   THR A CB  1 
ATOM 25  O OG1 . THR A 1 5   ? 3.786   -3.497  -11.937 1.00 61.84  ? 5   THR A OG1 1 
ATOM 26  C CG2 . THR A 1 5   ? 1.582   -3.725  -11.028 1.00 61.84  ? 5   THR A CG2 1 
ATOM 27  N N   . VAL A 1 6   ? 1.799   -2.393  -7.947  1.00 55.12  ? 6   VAL A N   1 
ATOM 28  C CA  . VAL A 1 6   ? 0.958   -2.605  -6.776  1.00 55.12  ? 6   VAL A CA  1 
ATOM 29  C C   . VAL A 1 6   ? -0.469  -2.809  -7.255  1.00 55.12  ? 6   VAL A C   1 
ATOM 30  O O   . VAL A 1 6   ? -1.023  -1.950  -7.946  1.00 55.12  ? 6   VAL A O   1 
ATOM 31  C CB  . VAL A 1 6   ? 1.044   -1.429  -5.795  1.00 55.12  ? 6   VAL A CB  1 
ATOM 32  C CG1 . VAL A 1 6   ? 0.053   -1.613  -4.675  1.00 55.12  ? 6   VAL A CG1 1 
ATOM 33  C CG2 . VAL A 1 6   ? 2.434   -1.328  -5.237  1.00 55.12  ? 6   VAL A CG2 1 
ATOM 34  N N   . LYS A 1 7   ? -1.064  -3.937  -6.887  1.00 48.79  ? 7   LYS A N   1 
ATOM 35  C CA  . LYS A 1 7   ? -2.436  -4.266  -7.264  1.00 48.79  ? 7   LYS A CA  1 
ATOM 36  C C   . LYS A 1 7   ? -3.309  -4.099  -6.029  1.00 48.79  ? 7   LYS A C   1 
ATOM 37  O O   . LYS A 1 7   ? -3.382  -4.992  -5.184  1.00 48.79  ? 7   LYS A O   1 
ATOM 38  C CB  . LYS A 1 7   ? -2.514  -5.680  -7.821  1.00 48.79  ? 7   LYS A CB  1 
ATOM 39  C CG  . LYS A 1 7   ? -3.880  -6.071  -8.320  1.00 48.79  ? 7   LYS A CG  1 
ATOM 40  C CD  . LYS A 1 7   ? -3.841  -7.438  -8.953  1.00 48.79  ? 7   LYS A CD  1 
ATOM 41  C CE  . LYS A 1 7   ? -5.204  -7.842  -9.448  1.00 48.79  ? 7   LYS A CE  1 
ATOM 42  N NZ  . LYS A 1 7   ? -5.191  -9.173  -10.103 1.00 48.79  ? 7   LYS A NZ  1 
ATOM 43  N N   . ALA A 1 8   ? -3.976  -2.956  -5.926  1.00 47.82  ? 8   ALA A N   1 
ATOM 44  C CA  . ALA A 1 8   ? -4.696  -2.603  -4.712  1.00 47.82  ? 8   ALA A CA  1 
ATOM 45  C C   . ALA A 1 8   ? -6.108  -3.169  -4.744  1.00 47.82  ? 8   ALA A C   1 
ATOM 46  O O   . ALA A 1 8   ? -6.977  -2.641  -5.440  1.00 47.82  ? 8   ALA A O   1 
ATOM 47  C CB  . ALA A 1 8   ? -4.735  -1.088  -4.546  1.00 47.82  ? 8   ALA A CB  1 
ATOM 48  N N   . TYR A 1 9   ? -6.339  -4.232  -3.986  1.00 47.12  ? 9   TYR A N   1 
ATOM 49  C CA  . TYR A 1 9   ? -7.679  -4.761  -3.781  1.00 47.12  ? 9   TYR A CA  1 
ATOM 50  C C   . TYR A 1 9   ? -8.387  -3.925  -2.729  1.00 47.12  ? 9   TYR A C   1 
ATOM 51  O O   . TYR A 1 9   ? -7.827  -3.660  -1.664  1.00 47.12  ? 9   TYR A O   1 
ATOM 52  C CB  . TYR A 1 9   ? -7.627  -6.209  -3.310  1.00 47.12  ? 9   TYR A CB  1 
ATOM 53  C CG  . TYR A 1 9   ? -7.143  -7.214  -4.318  1.00 47.12  ? 9   TYR A CG  1 
ATOM 54  C CD1 . TYR A 1 9   ? -8.018  -7.799  -5.215  1.00 47.12  ? 9   TYR A CD1 1 
ATOM 55  C CD2 . TYR A 1 9   ? -5.810  -7.589  -4.363  1.00 47.12  ? 9   TYR A CD2 1 
ATOM 56  C CE1 . TYR A 1 9   ? -7.582  -8.730  -6.124  1.00 47.12  ? 9   TYR A CE1 1 
ATOM 57  C CE2 . TYR A 1 9   ? -5.362  -8.515  -5.273  1.00 47.12  ? 9   TYR A CE2 1 
ATOM 58  C CZ  . TYR A 1 9   ? -6.253  -9.081  -6.151  1.00 47.12  ? 9   TYR A CZ  1 
ATOM 59  O OH  . TYR A 1 9   ? -5.814  -10.009 -7.063  1.00 47.12  ? 9   TYR A OH  1 
ATOM 60  N N   . LEU A 1 10  ? -9.615  -3.516  -3.016  1.00 52.08  ? 10  LEU A N   1 
ATOM 61  C CA  . LEU A 1 10  ? -10.460 -2.865  -2.023  1.00 52.08  ? 10  LEU A CA  1 
ATOM 62  C C   . LEU A 1 10  ? -11.485 -3.890  -1.557  1.00 52.08  ? 10  LEU A C   1 
ATOM 63  O O   . LEU A 1 10  ? -12.326 -4.337  -2.340  1.00 52.08  ? 10  LEU A O   1 
ATOM 64  C CB  . LEU A 1 10  ? -11.122 -1.614  -2.592  1.00 52.08  ? 10  LEU A CB  1 
ATOM 65  C CG  . LEU A 1 10  ? -11.884 -0.693  -1.641  1.00 52.08  ? 10  LEU A CG  1 
ATOM 66  C CD1 . LEU A 1 10  ? -11.709 0.721   -2.081  1.00 52.08  ? 10  LEU A CD1 1 
ATOM 67  C CD2 . LEU A 1 10  ? -13.348 -0.999  -1.674  1.00 52.08  ? 10  LEU A CD2 1 
ATOM 68  N N   . LEU A 1 11  ? -11.418 -4.251  -0.283  1.00 54.63  ? 11  LEU A N   1 
ATOM 69  C CA  . LEU A 1 11  ? -12.259 -5.308  0.246   1.00 54.63  ? 11  LEU A CA  1 
ATOM 70  C C   . LEU A 1 11  ? -13.617 -4.767  0.666   1.00 54.63  ? 11  LEU A C   1 
ATOM 71  O O   . LEU A 1 11  ? -13.761 -3.600  1.035   1.00 54.63  ? 11  LEU A O   1 
ATOM 72  C CB  . LEU A 1 11  ? -11.573 -5.978  1.429   1.00 54.63  ? 11  LEU A CB  1 
ATOM 73  C CG  . LEU A 1 11  ? -10.285 -6.687  1.037   1.00 54.63  ? 11  LEU A CG  1 
ATOM 74  C CD1 . LEU A 1 11  ? -9.594  -7.203  2.266   1.00 54.63  ? 11  LEU A CD1 1 
ATOM 75  C CD2 . LEU A 1 11  ? -10.581 -7.817  0.080   1.00 54.63  ? 11  LEU A CD2 1 
ATOM 76  N N   . GLY A 1 12  ? -14.617 -5.640  0.617   1.00 66.59  ? 12  GLY A N   1 
ATOM 77  C CA  . GLY A 1 12  ? -15.979 -5.243  0.901   1.00 66.59  ? 12  GLY A CA  1 
ATOM 78  C C   . GLY A 1 12  ? -16.531 -5.793  2.199   1.00 66.59  ? 12  GLY A C   1 
ATOM 79  O O   . GLY A 1 12  ? -15.904 -5.666  3.253   1.00 66.59  ? 12  GLY A O   1 
ATOM 80  N N   . LYS A 1 13  ? -17.708 -6.415  2.127   1.00 75.13  ? 13  LYS A N   1 
ATOM 81  C CA  . LYS A 1 13  ? -18.424 -6.825  3.331   1.00 75.13  ? 13  LYS A CA  1 
ATOM 82  C C   . LYS A 1 13  ? -17.798 -8.060  3.968   1.00 75.13  ? 13  LYS A C   1 
ATOM 83  O O   . LYS A 1 13  ? -17.353 -8.020  5.118   1.00 75.13  ? 13  LYS A O   1 
ATOM 84  C CB  . LYS A 1 13  ? -19.896 -7.081  2.998   1.00 75.13  ? 13  LYS A CB  1 
ATOM 85  C CG  . LYS A 1 13  ? -20.749 -7.449  4.200   1.00 75.13  ? 13  LYS A CG  1 
ATOM 86  C CD  . LYS A 1 13  ? -22.217 -7.589  3.824   1.00 75.13  ? 13  LYS A CD  1 
ATOM 87  C CE  . LYS A 1 13  ? -22.549 -9.005  3.368   1.00 75.13  ? 13  LYS A CE  1 
ATOM 88  N NZ  . LYS A 1 13  ? -22.276 -9.228  1.920   1.00 75.13  ? 13  LYS A NZ  1 
ATOM 89  N N   . GLU A 1 14  ? -17.759 -9.167  3.234   1.00 76.42  ? 14  GLU A N   1 
ATOM 90  C CA  . GLU A 1 14  ? -17.231 -10.430 3.735   1.00 76.42  ? 14  GLU A CA  1 
ATOM 91  C C   . GLU A 1 14  ? -15.831 -10.690 3.194   1.00 76.42  ? 14  GLU A C   1 
ATOM 92  O O   . GLU A 1 14  ? -15.487 -11.820 2.841   1.00 76.42  ? 14  GLU A O   1 
ATOM 93  C CB  . GLU A 1 14  ? -18.164 -11.586 3.392   1.00 76.42  ? 14  GLU A CB  1 
ATOM 94  C CG  . GLU A 1 14  ? -19.497 -11.533 4.118   1.00 76.42  ? 14  GLU A CG  1 
ATOM 95  C CD  . GLU A 1 14  ? -20.402 -12.697 3.769   1.00 76.42  ? 14  GLU A CD  1 
ATOM 96  O OE1 . GLU A 1 14  ? -20.035 -13.491 2.878   1.00 76.42  ? 14  GLU A OE1 1 
ATOM 97  O OE2 . GLU A 1 14  ? -21.480 -12.817 4.386   1.00 76.42  ? 14  GLU A OE2 1 
ATOM 98  N N   . ASP A 1 15  ? -15.033 -9.616  3.122   1.00 71.23  ? 15  ASP A N   1 
ATOM 99  C CA  . ASP A 1 15  ? -13.666 -9.612  2.586   1.00 71.23  ? 15  ASP A CA  1 
ATOM 100 C C   . ASP A 1 15  ? -13.622 -10.111 1.145   1.00 71.23  ? 15  ASP A C   1 
ATOM 101 O O   . ASP A 1 15  ? -12.707 -10.831 0.742   1.00 71.23  ? 15  ASP A O   1 
ATOM 102 C CB  . ASP A 1 15  ? -12.701 -10.401 3.476   1.00 71.23  ? 15  ASP A CB  1 
ATOM 103 C CG  . ASP A 1 15  ? -12.488 -9.742  4.819   1.00 71.23  ? 15  ASP A CG  1 
ATOM 104 O OD1 . ASP A 1 15  ? -12.632 -8.505  4.899   1.00 71.23  ? 15  ASP A OD1 1 
ATOM 105 O OD2 . ASP A 1 15  ? -12.174 -10.458 5.793   1.00 71.23  ? 15  ASP A OD2 1 
ATOM 106 N N   . ALA A 1 16  ? -14.626 -9.725  0.366   1.00 66.76  ? 16  ALA A N   1 
ATOM 107 C CA  . ALA A 1 16  ? -14.637 -9.932  -1.070  1.00 66.76  ? 16  ALA A CA  1 
ATOM 108 C C   . ALA A 1 16  ? -14.304 -8.615  -1.751  1.00 66.76  ? 16  ALA A C   1 
ATOM 109 O O   . ALA A 1 16  ? -14.733 -7.551  -1.296  1.00 66.76  ? 16  ALA A O   1 
ATOM 110 C CB  . ALA A 1 16  ? -15.996 -10.444 -1.545  1.00 66.76  ? 16  ALA A CB  1 
ATOM 111 N N   . ALA A 1 17  ? -13.532 -8.693  -2.832  1.00 60.28  ? 17  ALA A N   1 
ATOM 112 C CA  . ALA A 1 17  ? -12.981 -7.498  -3.455  1.00 60.28  ? 17  ALA A CA  1 
ATOM 113 C C   . ALA A 1 17  ? -14.069 -6.702  -4.159  1.00 60.28  ? 17  ALA A C   1 
ATOM 114 O O   . ALA A 1 17  ? -14.862 -7.254  -4.924  1.00 60.28  ? 17  ALA A O   1 
ATOM 115 C CB  . ALA A 1 17  ? -11.884 -7.878  -4.445  1.00 60.28  ? 17  ALA A CB  1 
ATOM 116 N N   . ARG A 1 18  ? -14.104 -5.398  -3.896  1.00 59.96  ? 18  ARG A N   1 
ATOM 117 C CA  . ARG A 1 18  ? -15.111 -4.531  -4.485  1.00 59.96  ? 18  ARG A CA  1 
ATOM 118 C C   . ARG A 1 18  ? -14.578 -3.715  -5.652  1.00 59.96  ? 18  ARG A C   1 
ATOM 119 O O   . ARG A 1 18  ? -15.320 -3.468  -6.608  1.00 59.96  ? 18  ARG A O   1 
ATOM 120 C CB  . ARG A 1 18  ? -15.697 -3.604  -3.410  1.00 59.96  ? 18  ARG A CB  1 
ATOM 121 C CG  . ARG A 1 18  ? -16.928 -2.843  -3.866  1.00 59.96  ? 18  ARG A CG  1 
ATOM 122 C CD  . ARG A 1 18  ? -17.720 -2.184  -2.743  1.00 59.96  ? 18  ARG A CD  1 
ATOM 123 N NE  . ARG A 1 18  ? -17.070 -1.052  -2.091  1.00 59.96  ? 18  ARG A NE  1 
ATOM 124 C CZ  . ARG A 1 18  ? -16.770 -1.012  -0.799  1.00 59.96  ? 18  ARG A CZ  1 
ATOM 125 N NH1 . ARG A 1 18  ? -16.197 0.064   -0.279  1.00 59.96  ? 18  ARG A NH1 1 
ATOM 126 N NH2 . ARG A 1 18  ? -17.050 -2.047  -0.022  1.00 59.96  ? 18  ARG A NH2 1 
ATOM 127 N N   . GLU A 1 19  ? -13.303 -3.336  -5.627  1.00 54.68  ? 19  GLU A N   1 
ATOM 128 C CA  . GLU A 1 19  ? -12.716 -2.575  -6.719  1.00 54.68  ? 19  GLU A CA  1 
ATOM 129 C C   . GLU A 1 19  ? -11.207 -2.768  -6.700  1.00 54.68  ? 19  GLU A C   1 
ATOM 130 O O   . GLU A 1 19  ? -10.584 -2.686  -5.643  1.00 54.68  ? 19  GLU A O   1 
ATOM 131 C CB  . GLU A 1 19  ? -13.073 -1.091  -6.605  1.00 54.68  ? 19  GLU A CB  1 
ATOM 132 C CG  . GLU A 1 19  ? -12.618 -0.259  -7.771  1.00 54.68  ? 19  GLU A CG  1 
ATOM 133 C CD  . GLU A 1 19  ? -13.119 1.160   -7.692  1.00 54.68  ? 19  GLU A CD  1 
ATOM 134 O OE1 . GLU A 1 19  ? -13.808 1.492   -6.708  1.00 54.68  ? 19  GLU A OE1 1 
ATOM 135 O OE2 . GLU A 1 19  ? -12.833 1.943   -8.619  1.00 54.68  ? 19  GLU A OE2 1 
ATOM 136 N N   . ILE A 1 20  ? -10.633 -3.033  -7.870  1.00 48.57  ? 20  ILE A N   1 
ATOM 137 C CA  . ILE A 1 20  ? -9.214  -3.328  -8.023  1.00 48.57  ? 20  ILE A CA  1 
ATOM 138 C C   . ILE A 1 20  ? -8.613  -2.233  -8.894  1.00 48.57  ? 20  ILE A C   1 
ATOM 139 O O   . ILE A 1 20  ? -9.283  -1.729  -9.799  1.00 48.57  ? 20  ILE A O   1 
ATOM 140 C CB  . ILE A 1 20  ? -9.026  -4.728  -8.640  1.00 48.57  ? 20  ILE A CB  1 
ATOM 141 C CG1 . ILE A 1 20  ? -9.753  -5.756  -7.785  1.00 48.57  ? 20  ILE A CG1 1 
ATOM 142 C CG2 . ILE A 1 20  ? -7.580  -5.124  -8.686  1.00 48.57  ? 20  ILE A CG2 1 
ATOM 143 C CD1 . ILE A 1 20  ? -9.906  -7.080  -8.432  1.00 48.57  ? 20  ILE A CD1 1 
ATOM 144 N N   . ARG A 1 21  ? -7.372  -1.839  -8.613  1.00 51.72  ? 21  ARG A N   1 
ATOM 145 C CA  . ARG A 1 21  ? -6.873  -0.610  -9.216  1.00 51.72  ? 21  ARG A CA  1 
ATOM 146 C C   . ARG A 1 21  ? -5.587  -0.763  -10.019 1.00 51.72  ? 21  ARG A C   1 
ATOM 147 O O   . ARG A 1 21  ? -5.501  -0.191  -11.106 1.00 51.72  ? 21  ARG A O   1 
ATOM 148 C CB  . ARG A 1 21  ? -6.687  0.431   -8.116  1.00 51.72  ? 21  ARG A CB  1 
ATOM 149 C CG  . ARG A 1 21  ? -6.318  1.806   -8.579  1.00 51.72  ? 21  ARG A CG  1 
ATOM 150 C CD  . ARG A 1 21  ? -7.414  2.444   -9.413  1.00 51.72  ? 21  ARG A CD  1 
ATOM 151 N NE  . ARG A 1 21  ? -8.673  2.653   -8.714  1.00 51.72  ? 21  ARG A NE  1 
ATOM 152 C CZ  . ARG A 1 21  ? -9.772  3.100   -9.312  1.00 51.72  ? 21  ARG A CZ  1 
ATOM 153 N NH1 . ARG A 1 21  ? -9.747  3.400   -10.597 1.00 51.72  ? 21  ARG A NH1 1 
ATOM 154 N NH2 . ARG A 1 21  ? -10.884 3.275   -8.624  1.00 51.72  ? 21  ARG A NH2 1 
ATOM 155 N N   . ARG A 1 22  ? -4.595  -1.523  -9.530  1.00 52.00  ? 22  ARG A N   1 
ATOM 156 C CA  . ARG A 1 22  ? -3.369  -1.876  -10.261 1.00 52.00  ? 22  ARG A CA  1 
ATOM 157 C C   . ARG A 1 22  ? -2.559  -0.670  -10.751 1.00 52.00  ? 22  ARG A C   1 
ATOM 158 O O   . ARG A 1 22  ? -2.671  -0.273  -11.915 1.00 52.00  ? 22  ARG A O   1 
ATOM 159 C CB  . ARG A 1 22  ? -3.665  -2.830  -11.430 1.00 52.00  ? 22  ARG A CB  1 
ATOM 160 C CG  . ARG A 1 22  ? -2.403  -3.426  -12.084 1.00 52.00  ? 22  ARG A CG  1 
ATOM 161 C CD  . ARG A 1 22  ? -2.707  -4.320  -13.261 1.00 52.00  ? 22  ARG A CD  1 
ATOM 162 N NE  . ARG A 1 22  ? -3.211  -5.622  -12.854 1.00 52.00  ? 22  ARG A NE  1 
ATOM 163 C CZ  . ARG A 1 22  ? -2.431  -6.669  -12.609 1.00 52.00  ? 22  ARG A CZ  1 
ATOM 164 N NH1 . ARG A 1 22  ? -1.119  -6.559  -12.745 1.00 52.00  ? 22  ARG A NH1 1 
ATOM 165 N NH2 . ARG A 1 22  ? -2.960  -7.826  -12.243 1.00 52.00  ? 22  ARG A NH2 1 
ATOM 166 N N   . PHE A 1 23  ? -1.853  0.003   -9.856  1.00 56.32  ? 23  PHE A N   1 
ATOM 167 C CA  . PHE A 1 23  ? -0.942  1.071   -10.241 1.00 56.32  ? 23  PHE A CA  1 
ATOM 168 C C   . PHE A 1 23  ? 0.510   0.607   -10.116 1.00 56.32  ? 23  PHE A C   1 
ATOM 169 O O   . PHE A 1 23  ? 0.788   -0.559  -9.824  1.00 56.32  ? 23  PHE A O   1 
ATOM 170 C CB  . PHE A 1 23  ? -1.215  2.322   -9.410  1.00 56.32  ? 23  PHE A CB  1 
ATOM 171 C CG  . PHE A 1 23  ? -0.942  2.168   -7.936  1.00 56.32  ? 23  PHE A CG  1 
ATOM 172 C CD1 . PHE A 1 23  ? -1.896  1.633   -7.085  1.00 56.32  ? 23  PHE A CD1 1 
ATOM 173 C CD2 . PHE A 1 23  ? 0.247   2.612   -7.393  1.00 56.32  ? 23  PHE A CD2 1 
ATOM 174 C CE1 . PHE A 1 23  ? -1.649  1.505   -5.742  1.00 56.32  ? 23  PHE A CE1 1 
ATOM 175 C CE2 . PHE A 1 23  ? 0.496   2.488   -6.046  1.00 56.32  ? 23  PHE A CE2 1 
ATOM 176 C CZ  . PHE A 1 23  ? -0.455  1.937   -5.222  1.00 56.32  ? 23  PHE A CZ  1 
ATOM 177 N N   . SER A 1 24  ? 1.442   1.531   -10.344 1.00 62.50  ? 24  SER A N   1 
ATOM 178 C CA  . SER A 1 24  ? 2.869   1.259   -10.260 1.00 62.50  ? 24  SER A CA  1 
ATOM 179 C C   . SER A 1 24  ? 3.498   2.110   -9.166  1.00 62.50  ? 24  SER A C   1 
ATOM 180 O O   . SER A 1 24  ? 3.041   3.216   -8.872  1.00 62.50  ? 24  SER A O   1 
ATOM 181 C CB  . SER A 1 24  ? 3.576   1.540   -11.588 1.00 62.50  ? 24  SER A CB  1 
ATOM 182 O OG  . SER A 1 24  ? 3.576   2.925   -11.870 1.00 62.50  ? 24  SER A OG  1 
ATOM 183 N N   . PHE A 1 25  ? 4.573   1.591   -8.576  1.00 72.22  ? 25  PHE A N   1 
ATOM 184 C CA  . PHE A 1 25  ? 5.156   2.195   -7.387  1.00 72.22  ? 25  PHE A CA  1 
ATOM 185 C C   . PHE A 1 25  ? 6.672   2.074   -7.442  1.00 72.22  ? 25  PHE A C   1 
ATOM 186 O O   . PHE A 1 25  ? 7.216   1.138   -8.034  1.00 72.22  ? 25  PHE A O   1 
ATOM 187 C CB  . PHE A 1 25  ? 4.577   1.544   -6.129  1.00 72.22  ? 25  PHE A CB  1 
ATOM 188 C CG  . PHE A 1 25  ? 4.998   2.195   -4.853  1.00 72.22  ? 25  PHE A CG  1 
ATOM 189 C CD1 . PHE A 1 25  ? 4.569   3.472   -4.545  1.00 72.22  ? 25  PHE A CD1 1 
ATOM 190 C CD2 . PHE A 1 25  ? 5.774   1.512   -3.935  1.00 72.22  ? 25  PHE A CD2 1 
ATOM 191 C CE1 . PHE A 1 25  ? 4.943   4.074   -3.366  1.00 72.22  ? 25  PHE A CE1 1 
ATOM 192 C CE2 . PHE A 1 25  ? 6.145   2.107   -2.750  1.00 72.22  ? 25  PHE A CE2 1 
ATOM 193 C CZ  . PHE A 1 25  ? 5.729   3.388   -2.466  1.00 72.22  ? 25  PHE A CZ  1 
ATOM 194 N N   . CYS A 1 26  ? 7.348   3.027   -6.805  1.00 89.37  ? 26  CYS A N   1 
ATOM 195 C CA  . CYS A 1 26  ? 8.767   3.316   -7.005  1.00 89.37  ? 26  CYS A CA  1 
ATOM 196 C C   . CYS A 1 26  ? 9.494   3.449   -5.670  1.00 89.37  ? 26  CYS A C   1 
ATOM 197 O O   . CYS A 1 26  ? 10.166  4.445   -5.400  1.00 89.37  ? 26  CYS A O   1 
ATOM 198 C CB  . CYS A 1 26  ? 8.923   4.566   -7.868  1.00 89.37  ? 26  CYS A CB  1 
ATOM 199 S SG  . CYS A 1 26  ? 8.090   6.050   -7.242  1.00 89.37  ? 26  CYS A SG  1 
ATOM 200 N N   . CYS A 1 27  ? 9.338   2.438   -4.810  1.00 93.46  ? 27  CYS A N   1 
ATOM 201 C CA  . CYS A 1 27  ? 9.869   2.395   -3.445  1.00 93.46  ? 27  CYS A CA  1 
ATOM 202 C C   . CYS A 1 27  ? 11.372  2.624   -3.332  1.00 93.46  ? 27  CYS A C   1 
ATOM 203 O O   . CYS A 1 27  ? 11.814  3.622   -2.755  1.00 93.46  ? 27  CYS A O   1 
ATOM 204 C CB  . CYS A 1 27  ? 9.548   1.037   -2.827  1.00 93.46  ? 27  CYS A CB  1 
ATOM 205 S SG  . CYS A 1 27  ? 10.317  -0.328  -3.724  1.00 93.46  ? 27  CYS A SG  1 
ATOM 206 N N   . SER A 1 28  ? 12.160  1.702   -3.872  1.00 103.01 ? 28  SER A N   1 
ATOM 207 C CA  . SER A 1 28  ? 13.616  1.802   -3.874  1.00 103.01 ? 28  SER A CA  1 
ATOM 208 C C   . SER A 1 28  ? 14.158  2.938   -4.750  1.00 103.01 ? 28  SER A C   1 
ATOM 209 O O   . SER A 1 28  ? 15.185  3.520   -4.380  1.00 103.01 ? 28  SER A O   1 
ATOM 210 C CB  . SER A 1 28  ? 14.239  0.461   -4.285  1.00 103.01 ? 28  SER A CB  1 
ATOM 211 O OG  . SER A 1 28  ? 15.654  0.538   -4.306  1.00 103.01 ? 28  SER A OG  1 
ATOM 212 N N   . PRO A 1 29  ? 13.544  3.293   -5.936  1.00 106.61 ? 29  PRO A N   1 
ATOM 213 C CA  . PRO A 1 29  ? 13.894  4.587   -6.543  1.00 106.61 ? 29  PRO A CA  1 
ATOM 214 C C   . PRO A 1 29  ? 13.578  5.782   -5.657  1.00 106.61 ? 29  PRO A C   1 
ATOM 215 O O   . PRO A 1 29  ? 12.705  5.726   -4.786  1.00 106.61 ? 29  PRO A O   1 
ATOM 216 C CB  . PRO A 1 29  ? 13.064  4.611   -7.831  1.00 106.61 ? 29  PRO A CB  1 
ATOM 217 C CG  . PRO A 1 29  ? 12.946  3.209   -8.201  1.00 106.61 ? 29  PRO A CG  1 
ATOM 218 C CD  . PRO A 1 29  ? 12.804  2.462   -6.915  1.00 106.61 ? 29  PRO A CD  1 
ATOM 219 N N   . GLU A 1 30  ? 14.305  6.865   -5.877  1.00 128.91 ? 30  GLU A N   1 
ATOM 220 C CA  . GLU A 1 30  ? 14.268  8.025   -5.004  1.00 128.91 ? 30  GLU A CA  1 
ATOM 221 C C   . GLU A 1 30  ? 14.645  9.261   -5.819  1.00 128.91 ? 30  GLU A C   1 
ATOM 222 O O   . GLU A 1 30  ? 15.293  9.129   -6.865  1.00 128.91 ? 30  GLU A O   1 
ATOM 223 C CB  . GLU A 1 30  ? 15.199  7.776   -3.807  1.00 128.91 ? 30  GLU A CB  1 
ATOM 224 C CG  . GLU A 1 30  ? 16.647  7.477   -4.162  1.00 128.91 ? 30  GLU A CG  1 
ATOM 225 C CD  . GLU A 1 30  ? 17.533  8.697   -4.090  1.00 128.91 ? 30  GLU A CD  1 
ATOM 226 O OE1 . GLU A 1 30  ? 17.173  9.644   -3.360  1.00 128.91 ? 30  GLU A OE1 1 
ATOM 227 O OE2 . GLU A 1 30  ? 18.586  8.714   -4.761  1.00 128.91 ? 30  GLU A OE2 1 
ATOM 228 N N   . PRO A 1 31  ? 14.251  10.482  -5.394  1.00 139.07 ? 31  PRO A N   1 
ATOM 229 C CA  . PRO A 1 31  ? 14.580  11.681  -6.185  1.00 139.07 ? 31  PRO A CA  1 
ATOM 230 C C   . PRO A 1 31  ? 16.046  12.092  -6.121  1.00 139.07 ? 31  PRO A C   1 
ATOM 231 O O   . PRO A 1 31  ? 16.897  11.311  -5.683  1.00 139.07 ? 31  PRO A O   1 
ATOM 232 C CB  . PRO A 1 31  ? 13.673  12.760  -5.577  1.00 139.07 ? 31  PRO A CB  1 
ATOM 233 C CG  . PRO A 1 31  ? 13.387  12.288  -4.203  1.00 139.07 ? 31  PRO A CG  1 
ATOM 234 C CD  . PRO A 1 31  ? 13.315  10.796  -4.298  1.00 139.07 ? 31  PRO A CD  1 
ATOM 235 N N   . GLU A 1 32  ? 16.339  13.288  -6.649  1.00 149.64 ? 32  GLU A N   1 
ATOM 236 C CA  . GLU A 1 32  ? 17.661  13.918  -6.694  1.00 149.64 ? 32  GLU A CA  1 
ATOM 237 C C   . GLU A 1 32  ? 18.463  13.809  -5.396  1.00 149.64 ? 32  GLU A C   1 
ATOM 238 O O   . GLU A 1 32  ? 17.908  13.908  -4.295  1.00 149.64 ? 32  GLU A O   1 
ATOM 239 C CB  . GLU A 1 32  ? 17.502  15.388  -7.100  1.00 149.64 ? 32  GLU A CB  1 
ATOM 240 C CG  . GLU A 1 32  ? 16.623  16.215  -6.168  1.00 149.64 ? 32  GLU A CG  1 
ATOM 241 C CD  . GLU A 1 32  ? 16.416  17.633  -6.659  1.00 149.64 ? 32  GLU A CD  1 
ATOM 242 O OE1 . GLU A 1 32  ? 16.954  17.976  -7.733  1.00 149.64 ? 32  GLU A OE1 1 
ATOM 243 O OE2 . GLU A 1 32  ? 15.711  18.402  -5.973  1.00 149.64 ? 32  GLU A OE2 1 
ATOM 244 N N   . ALA A 1 33  ? 19.770  13.565  -5.520  1.00 153.89 ? 33  ALA A N   1 
ATOM 245 C CA  . ALA A 1 33  ? 20.616  13.193  -4.385  1.00 153.89 ? 33  ALA A CA  1 
ATOM 246 C C   . ALA A 1 33  ? 21.150  14.442  -3.686  1.00 153.89 ? 33  ALA A C   1 
ATOM 247 O O   . ALA A 1 33  ? 22.358  14.658  -3.555  1.00 153.89 ? 33  ALA A O   1 
ATOM 248 C CB  . ALA A 1 33  ? 21.753  12.289  -4.846  1.00 153.89 ? 33  ALA A CB  1 
ATOM 249 N N   . GLU A 1 34  ? 20.220  15.267  -3.214  1.00 155.73 ? 34  GLU A N   1 
ATOM 250 C CA  . GLU A 1 34  ? 20.508  16.424  -2.376  1.00 155.73 ? 34  GLU A CA  1 
ATOM 251 C C   . GLU A 1 34  ? 19.237  16.762  -1.612  1.00 155.73 ? 34  GLU A C   1 
ATOM 252 O O   . GLU A 1 34  ? 18.127  16.469  -2.065  1.00 155.73 ? 34  GLU A O   1 
ATOM 253 C CB  . GLU A 1 34  ? 21.018  17.619  -3.198  1.00 155.73 ? 34  GLU A CB  1 
ATOM 254 C CG  . GLU A 1 34  ? 20.113  18.082  -4.329  1.00 155.73 ? 34  GLU A CG  1 
ATOM 255 C CD  . GLU A 1 34  ? 19.136  19.158  -3.906  1.00 155.73 ? 34  GLU A CD  1 
ATOM 256 O OE1 . GLU A 1 34  ? 19.368  19.798  -2.859  1.00 155.73 ? 34  GLU A OE1 1 
ATOM 257 O OE2 . GLU A 1 34  ? 18.141  19.367  -4.628  1.00 155.73 ? 34  GLU A OE2 1 
ATOM 258 N N   . ALA A 1 35  ? 19.414  17.378  -0.447  1.00 156.47 ? 35  ALA A N   1 
ATOM 259 C CA  . ALA A 1 35  ? 18.334  17.542  0.526   1.00 156.47 ? 35  ALA A CA  1 
ATOM 260 C C   . ALA A 1 35  ? 17.625  18.872  0.291   1.00 156.47 ? 35  ALA A C   1 
ATOM 261 O O   . ALA A 1 35  ? 18.122  19.939  0.655   1.00 156.47 ? 35  ALA A O   1 
ATOM 262 C CB  . ALA A 1 35  ? 18.876  17.440  1.947   1.00 156.47 ? 35  ALA A CB  1 
ATOM 263 N N   . GLU A 1 36  ? 16.447  18.802  -0.335  1.00 154.47 ? 36  GLU A N   1 
ATOM 264 C CA  . GLU A 1 36  ? 15.522  19.930  -0.327  1.00 154.47 ? 36  GLU A CA  1 
ATOM 265 C C   . GLU A 1 36  ? 14.613  19.890  0.894   1.00 154.47 ? 36  GLU A C   1 
ATOM 266 O O   . GLU A 1 36  ? 13.889  20.855  1.160   1.00 154.47 ? 36  GLU A O   1 
ATOM 267 C CB  . GLU A 1 36  ? 14.685  19.943  -1.607  1.00 154.47 ? 36  GLU A CB  1 
ATOM 268 C CG  . GLU A 1 36  ? 15.475  20.225  -2.875  1.00 154.47 ? 36  GLU A CG  1 
ATOM 269 C CD  . GLU A 1 36  ? 15.996  21.649  -2.944  1.00 154.47 ? 36  GLU A CD  1 
ATOM 270 O OE1 . GLU A 1 36  ? 15.320  22.559  -2.418  1.00 154.47 ? 36  GLU A OE1 1 
ATOM 271 O OE2 . GLU A 1 36  ? 17.080  21.859  -3.525  1.00 154.47 ? 36  GLU A OE2 1 
ATOM 272 N N   . ALA A 1 37  ? 14.644  18.784  1.635   1.00 147.78 ? 37  ALA A N   1 
ATOM 273 C CA  . ALA A 1 37  ? 13.879  18.592  2.861   1.00 147.78 ? 37  ALA A CA  1 
ATOM 274 C C   . ALA A 1 37  ? 14.712  17.725  3.794   1.00 147.78 ? 37  ALA A C   1 
ATOM 275 O O   . ALA A 1 37  ? 15.927  17.614  3.598   1.00 147.78 ? 37  ALA A O   1 
ATOM 276 C CB  . ALA A 1 37  ? 12.521  17.951  2.570   1.00 147.78 ? 37  ALA A CB  1 
ATOM 277 N N   . ALA A 1 38  ? 14.100  17.119  4.811   1.00 139.12 ? 38  ALA A N   1 
ATOM 278 C CA  . ALA A 1 38  ? 14.884  16.243  5.673   1.00 139.12 ? 38  ALA A CA  1 
ATOM 279 C C   . ALA A 1 38  ? 15.168  14.932  4.952   1.00 139.12 ? 38  ALA A C   1 
ATOM 280 O O   . ALA A 1 38  ? 16.317  14.671  4.579   1.00 139.12 ? 38  ALA A O   1 
ATOM 281 C CB  . ALA A 1 38  ? 14.153  15.987  6.992   1.00 139.12 ? 38  ALA A CB  1 
ATOM 282 N N   . ALA A 1 39  ? 14.133  14.114  4.737   1.00 125.38 ? 39  ALA A N   1 
ATOM 283 C CA  . ALA A 1 39  ? 14.124  13.119  3.670   1.00 125.38 ? 39  ALA A CA  1 
ATOM 284 C C   . ALA A 1 39  ? 12.695  12.790  3.258   1.00 125.38 ? 39  ALA A C   1 
ATOM 285 O O   . ALA A 1 39  ? 12.144  11.794  3.742   1.00 125.38 ? 39  ALA A O   1 
ATOM 286 C CB  . ALA A 1 39  ? 14.839  11.834  4.105   1.00 125.38 ? 39  ALA A CB  1 
ATOM 287 N N   . GLY A 1 40  ? 12.134  13.574  2.324   1.00 107.04 ? 40  GLY A N   1 
ATOM 288 C CA  . GLY A 1 40  ? 10.829  13.370  1.718   1.00 107.04 ? 40  GLY A CA  1 
ATOM 289 C C   . GLY A 1 40  ? 9.685   12.991  2.643   1.00 107.04 ? 40  GLY A C   1 
ATOM 290 O O   . GLY A 1 40  ? 9.654   13.354  3.823   1.00 107.04 ? 40  GLY A O   1 
ATOM 291 N N   . PRO A 1 41  ? 8.711   12.259  2.110   1.00 90.79  ? 41  PRO A N   1 
ATOM 292 C CA  . PRO A 1 41  ? 7.878   11.410  2.968   1.00 90.79  ? 41  PRO A CA  1 
ATOM 293 C C   . PRO A 1 41  ? 8.502   10.029  3.090   1.00 90.79  ? 41  PRO A C   1 
ATOM 294 O O   . PRO A 1 41  ? 9.541   9.769   2.476   1.00 90.79  ? 41  PRO A O   1 
ATOM 295 C CB  . PRO A 1 41  ? 6.536   11.359  2.225   1.00 90.79  ? 41  PRO A CB  1 
ATOM 296 C CG  . PRO A 1 41  ? 6.579   12.507  1.265   1.00 90.79  ? 41  PRO A CG  1 
ATOM 297 C CD  . PRO A 1 41  ? 8.016   12.605  0.863   1.00 90.79  ? 41  PRO A CD  1 
ATOM 298 N N   . GLY A 1 42  ? 7.891   9.136   3.859   1.00 79.64  ? 42  GLY A N   1 
ATOM 299 C CA  . GLY A 1 42  ? 8.380   7.782   3.960   1.00 79.64  ? 42  GLY A CA  1 
ATOM 300 C C   . GLY A 1 42  ? 7.927   6.945   2.782   1.00 79.64  ? 42  GLY A C   1 
ATOM 301 O O   . GLY A 1 42  ? 7.052   7.350   2.015   1.00 79.64  ? 42  GLY A O   1 
ATOM 302 N N   . PRO A 1 43  ? 8.516   5.757   2.610   1.00 73.39  ? 43  PRO A N   1 
ATOM 303 C CA  . PRO A 1 43  ? 8.095   4.883   1.507   1.00 73.39  ? 43  PRO A CA  1 
ATOM 304 C C   . PRO A 1 43  ? 6.730   4.256   1.736   1.00 73.39  ? 43  PRO A C   1 
ATOM 305 O O   . PRO A 1 43  ? 6.077   3.826   0.783   1.00 73.39  ? 43  PRO A O   1 
ATOM 306 C CB  . PRO A 1 43  ? 9.199   3.822   1.461   1.00 73.39  ? 43  PRO A CB  1 
ATOM 307 C CG  . PRO A 1 43  ? 9.743   3.794   2.831   1.00 73.39  ? 43  PRO A CG  1 
ATOM 308 C CD  . PRO A 1 43  ? 9.664   5.203   3.343   1.00 73.39  ? 43  PRO A CD  1 
ATOM 309 N N   . CYS A 1 44  ? 6.288   4.191   2.990   1.00 72.48  ? 44  CYS A N   1 
ATOM 310 C CA  . CYS A 1 44  ? 4.916   3.781   3.257   1.00 72.48  ? 44  CYS A CA  1 
ATOM 311 C C   . CYS A 1 44  ? 3.974   4.972   3.242   1.00 72.48  ? 44  CYS A C   1 
ATOM 312 O O   . CYS A 1 44  ? 2.786   4.817   2.945   1.00 72.48  ? 44  CYS A O   1 
ATOM 313 C CB  . CYS A 1 44  ? 4.829   3.055   4.599   1.00 72.48  ? 44  CYS A CB  1 
ATOM 314 S SG  . CYS A 1 44  ? 3.203   2.384   5.001   1.00 72.48  ? 44  CYS A SG  1 
ATOM 315 N N   . GLU A 1 45  ? 4.486   6.162   3.550   1.00 76.48  ? 45  GLU A N   1 
ATOM 316 C CA  . GLU A 1 45  ? 3.662   7.361   3.473   1.00 76.48  ? 45  GLU A CA  1 
ATOM 317 C C   . GLU A 1 45  ? 3.380   7.740   2.027   1.00 76.48  ? 45  GLU A C   1 
ATOM 318 O O   . GLU A 1 45  ? 2.293   8.238   1.721   1.00 76.48  ? 45  GLU A O   1 
ATOM 319 C CB  . GLU A 1 45  ? 4.349   8.505   4.216   1.00 76.48  ? 45  GLU A CB  1 
ATOM 320 C CG  . GLU A 1 45  ? 3.533   9.777   4.331   1.00 76.48  ? 45  GLU A CG  1 
ATOM 321 C CD  . GLU A 1 45  ? 4.239   10.839  5.143   1.00 76.48  ? 45  GLU A CD  1 
ATOM 322 O OE1 . GLU A 1 45  ? 5.373   10.581  5.600   1.00 76.48  ? 45  GLU A OE1 1 
ATOM 323 O OE2 . GLU A 1 45  ? 3.664   11.931  5.328   1.00 76.48  ? 45  GLU A OE2 1 
ATOM 324 N N   . ARG A 1 46  ? 4.332   7.493   1.124   1.00 73.20  ? 46  ARG A N   1 
ATOM 325 C CA  . ARG A 1 46  ? 4.086   7.741   -0.291  1.00 73.20  ? 46  ARG A CA  1 
ATOM 326 C C   . ARG A 1 46  ? 3.165   6.693   -0.892  1.00 73.20  ? 46  ARG A C   1 
ATOM 327 O O   . ARG A 1 46  ? 2.458   6.979   -1.864  1.00 73.20  ? 46  ARG A O   1 
ATOM 328 C CB  . ARG A 1 46  ? 5.397   7.768   -1.070  1.00 73.20  ? 46  ARG A CB  1 
ATOM 329 C CG  . ARG A 1 46  ? 6.286   8.947   -0.773  1.00 73.20  ? 46  ARG A CG  1 
ATOM 330 C CD  . ARG A 1 46  ? 7.486   8.948   -1.698  1.00 73.20  ? 46  ARG A CD  1 
ATOM 331 N NE  . ARG A 1 46  ? 8.390   7.834   -1.439  1.00 73.20  ? 46  ARG A NE  1 
ATOM 332 C CZ  . ARG A 1 46  ? 8.585   6.827   -2.281  1.00 73.20  ? 46  ARG A CZ  1 
ATOM 333 N NH1 . ARG A 1 46  ? 7.932   6.791   -3.432  1.00 73.20  ? 46  ARG A NH1 1 
ATOM 334 N NH2 . ARG A 1 46  ? 9.429   5.854   -1.973  1.00 73.20  ? 46  ARG A NH2 1 
ATOM 335 N N   . LEU A 1 47  ? 3.174   5.475   -0.352  1.00 65.17  ? 47  LEU A N   1 
ATOM 336 C CA  . LEU A 1 47  ? 2.283   4.438   -0.858  1.00 65.17  ? 47  LEU A CA  1 
ATOM 337 C C   . LEU A 1 47  ? 0.838   4.736   -0.495  1.00 65.17  ? 47  LEU A C   1 
ATOM 338 O O   . LEU A 1 47  ? -0.044  4.708   -1.357  1.00 65.17  ? 47  LEU A O   1 
ATOM 339 C CB  . LEU A 1 47  ? 2.699   3.073   -0.319  1.00 65.17  ? 47  LEU A CB  1 
ATOM 340 C CG  . LEU A 1 47  ? 1.829   1.911   -0.791  1.00 65.17  ? 47  LEU A CG  1 
ATOM 341 C CD1 . LEU A 1 47  ? 1.893   1.792   -2.288  1.00 65.17  ? 47  LEU A CD1 1 
ATOM 342 C CD2 . LEU A 1 47  ? 2.279   0.627   -0.145  1.00 65.17  ? 47  LEU A CD2 1 
ATOM 343 N N   . LEU A 1 48  ? 0.579   5.045   0.776   1.00 63.85  ? 48  LEU A N   1 
ATOM 344 C CA  . LEU A 1 48  ? -0.784  5.314   1.211   1.00 63.85  ? 48  LEU A CA  1 
ATOM 345 C C   . LEU A 1 48  ? -1.299  6.652   0.700   1.00 63.85  ? 48  LEU A C   1 
ATOM 346 O O   . LEU A 1 48  ? -2.516  6.856   0.657   1.00 63.85  ? 48  LEU A O   1 
ATOM 347 C CB  . LEU A 1 48  ? -0.862  5.274   2.733   1.00 63.85  ? 48  LEU A CB  1 
ATOM 348 C CG  . LEU A 1 48  ? -0.489  3.933   3.363   1.00 63.85  ? 48  LEU A CG  1 
ATOM 349 C CD1 . LEU A 1 48  ? -0.514  4.027   4.874   1.00 63.85  ? 48  LEU A CD1 1 
ATOM 350 C CD2 . LEU A 1 48  ? -1.408  2.838   2.878   1.00 63.85  ? 48  LEU A CD2 1 
ATOM 351 N N   . SER A 1 49  ? -0.408  7.567   0.317   1.00 64.45  ? 49  SER A N   1 
ATOM 352 C CA  . SER A 1 49  ? -0.851  8.798   -0.325  1.00 64.45  ? 49  SER A CA  1 
ATOM 353 C C   . SER A 1 49  ? -1.259  8.557   -1.767  1.00 64.45  ? 49  SER A C   1 
ATOM 354 O O   . SER A 1 49  ? -2.038  9.334   -2.327  1.00 64.45  ? 49  SER A O   1 
ATOM 355 C CB  . SER A 1 49  ? 0.247   9.854   -0.269  1.00 64.45  ? 49  SER A CB  1 
ATOM 356 O OG  . SER A 1 49  ? -0.151  11.028  -0.949  1.00 64.45  ? 49  SER A OG  1 
ATOM 357 N N   . ARG A 1 50  ? -0.742  7.497   -2.384  1.00 62.01  ? 50  ARG A N   1 
ATOM 358 C CA  . ARG A 1 50  ? -1.065  7.191   -3.768  1.00 62.01  ? 50  ARG A CA  1 
ATOM 359 C C   . ARG A 1 50  ? -2.259  6.254   -3.887  1.00 62.01  ? 50  ARG A C   1 
ATOM 360 O O   . ARG A 1 50  ? -3.015  6.347   -4.860  1.00 62.01  ? 50  ARG A O   1 
ATOM 361 C CB  . ARG A 1 50  ? 0.163   6.597   -4.463  1.00 62.01  ? 50  ARG A CB  1 
ATOM 362 C CG  . ARG A 1 50  ? 0.022   6.421   -5.955  1.00 62.01  ? 50  ARG A CG  1 
ATOM 363 C CD  . ARG A 1 50  ? 1.334   6.025   -6.599  1.00 62.01  ? 50  ARG A CD  1 
ATOM 364 N NE  . ARG A 1 50  ? 1.161   5.742   -8.019  1.00 62.01  ? 50  ARG A NE  1 
ATOM 365 C CZ  . ARG A 1 50  ? 1.187   6.666   -8.972  1.00 62.01  ? 50  ARG A CZ  1 
ATOM 366 N NH1 . ARG A 1 50  ? 1.380   7.937   -8.660  1.00 62.01  ? 50  ARG A NH1 1 
ATOM 367 N NH2 . ARG A 1 50  ? 1.017   6.315   -10.239 1.00 62.01  ? 50  ARG A NH2 1 
ATOM 368 N N   . VAL A 1 51  ? -2.459  5.371   -2.908  1.00 59.68  ? 51  VAL A N   1 
ATOM 369 C CA  . VAL A 1 51  ? -3.667  4.553   -2.873  1.00 59.68  ? 51  VAL A CA  1 
ATOM 370 C C   . VAL A 1 51  ? -4.888  5.427   -2.621  1.00 59.68  ? 51  VAL A C   1 
ATOM 371 O O   . VAL A 1 51  ? -5.956  5.217   -3.211  1.00 59.68  ? 51  VAL A O   1 
ATOM 372 C CB  . VAL A 1 51  ? -3.521  3.444   -1.814  1.00 59.68  ? 51  VAL A CB  1 
ATOM 373 C CG1 . VAL A 1 51  ? -4.791  2.639   -1.678  1.00 59.68  ? 51  VAL A CG1 1 
ATOM 374 C CG2 . VAL A 1 51  ? -2.380  2.528   -2.171  1.00 59.68  ? 51  VAL A CG2 1 
ATOM 375 N N   . ALA A 1 52  ? -4.739  6.453   -1.785  1.00 60.22  ? 52  ALA A N   1 
ATOM 376 C CA  . ALA A 1 52  ? -5.842  7.364   -1.520  1.00 60.22  ? 52  ALA A CA  1 
ATOM 377 C C   . ALA A 1 52  ? -6.132  8.285   -2.693  1.00 60.22  ? 52  ALA A C   1 
ATOM 378 O O   . ALA A 1 52  ? -7.261  8.770   -2.818  1.00 60.22  ? 52  ALA A O   1 
ATOM 379 C CB  . ALA A 1 52  ? -5.547  8.199   -0.277  1.00 60.22  ? 52  ALA A CB  1 
ATOM 380 N N   . ALA A 1 53  ? -5.146  8.536   -3.552  1.00 60.21  ? 53  ALA A N   1 
ATOM 381 C CA  . ALA A 1 53  ? -5.354  9.434   -4.680  1.00 60.21  ? 53  ALA A CA  1 
ATOM 382 C C   . ALA A 1 53  ? -6.138  8.774   -5.802  1.00 60.21  ? 53  ALA A C   1 
ATOM 383 O O   . ALA A 1 53  ? -6.836  9.466   -6.549  1.00 60.21  ? 53  ALA A O   1 
ATOM 384 C CB  . ALA A 1 53  ? -4.011  9.931   -5.210  1.00 60.21  ? 53  ALA A CB  1 
ATOM 385 N N   . LEU A 1 54  ? -6.042  7.453   -5.934  1.00 59.53  ? 54  LEU A N   1 
ATOM 386 C CA  . LEU A 1 54  ? -6.645  6.770   -7.073  1.00 59.53  ? 54  LEU A CA  1 
ATOM 387 C C   . LEU A 1 54  ? -8.097  6.406   -6.811  1.00 59.53  ? 54  LEU A C   1 
ATOM 388 O O   . LEU A 1 54  ? -8.973  6.693   -7.631  1.00 59.53  ? 54  LEU A O   1 
ATOM 389 C CB  . LEU A 1 54  ? -5.844  5.522   -7.415  1.00 59.53  ? 54  LEU A CB  1 
ATOM 390 C CG  . LEU A 1 54  ? -4.429  5.820   -7.873  1.00 59.53  ? 54  LEU A CG  1 
ATOM 391 C CD1 . LEU A 1 54  ? -3.762  4.523   -8.081  1.00 59.53  ? 54  LEU A CD1 1 
ATOM 392 C CD2 . LEU A 1 54  ? -4.420  6.632   -9.147  1.00 59.53  ? 54  LEU A CD2 1 
ATOM 393 N N   . PHE A 1 55  ? -8.362  5.741   -5.695  1.00 55.52  ? 55  PHE A N   1 
ATOM 394 C CA  . PHE A 1 55  ? -9.714  5.333   -5.350  1.00 55.52  ? 55  PHE A CA  1 
ATOM 395 C C   . PHE A 1 55  ? -10.588 6.542   -5.043  1.00 55.52  ? 55  PHE A C   1 
ATOM 396 O O   . PHE A 1 55  ? -10.248 7.331   -4.149  1.00 55.52  ? 55  PHE A O   1 
ATOM 397 C CB  . PHE A 1 55  ? -9.703  4.401   -4.149  1.00 55.52  ? 55  PHE A CB  1 
ATOM 398 C CG  . PHE A 1 55  ? -9.201  3.026   -4.442  1.00 55.52  ? 55  PHE A CG  1 
ATOM 399 C CD1 . PHE A 1 55  ? -10.039 2.081   -5.000  1.00 55.52  ? 55  PHE A CD1 1 
ATOM 400 C CD2 . PHE A 1 55  ? -7.904  2.667   -4.136  1.00 55.52  ? 55  PHE A CD2 1 
ATOM 401 C CE1 . PHE A 1 55  ? -9.587  0.810   -5.255  1.00 55.52  ? 55  PHE A CE1 1 
ATOM 402 C CE2 . PHE A 1 55  ? -7.449  1.395   -4.392  1.00 55.52  ? 55  PHE A CE2 1 
ATOM 403 C CZ  . PHE A 1 55  ? -8.294  0.468   -4.948  1.00 55.52  ? 55  PHE A CZ  1 
ATOM 404 N N   . PRO A 1 56  ? -11.703 6.732   -5.749  1.00 59.29  ? 56  PRO A N   1 
ATOM 405 C CA  . PRO A 1 56  ? -12.639 7.788   -5.351  1.00 59.29  ? 56  PRO A CA  1 
ATOM 406 C C   . PRO A 1 56  ? -13.493 7.404   -4.161  1.00 59.29  ? 56  PRO A C   1 
ATOM 407 O O   . PRO A 1 56  ? -14.058 8.295   -3.513  1.00 59.29  ? 56  PRO A O   1 
ATOM 408 C CB  . PRO A 1 56  ? -13.501 7.976   -6.604  1.00 59.29  ? 56  PRO A CB  1 
ATOM 409 C CG  . PRO A 1 56  ? -13.488 6.633   -7.248  1.00 59.29  ? 56  PRO A CG  1 
ATOM 410 C CD  . PRO A 1 56  ? -12.130 6.050   -6.982  1.00 59.29  ? 56  PRO A CD  1 
ATOM 411 N N   . ALA A 1 57  ? -13.599 6.114   -3.850  1.00 59.12  ? 57  ALA A N   1 
ATOM 412 C CA  . ALA A 1 57  ? -14.494 5.625   -2.812  1.00 59.12  ? 57  ALA A CA  1 
ATOM 413 C C   . ALA A 1 57  ? -13.942 5.795   -1.404  1.00 59.12  ? 57  ALA A C   1 
ATOM 414 O O   . ALA A 1 57  ? -14.659 5.496   -0.444  1.00 59.12  ? 57  ALA A O   1 
ATOM 415 C CB  . ALA A 1 57  ? -14.817 4.150   -3.055  1.00 59.12  ? 57  ALA A CB  1 
ATOM 416 N N   . LEU A 1 58  ? -12.704 6.252   -1.246  1.00 58.99  ? 58  LEU A N   1 
ATOM 417 C CA  . LEU A 1 58  ? -12.123 6.415   0.077   1.00 58.99  ? 58  LEU A CA  1 
ATOM 418 C C   . LEU A 1 58  ? -11.372 7.733   0.156   1.00 58.99  ? 58  LEU A C   1 
ATOM 419 O O   . LEU A 1 58  ? -10.963 8.297   -0.861  1.00 58.99  ? 58  LEU A O   1 
ATOM 420 C CB  . LEU A 1 58  ? -11.212 5.232   0.445   1.00 58.99  ? 58  LEU A CB  1 
ATOM 421 C CG  . LEU A 1 58  ? -10.048 4.762   -0.431  1.00 58.99  ? 58  LEU A CG  1 
ATOM 422 C CD1 . LEU A 1 58  ? -8.760  5.498   -0.161  1.00 58.99  ? 58  LEU A CD1 1 
ATOM 423 C CD2 . LEU A 1 58  ? -9.836  3.293   -0.200  1.00 58.99  ? 58  LEU A CD2 1 
ATOM 424 N N   . ARG A 1 59  ? -11.186 8.204   1.382   1.00 59.94  ? 59  ARG A N   1 
ATOM 425 C CA  . ARG A 1 59  ? -10.565 9.477   1.690   1.00 59.94  ? 59  ARG A CA  1 
ATOM 426 C C   . ARG A 1 59  ? -9.325  9.222   2.538   1.00 59.94  ? 59  ARG A C   1 
ATOM 427 O O   . ARG A 1 59  ? -9.284  8.251   3.302   1.00 59.94  ? 59  ARG A O   1 
ATOM 428 C CB  . ARG A 1 59  ? -11.573 10.398  2.408   1.00 59.94  ? 59  ARG A CB  1 
ATOM 429 C CG  . ARG A 1 59  ? -12.126 9.930   3.756   1.00 59.94  ? 59  ARG A CG  1 
ATOM 430 C CD  . ARG A 1 59  ? -11.415 10.624  4.911   1.00 59.94  ? 59  ARG A CD  1 
ATOM 431 N NE  . ARG A 1 59  ? -11.981 10.306  6.217   1.00 59.94  ? 59  ARG A NE  1 
ATOM 432 C CZ  . ARG A 1 59  ? -11.452 10.706  7.369   1.00 59.94  ? 59  ARG A CZ  1 
ATOM 433 N NH1 . ARG A 1 59  ? -10.351 11.444  7.371   1.00 59.94  ? 59  ARG A NH1 1 
ATOM 434 N NH2 . ARG A 1 59  ? -12.023 10.373  8.517   1.00 59.94  ? 59  ARG A NH2 1 
ATOM 435 N N   . PRO A 1 60  ? -8.278  10.048  2.404   1.00 59.37  ? 60  PRO A N   1 
ATOM 436 C CA  . PRO A 1 60  ? -6.994  9.719   3.036   1.00 59.37  ? 60  PRO A CA  1 
ATOM 437 C C   . PRO A 1 60  ? -7.039  9.819   4.552   1.00 59.37  ? 60  PRO A C   1 
ATOM 438 O O   . PRO A 1 60  ? -7.664  10.717  5.121   1.00 59.37  ? 60  PRO A O   1 
ATOM 439 C CB  . PRO A 1 60  ? -6.032  10.753  2.444   1.00 59.37  ? 60  PRO A CB  1 
ATOM 440 C CG  . PRO A 1 60  ? -6.890  11.881  2.058   1.00 59.37  ? 60  PRO A CG  1 
ATOM 441 C CD  . PRO A 1 60  ? -8.177  11.276  1.596   1.00 59.37  ? 60  PRO A CD  1 
ATOM 442 N N   . GLY A 1 61  ? -6.359  8.876   5.199   1.00 59.26  ? 61  GLY A N   1 
ATOM 443 C CA  . GLY A 1 61  ? -6.413  8.726   6.634   1.00 59.26  ? 61  GLY A CA  1 
ATOM 444 C C   . GLY A 1 61  ? -7.507  7.812   7.130   1.00 59.26  ? 61  GLY A C   1 
ATOM 445 O O   . GLY A 1 61  ? -7.598  7.585   8.342   1.00 59.26  ? 61  GLY A O   1 
ATOM 446 N N   . GLY A 1 62  ? -8.334  7.275   6.239   1.00 60.81  ? 62  GLY A N   1 
ATOM 447 C CA  . GLY A 1 62  ? -9.449  6.451   6.651   1.00 60.81  ? 62  GLY A CA  1 
ATOM 448 C C   . GLY A 1 62  ? -9.474  5.078   6.015   1.00 60.81  ? 62  GLY A C   1 
ATOM 449 O O   . GLY A 1 62  ? -10.541 4.591   5.635   1.00 60.81  ? 62  GLY A O   1 
ATOM 450 N N   . PHE A 1 63  ? -8.311  4.444   5.892   1.00 57.25  ? 63  PHE A N   1 
ATOM 451 C CA  . PHE A 1 63  ? -8.240  3.106   5.324   1.00 57.25  ? 63  PHE A CA  1 
ATOM 452 C C   . PHE A 1 63  ? -6.999  2.408   5.859   1.00 57.25  ? 63  PHE A C   1 
ATOM 453 O O   . PHE A 1 63  ? -5.989  3.050   6.157   1.00 57.25  ? 63  PHE A O   1 
ATOM 454 C CB  . PHE A 1 63  ? -8.238  3.138   3.788   1.00 57.25  ? 63  PHE A CB  1 
ATOM 455 C CG  . PHE A 1 63  ? -7.036  3.808   3.183   1.00 57.25  ? 63  PHE A CG  1 
ATOM 456 C CD1 . PHE A 1 63  ? -7.003  5.179   3.020   1.00 57.25  ? 63  PHE A CD1 1 
ATOM 457 C CD2 . PHE A 1 63  ? -5.966  3.059   2.724   1.00 57.25  ? 63  PHE A CD2 1 
ATOM 458 C CE1 . PHE A 1 63  ? -5.912  5.795   2.458   1.00 57.25  ? 63  PHE A CE1 1 
ATOM 459 C CE2 . PHE A 1 63  ? -4.875  3.670   2.161   1.00 57.25  ? 63  PHE A CE2 1 
ATOM 460 C CZ  . PHE A 1 63  ? -4.849  5.040   2.025   1.00 57.25  ? 63  PHE A CZ  1 
ATOM 461 N N   . GLN A 1 64  ? -7.087  1.088   5.970   1.00 52.47  ? 64  GLN A N   1 
ATOM 462 C CA  . GLN A 1 64  ? -6.008  0.257   6.485   1.00 52.47  ? 64  GLN A CA  1 
ATOM 463 C C   . GLN A 1 64  ? -5.559  -0.694  5.386   1.00 52.47  ? 64  GLN A C   1 
ATOM 464 O O   . GLN A 1 64  ? -6.350  -1.519  4.921   1.00 52.47  ? 64  GLN A O   1 
ATOM 465 C CB  . GLN A 1 64  ? -6.467  -0.524  7.715   1.00 52.47  ? 64  GLN A CB  1 
ATOM 466 C CG  . GLN A 1 64  ? -5.384  -1.351  8.374   1.00 52.47  ? 64  GLN A CG  1 
ATOM 467 C CD  . GLN A 1 64  ? -4.341  -0.504  9.057   1.00 52.47  ? 64  GLN A CD  1 
ATOM 468 O OE1 . GLN A 1 64  ? -4.661  0.470   9.730   1.00 52.47  ? 64  GLN A OE1 1 
ATOM 469 N NE2 . GLN A 1 64  ? -3.080  -0.866  8.882   1.00 52.47  ? 64  GLN A NE2 1 
ATOM 470 N N   . ALA A 1 65  ? -4.301  -0.580  4.974   1.00 47.90  ? 65  ALA A N   1 
ATOM 471 C CA  . ALA A 1 65  ? -3.750  -1.420  3.922   1.00 47.90  ? 65  ALA A CA  1 
ATOM 472 C C   . ALA A 1 65  ? -3.158  -2.684  4.526   1.00 47.90  ? 65  ALA A C   1 
ATOM 473 O O   . ALA A 1 65  ? -2.522  -2.638  5.580   1.00 47.90  ? 65  ALA A O   1 
ATOM 474 C CB  . ALA A 1 65  ? -2.681  -0.675  3.130   1.00 47.90  ? 65  ALA A CB  1 
ATOM 475 N N   . HIS A 1 66  ? -3.362  -3.807  3.852   1.00 45.31  ? 66  HIS A N   1 
ATOM 476 C CA  . HIS A 1 66  ? -2.953  -5.112  4.346   1.00 45.31  ? 66  HIS A CA  1 
ATOM 477 C C   . HIS A 1 66  ? -2.060  -5.803  3.325   1.00 45.31  ? 66  HIS A C   1 
ATOM 478 O O   . HIS A 1 66  ? -1.726  -5.245  2.282   1.00 45.31  ? 66  HIS A O   1 
ATOM 479 C CB  . HIS A 1 66  ? -4.173  -5.984  4.640   1.00 45.31  ? 66  HIS A CB  1 
ATOM 480 C CG  . HIS A 1 66  ? -5.081  -5.427  5.687   1.00 45.31  ? 66  HIS A CG  1 
ATOM 481 N ND1 . HIS A 1 66  ? -6.101  -4.552  5.393   1.00 45.31  ? 66  HIS A ND1 1 
ATOM 482 C CD2 . HIS A 1 66  ? -5.138  -5.637  7.021   1.00 45.31  ? 66  HIS A CD2 1 
ATOM 483 C CE1 . HIS A 1 66  ? -6.741  -4.237  6.503   1.00 45.31  ? 66  HIS A CE1 1 
ATOM 484 N NE2 . HIS A 1 66  ? -6.176  -4.882  7.506   1.00 45.31  ? 66  HIS A NE2 1 
ATOM 485 N N   . TYR A 1 67  ? -1.680  -7.036  3.644   1.00 47.99  ? 67  TYR A N   1 
ATOM 486 C CA  . TYR A 1 67  ? -1.079  -7.965  2.694   1.00 47.99  ? 67  TYR A CA  1 
ATOM 487 C C   . TYR A 1 67  ? -1.323  -9.370  3.219   1.00 47.99  ? 67  TYR A C   1 
ATOM 488 O O   . TYR A 1 67  ? -1.661  -9.557  4.389   1.00 47.99  ? 67  TYR A O   1 
ATOM 489 C CB  . TYR A 1 67  ? 0.413   -7.687  2.487   1.00 47.99  ? 67  TYR A CB  1 
ATOM 490 C CG  . TYR A 1 67  ? 1.285   -7.873  3.705   1.00 47.99  ? 67  TYR A CG  1 
ATOM 491 C CD1 . TYR A 1 67  ? 1.468   -6.843  4.608   1.00 47.99  ? 67  TYR A CD1 1 
ATOM 492 C CD2 . TYR A 1 67  ? 1.967   -9.060  3.926   1.00 47.99  ? 67  TYR A CD2 1 
ATOM 493 C CE1 . TYR A 1 67  ? 2.274   -7.000  5.716   1.00 47.99  ? 67  TYR A CE1 1 
ATOM 494 C CE2 . TYR A 1 67  ? 2.771   -9.222  5.030   1.00 47.99  ? 67  TYR A CE2 1 
ATOM 495 C CZ  . TYR A 1 67  ? 2.925   -8.190  5.915   1.00 47.99  ? 67  TYR A CZ  1 
ATOM 496 O OH  . TYR A 1 67  ? 3.729   -8.351  7.012   1.00 47.99  ? 67  TYR A OH  1 
ATOM 497 N N   . ARG A 1 68  ? -1.153  -10.363 2.357   1.00 49.53  ? 68  ARG A N   1 
ATOM 498 C CA  . ARG A 1 68  ? -1.279  -11.755 2.762   1.00 49.53  ? 68  ARG A CA  1 
ATOM 499 C C   . ARG A 1 68  ? 0.097   -12.339 3.016   1.00 49.53  ? 68  ARG A C   1 
ATOM 500 O O   . ARG A 1 68  ? 0.992   -12.219 2.176   1.00 49.53  ? 68  ARG A O   1 
ATOM 501 C CB  . ARG A 1 68  ? -2.009  -12.598 1.717   1.00 49.53  ? 68  ARG A CB  1 
ATOM 502 C CG  . ARG A 1 68  ? -3.486  -12.333 1.644   1.00 49.53  ? 68  ARG A CG  1 
ATOM 503 C CD  . ARG A 1 68  ? -4.179  -13.328 0.744   1.00 49.53  ? 68  ARG A CD  1 
ATOM 504 N NE  . ARG A 1 68  ? -5.588  -12.991 0.583   1.00 49.53  ? 68  ARG A NE  1 
ATOM 505 C CZ  . ARG A 1 68  ? -6.550  -13.386 1.407   1.00 49.53  ? 68  ARG A CZ  1 
ATOM 506 N NH1 . ARG A 1 68  ? -6.257  -14.138 2.457   1.00 49.53  ? 68  ARG A NH1 1 
ATOM 507 N NH2 . ARG A 1 68  ? -7.805  -13.028 1.184   1.00 49.53  ? 68  ARG A NH2 1 
ATOM 508 N N   . ASP A 1 69  ? 0.257   -12.971 4.168   1.00 54.97  ? 69  ASP A N   1 
ATOM 509 C CA  . ASP A 1 69  ? 1.482   -13.677 4.495   1.00 54.97  ? 69  ASP A CA  1 
ATOM 510 C C   . ASP A 1 69  ? 1.365   -15.133 4.052   1.00 54.97  ? 69  ASP A C   1 
ATOM 511 O O   . ASP A 1 69  ? 0.476   -15.500 3.281   1.00 54.97  ? 69  ASP A O   1 
ATOM 512 C CB  . ASP A 1 69  ? 1.799   -13.524 5.979   1.00 54.97  ? 69  ASP A CB  1 
ATOM 513 C CG  . ASP A 1 69  ? 0.667   -13.967 6.872   1.00 54.97  ? 69  ASP A CG  1 
ATOM 514 O OD1 . ASP A 1 69  ? -0.427  -14.283 6.367   1.00 54.97  ? 69  ASP A OD1 1 
ATOM 515 O OD2 . ASP A 1 69  ? 0.873   -14.004 8.099   1.00 54.97  ? 69  ASP A OD2 1 
ATOM 516 N N   . GLU A 1 70  ? 2.273   -15.980 4.539   1.00 59.96  ? 70  GLU A N   1 
ATOM 517 C CA  . GLU A 1 70  ? 2.293   -17.376 4.118   1.00 59.96  ? 70  GLU A CA  1 
ATOM 518 C C   . GLU A 1 70  ? 1.126   -18.159 4.704   1.00 59.96  ? 70  GLU A C   1 
ATOM 519 O O   . GLU A 1 70  ? 0.774   -19.229 4.197   1.00 59.96  ? 70  GLU A O   1 
ATOM 520 C CB  . GLU A 1 70  ? 3.621   -18.016 4.518   1.00 59.96  ? 70  GLU A CB  1 
ATOM 521 C CG  . GLU A 1 70  ? 3.782   -18.238 6.015   1.00 59.96  ? 70  GLU A CG  1 
ATOM 522 C CD  . GLU A 1 70  ? 4.351   -17.037 6.747   1.00 59.96  ? 70  GLU A CD  1 
ATOM 523 O OE1 . GLU A 1 70  ? 4.423   -15.941 6.156   1.00 59.96  ? 70  GLU A OE1 1 
ATOM 524 O OE2 . GLU A 1 70  ? 4.718   -17.188 7.927   1.00 59.96  ? 70  GLU A OE2 1 
ATOM 525 N N   . ASP A 1 71  ? 0.506   -17.642 5.765   1.00 61.13  ? 71  ASP A N   1 
ATOM 526 C CA  . ASP A 1 71  ? -0.601  -18.350 6.391   1.00 61.13  ? 71  ASP A CA  1 
ATOM 527 C C   . ASP A 1 71  ? -1.937  -17.999 5.757   1.00 61.13  ? 71  ASP A C   1 
ATOM 528 O O   . ASP A 1 71  ? -2.955  -18.601 6.108   1.00 61.13  ? 71  ASP A O   1 
ATOM 529 C CB  . ASP A 1 71  ? -0.639  -18.041 7.884   1.00 61.13  ? 71  ASP A CB  1 
ATOM 530 C CG  . ASP A 1 71  ? 0.564   -18.584 8.617   1.00 61.13  ? 71  ASP A CG  1 
ATOM 531 O OD1 . ASP A 1 71  ? 1.123   -19.600 8.163   1.00 61.13  ? 71  ASP A OD1 1 
ATOM 532 O OD2 . ASP A 1 71  ? 0.954   -17.999 9.647   1.00 61.13  ? 71  ASP A OD2 1 
ATOM 533 N N   . GLY A 1 72  ? -1.961  -17.038 4.844   1.00 57.10  ? 72  GLY A N   1 
ATOM 534 C CA  . GLY A 1 72  ? -3.199  -16.583 4.258   1.00 57.10  ? 72  GLY A CA  1 
ATOM 535 C C   . GLY A 1 72  ? -3.898  -15.492 5.027   1.00 57.10  ? 72  GLY A C   1 
ATOM 536 O O   . GLY A 1 72  ? -5.017  -15.121 4.662   1.00 57.10  ? 72  GLY A O   1 
ATOM 537 N N   . ASP A 1 73  ? -3.277  -14.968 6.076   1.00 54.70  ? 73  ASP A N   1 
ATOM 538 C CA  . ASP A 1 73  ? -3.883  -13.956 6.922   1.00 54.70  ? 73  ASP A CA  1 
ATOM 539 C C   . ASP A 1 73  ? -3.596  -12.564 6.382   1.00 54.70  ? 73  ASP A C   1 
ATOM 540 O O   . ASP A 1 73  ? -2.528  -12.300 5.830   1.00 54.70  ? 73  ASP A O   1 
ATOM 541 C CB  . ASP A 1 73  ? -3.351  -14.075 8.347   1.00 54.70  ? 73  ASP A CB  1 
ATOM 542 C CG  . ASP A 1 73  ? -3.842  -15.318 9.049   1.00 54.70  ? 73  ASP A CG  1 
ATOM 543 O OD1 . ASP A 1 73  ? -4.967  -15.766 8.748   1.00 54.70  ? 73  ASP A OD1 1 
ATOM 544 O OD2 . ASP A 1 73  ? -3.103  -15.850 9.899   1.00 54.70  ? 73  ASP A OD2 1 
ATOM 545 N N   . LEU A 1 74  ? -4.562  -11.668 6.553   1.00 47.12  ? 74  LEU A N   1 
ATOM 546 C CA  . LEU A 1 74  ? -4.401  -10.283 6.119   1.00 47.12  ? 74  LEU A CA  1 
ATOM 547 C C   . LEU A 1 74  ? -3.633  -9.529  7.190   1.00 47.12  ? 74  LEU A C   1 
ATOM 548 O O   . LEU A 1 74  ? -4.206  -8.944  8.107   1.00 47.12  ? 74  LEU A O   1 
ATOM 549 C CB  . LEU A 1 74  ? -5.750  -9.639  5.847   1.00 47.12  ? 74  LEU A CB  1 
ATOM 550 C CG  . LEU A 1 74  ? -6.496  -10.168 4.632   1.00 47.12  ? 74  LEU A CG  1 
ATOM 551 C CD1 . LEU A 1 74  ? -7.874  -9.565  4.581   1.00 47.12  ? 74  LEU A CD1 1 
ATOM 552 C CD2 . LEU A 1 74  ? -5.729  -9.830  3.384   1.00 47.12  ? 74  LEU A CD2 1 
ATOM 553 N N   . VAL A 1 75  ? -2.312  -9.541  7.068   1.00 46.13  ? 75  VAL A N   1 
ATOM 554 C CA  . VAL A 1 75  ? -1.451  -8.799  7.978   1.00 46.13  ? 75  VAL A CA  1 
ATOM 555 C C   . VAL A 1 75  ? -1.476  -7.331  7.577   1.00 46.13  ? 75  VAL A C   1 
ATOM 556 O O   . VAL A 1 75  ? -1.204  -6.994  6.423   1.00 46.13  ? 75  VAL A O   1 
ATOM 557 C CB  . VAL A 1 75  ? -0.024  -9.351  7.951   1.00 46.13  ? 75  VAL A CB  1 
ATOM 558 C CG1 . VAL A 1 75  ? 0.875   -8.499  8.797   1.00 46.13  ? 75  VAL A CG1 1 
ATOM 559 C CG2 . VAL A 1 75  ? -0.013  -10.774 8.437   1.00 46.13  ? 75  VAL A CG2 1 
ATOM 560 N N   . ALA A 1 76  ? -1.797  -6.458  8.525   1.00 46.11  ? 76  ALA A N   1 
ATOM 561 C CA  . ALA A 1 76  ? -1.827  -5.034  8.244   1.00 46.11  ? 76  ALA A CA  1 
ATOM 562 C C   . ALA A 1 76  ? -0.422  -4.456  8.276   1.00 46.11  ? 76  ALA A C   1 
ATOM 563 O O   . ALA A 1 76  ? 0.503   -5.051  8.824   1.00 46.11  ? 76  ALA A O   1 
ATOM 564 C CB  . ALA A 1 76  ? -2.708  -4.306  9.254   1.00 46.11  ? 76  ALA A CB  1 
ATOM 565 N N   . PHE A 1 77  ? -0.262  -3.290  7.655   1.00 49.25  ? 77  PHE A N   1 
ATOM 566 C CA  . PHE A 1 77  ? 0.979   -2.537  7.751   1.00 49.25  ? 77  PHE A CA  1 
ATOM 567 C C   . PHE A 1 77  ? 0.661   -1.052  7.688   1.00 49.25  ? 77  PHE A C   1 
ATOM 568 O O   . PHE A 1 77  ? -0.201  -0.618  6.923   1.00 49.25  ? 77  PHE A O   1 
ATOM 569 C CB  . PHE A 1 77  ? 1.990   -2.930  6.655   1.00 49.25  ? 77  PHE A CB  1 
ATOM 570 C CG  . PHE A 1 77  ? 1.580   -2.557  5.256   1.00 49.25  ? 77  PHE A CG  1 
ATOM 571 C CD1 . PHE A 1 77  ? 0.771   -3.392  4.513   1.00 49.25  ? 77  PHE A CD1 1 
ATOM 572 C CD2 . PHE A 1 77  ? 2.058   -1.399  4.662   1.00 49.25  ? 77  PHE A CD2 1 
ATOM 573 C CE1 . PHE A 1 77  ? 0.409   -3.057  3.229   1.00 49.25  ? 77  PHE A CE1 1 
ATOM 574 C CE2 . PHE A 1 77  ? 1.695   -1.062  3.379   1.00 49.25  ? 77  PHE A CE2 1 
ATOM 575 C CZ  . PHE A 1 77  ? 0.874   -1.894  2.663   1.00 49.25  ? 77  PHE A CZ  1 
ATOM 576 N N   . SER A 1 78  ? 1.349   -0.278  8.522   1.00 57.12  ? 78  SER A N   1 
ATOM 577 C CA  . SER A 1 78  ? 1.160   1.164   8.531   1.00 57.12  ? 78  SER A CA  1 
ATOM 578 C C   . SER A 1 78  ? 2.489   1.897   8.657   1.00 57.12  ? 78  SER A C   1 
ATOM 579 O O   . SER A 1 78  ? 2.559   3.107   8.430   1.00 57.12  ? 78  SER A O   1 
ATOM 580 C CB  . SER A 1 78  ? 0.220   1.564   9.664   1.00 57.12  ? 78  SER A CB  1 
ATOM 581 O OG  . SER A 1 78  ? 0.793   1.263   10.921  1.00 57.12  ? 78  SER A OG  1 
ATOM 582 N N   . SER A 1 79  ? 3.542   1.180   9.025   1.00 61.92  ? 79  SER A N   1 
ATOM 583 C CA  . SER A 1 79  ? 4.866   1.759   9.177   1.00 61.92  ? 79  SER A CA  1 
ATOM 584 C C   . SER A 1 79  ? 5.690   1.536   7.917   1.00 61.92  ? 79  SER A C   1 
ATOM 585 O O   . SER A 1 79  ? 5.305   0.794   7.015   1.00 61.92  ? 79  SER A O   1 
ATOM 586 C CB  . SER A 1 79  ? 5.582   1.157   10.387  1.00 61.92  ? 79  SER A CB  1 
ATOM 587 O OG  . SER A 1 79  ? 4.897   1.464   11.588  1.00 61.92  ? 79  SER A OG  1 
ATOM 588 N N   . ASP A 1 80  ? 6.849   2.188   7.867   1.00 68.17  ? 80  ASP A N   1 
ATOM 589 C CA  . ASP A 1 80  ? 7.756   2.019   6.743   1.00 68.17  ? 80  ASP A CA  1 
ATOM 590 C C   . ASP A 1 80  ? 8.940   1.118   7.060   1.00 68.17  ? 80  ASP A C   1 
ATOM 591 O O   . ASP A 1 80  ? 9.707   0.787   6.151   1.00 68.17  ? 80  ASP A O   1 
ATOM 592 C CB  . ASP A 1 80  ? 8.246   3.382   6.243   1.00 68.17  ? 80  ASP A CB  1 
ATOM 593 C CG  . ASP A 1 80  ? 8.874   4.224   7.335   1.00 68.17  ? 80  ASP A CG  1 
ATOM 594 O OD1 . ASP A 1 80  ? 8.850   3.817   8.515   1.00 68.17  ? 80  ASP A OD1 1 
ATOM 595 O OD2 . ASP A 1 80  ? 9.397   5.309   7.007   1.00 68.17  ? 80  ASP A OD2 1 
ATOM 596 N N   . GLU A 1 81  ? 9.110   0.725   8.319   1.00 66.02  ? 81  GLU A N   1 
ATOM 597 C CA  . GLU A 1 81  ? 9.962   -0.399  8.671   1.00 66.02  ? 81  GLU A CA  1 
ATOM 598 C C   . GLU A 1 81  ? 9.195   -1.708  8.652   1.00 66.02  ? 81  GLU A C   1 
ATOM 599 O O   . GLU A 1 81  ? 9.795   -2.771  8.828   1.00 66.02  ? 81  GLU A O   1 
ATOM 600 C CB  . GLU A 1 81  ? 10.601  -0.175  10.051  1.00 66.02  ? 81  GLU A CB  1 
ATOM 601 C CG  . GLU A 1 81  ? 9.620   0.022   11.206  1.00 66.02  ? 81  GLU A CG  1 
ATOM 602 C CD  . GLU A 1 81  ? 9.270   -1.269  11.923  1.00 66.02  ? 81  GLU A CD  1 
ATOM 603 O OE1 . GLU A 1 81  ? 10.032  -2.249  11.793  1.00 66.02  ? 81  GLU A OE1 1 
ATOM 604 O OE2 . GLU A 1 81  ? 8.234   -1.302  12.620  1.00 66.02  ? 81  GLU A OE2 1 
ATOM 605 N N   . GLU A 1 82  ? 7.885   -1.638  8.454   1.00 61.57  ? 82  GLU A N   1 
ATOM 606 C CA  . GLU A 1 82  ? 7.020   -2.793  8.307   1.00 61.57  ? 82  GLU A CA  1 
ATOM 607 C C   . GLU A 1 82  ? 6.588   -3.003  6.863   1.00 61.57  ? 82  GLU A C   1 
ATOM 608 O O   . GLU A 1 82  ? 6.297   -4.137  6.469   1.00 61.57  ? 82  GLU A O   1 
ATOM 609 C CB  . GLU A 1 82  ? 5.799   -2.607  9.209   1.00 61.57  ? 82  GLU A CB  1 
ATOM 610 C CG  . GLU A 1 82  ? 4.865   -3.763  9.286   1.00 61.57  ? 82  GLU A CG  1 
ATOM 611 C CD  . GLU A 1 82  ? 3.737   -3.501  10.226  1.00 61.57  ? 82  GLU A CD  1 
ATOM 612 O OE1 . GLU A 1 82  ? 3.725   -2.437  10.878  1.00 61.57  ? 82  GLU A OE1 1 
ATOM 613 O OE2 . GLU A 1 82  ? 2.845   -4.354  10.283  1.00 61.57  ? 82  GLU A OE2 1 
ATOM 614 N N   . LEU A 1 83  ? 6.589   -1.936  6.065   1.00 60.45  ? 83  LEU A N   1 
ATOM 615 C CA  . LEU A 1 83  ? 6.411   -2.054  4.624   1.00 60.45  ? 83  LEU A CA  1 
ATOM 616 C C   . LEU A 1 83  ? 7.558   -2.822  3.979   1.00 60.45  ? 83  LEU A C   1 
ATOM 617 O O   . LEU A 1 83  ? 7.359   -3.471  2.948   1.00 60.45  ? 83  LEU A O   1 
ATOM 618 C CB  . LEU A 1 83  ? 6.259   -0.650  4.029   1.00 60.45  ? 83  LEU A CB  1 
ATOM 619 C CG  . LEU A 1 83  ? 5.971   -0.293  2.568   1.00 60.45  ? 83  LEU A CG  1 
ATOM 620 C CD1 . LEU A 1 83  ? 7.238   -0.182  1.749   1.00 60.45  ? 83  LEU A CD1 1 
ATOM 621 C CD2 . LEU A 1 83  ? 5.034   -1.302  1.945   1.00 60.45  ? 83  LEU A CD2 1 
ATOM 622 N N   . THR A 1 84  ? 8.756   -2.774  4.570   1.00 60.97  ? 84  THR A N   1 
ATOM 623 C CA  . THR A 1 84  ? 9.871   -3.547  4.038   1.00 60.97  ? 84  THR A CA  1 
ATOM 624 C C   . THR A 1 84  ? 9.706   -5.034  4.313   1.00 60.97  ? 84  THR A C   1 
ATOM 625 O O   . THR A 1 84  ? 10.264  -5.861  3.585   1.00 60.97  ? 84  THR A O   1 
ATOM 626 C CB  . THR A 1 84  ? 11.188  -3.056  4.630   1.00 60.97  ? 84  THR A CB  1 
ATOM 627 O OG1 . THR A 1 84  ? 11.170  -3.244  6.048   1.00 60.97  ? 84  THR A OG1 1 
ATOM 628 C CG2 . THR A 1 84  ? 11.391  -1.585  4.321   1.00 60.97  ? 84  THR A CG2 1 
ATOM 629 N N   . MET A 1 85  ? 8.956   -5.395  5.352   1.00 61.98  ? 85  MET A N   1 
ATOM 630 C CA  . MET A 1 85  ? 8.626   -6.796  5.569   1.00 61.98  ? 85  MET A CA  1 
ATOM 631 C C   . MET A 1 85  ? 7.431   -7.212  4.724   1.00 61.98  ? 85  MET A C   1 
ATOM 632 O O   . MET A 1 85  ? 7.309   -8.385  4.355   1.00 61.98  ? 85  MET A O   1 
ATOM 633 C CB  . MET A 1 85  ? 8.362   -7.043  7.055   1.00 61.98  ? 85  MET A CB  1 
ATOM 634 C CG  . MET A 1 85  ? 8.205   -8.499  7.444   1.00 61.98  ? 85  MET A CG  1 
ATOM 635 S SD  . MET A 1 85  ? 8.059   -8.715  9.214   1.00 61.98  ? 85  MET A SD  1 
ATOM 636 C CE  . MET A 1 85  ? 9.736   -8.343  9.703   1.00 61.98  ? 85  MET A CE  1 
ATOM 637 N N   . ALA A 1 86  ? 6.559   -6.259  4.397   1.00 58.11  ? 86  ALA A N   1 
ATOM 638 C CA  . ALA A 1 86  ? 5.447   -6.527  3.496   1.00 58.11  ? 86  ALA A CA  1 
ATOM 639 C C   . ALA A 1 86  ? 5.925   -6.849  2.092   1.00 58.11  ? 86  ALA A C   1 
ATOM 640 O O   . ALA A 1 86  ? 5.327   -7.685  1.410   1.00 58.11  ? 86  ALA A O   1 
ATOM 641 C CB  . ALA A 1 86  ? 4.513   -5.323  3.451   1.00 58.11  ? 86  ALA A CB  1 
ATOM 642 N N   . MET A 1 87  ? 6.998   -6.206  1.654   1.00 63.70  ? 87  MET A N   1 
ATOM 643 C CA  . MET A 1 87  ? 7.443   -6.281  0.275   1.00 63.70  ? 87  MET A CA  1 
ATOM 644 C C   . MET A 1 87  ? 8.409   -7.442  0.048   1.00 63.70  ? 87  MET A C   1 
ATOM 645 O O   . MET A 1 87  ? 8.912   -7.622  -1.064  1.00 63.70  ? 87  MET A O   1 
ATOM 646 C CB  . MET A 1 87  ? 8.059   -4.927  -0.109  1.00 63.70  ? 87  MET A CB  1 
ATOM 647 C CG  . MET A 1 87  ? 8.130   -4.614  -1.587  1.00 63.70  ? 87  MET A CG  1 
ATOM 648 S SD  . MET A 1 87  ? 8.709   -2.948  -1.874  1.00 63.70  ? 87  MET A SD  1 
ATOM 649 C CE  . MET A 1 87  ? 7.235   -2.035  -1.456  1.00 63.70  ? 87  MET A CE  1 
ATOM 650 N N   . SER A 1 88  ? 8.644   -8.272  1.058   1.00 59.25  ? 88  SER A N   1 
ATOM 651 C CA  . SER A 1 88  ? 9.352   -9.528  0.862   1.00 59.25  ? 88  SER A CA  1 
ATOM 652 C C   . SER A 1 88  ? 8.421   -10.648 0.427   1.00 59.25  ? 88  SER A C   1 
ATOM 653 O O   . SER A 1 88  ? 8.839   -11.807 0.389   1.00 59.25  ? 88  SER A O   1 
ATOM 654 C CB  . SER A 1 88  ? 10.084  -9.937  2.139   1.00 59.25  ? 88  SER A CB  1 
ATOM 655 O OG  . SER A 1 88  ? 9.168   -10.304 3.151   1.00 59.25  ? 88  SER A OG  1 
ATOM 656 N N   . TYR A 1 89  ? 7.168   -10.325 0.110   1.00 57.30  ? 89  TYR A N   1 
ATOM 657 C CA  . TYR A 1 89  ? 6.184   -11.277 -0.381  1.00 57.30  ? 89  TYR A CA  1 
ATOM 658 C C   . TYR A 1 89  ? 5.773   -10.981 -1.816  1.00 57.30  ? 89  TYR A C   1 
ATOM 659 O O   . TYR A 1 89  ? 4.750   -11.496 -2.277  1.00 57.30  ? 89  TYR A O   1 
ATOM 660 C CB  . TYR A 1 89  ? 4.953   -11.276 0.522   1.00 57.30  ? 89  TYR A CB  1 
ATOM 661 C CG  . TYR A 1 89  ? 5.190   -11.877 1.882   1.00 57.30  ? 89  TYR A CG  1 
ATOM 662 C CD1 . TYR A 1 89  ? 6.216   -12.779 2.096   1.00 57.30  ? 89  TYR A CD1 1 
ATOM 663 C CD2 . TYR A 1 89  ? 4.412   -11.512 2.960   1.00 57.30  ? 89  TYR A CD2 1 
ATOM 664 C CE1 . TYR A 1 89  ? 6.436   -13.320 3.343   1.00 57.30  ? 89  TYR A CE1 1 
ATOM 665 C CE2 . TYR A 1 89  ? 4.636   -12.040 4.209   1.00 57.30  ? 89  TYR A CE2 1 
ATOM 666 C CZ  . TYR A 1 89  ? 5.642   -12.946 4.393   1.00 57.30  ? 89  TYR A CZ  1 
ATOM 667 O OH  . TYR A 1 89  ? 5.859   -13.476 5.640   1.00 57.30  ? 89  TYR A OH  1 
ATOM 668 N N   . VAL A 1 90  ? 6.529   -10.135 -2.516  1.00 59.00  ? 90  VAL A N   1 
ATOM 669 C CA  . VAL A 1 90  ? 6.233   -9.846  -3.913  1.00 59.00  ? 90  VAL A CA  1 
ATOM 670 C C   . VAL A 1 90  ? 6.511   -11.088 -4.746  1.00 59.00  ? 90  VAL A C   1 
ATOM 671 O O   . VAL A 1 90  ? 7.488   -11.813 -4.514  1.00 59.00  ? 90  VAL A O   1 
ATOM 672 C CB  . VAL A 1 90  ? 7.027   -8.623  -4.398  1.00 59.00  ? 90  VAL A CB  1 
ATOM 673 C CG1 . VAL A 1 90  ? 6.563   -7.395  -3.669  1.00 59.00  ? 90  VAL A CG1 1 
ATOM 674 C CG2 . VAL A 1 90  ? 8.516   -8.794  -4.175  1.00 59.00  ? 90  VAL A CG2 1 
ATOM 675 N N   . LYS A 1 91  ? 5.608   -11.391 -5.671  1.00 63.81  ? 91  LYS A N   1 
ATOM 676 C CA  . LYS A 1 91  ? 5.720   -12.666 -6.359  1.00 63.81  ? 91  LYS A CA  1 
ATOM 677 C C   . LYS A 1 91  ? 6.515   -12.526 -7.647  1.00 63.81  ? 91  LYS A C   1 
ATOM 678 O O   . LYS A 1 91  ? 7.608   -13.089 -7.764  1.00 63.81  ? 91  LYS A O   1 
ATOM 679 C CB  . LYS A 1 91  ? 4.333   -13.235 -6.643  1.00 63.81  ? 91  LYS A CB  1 
ATOM 680 C CG  . LYS A 1 91  ? 4.354   -14.647 -7.178  1.00 63.81  ? 91  LYS A CG  1 
ATOM 681 C CD  . LYS A 1 91  ? 4.947   -15.599 -6.156  1.00 63.81  ? 91  LYS A CD  1 
ATOM 682 C CE  . LYS A 1 91  ? 4.066   -15.706 -4.923  1.00 63.81  ? 91  LYS A CE  1 
ATOM 683 N NZ  . LYS A 1 91  ? 2.779   -16.383 -5.229  1.00 63.81  ? 91  LYS A NZ  1 
ATOM 684 N N   . ASP A 1 92  ? 5.994   -11.780 -8.619  1.00 66.83  ? 92  ASP A N   1 
ATOM 685 C CA  . ASP A 1 92  ? 6.777   -11.537 -9.822  1.00 66.83  ? 92  ASP A CA  1 
ATOM 686 C C   . ASP A 1 92  ? 7.317   -10.115 -9.828  1.00 66.83  ? 92  ASP A C   1 
ATOM 687 O O   . ASP A 1 92  ? 8.525   -9.888  -9.722  1.00 66.83  ? 92  ASP A O   1 
ATOM 688 C CB  . ASP A 1 92  ? 5.910   -11.780 -11.052 1.00 66.83  ? 92  ASP A CB  1 
ATOM 689 C CG  . ASP A 1 92  ? 5.400   -13.199 -11.123 1.00 66.83  ? 92  ASP A CG  1 
ATOM 690 O OD1 . ASP A 1 92  ? 6.089   -14.105 -10.613 1.00 66.83  ? 92  ASP A OD1 1 
ATOM 691 O OD2 . ASP A 1 92  ? 4.301   -13.407 -11.674 1.00 66.83  ? 92  ASP A OD2 1 
ATOM 692 N N   . ASP A 1 93  ? 6.408   -9.154  -9.946  1.00 66.92  ? 93  ASP A N   1 
ATOM 693 C CA  . ASP A 1 93  ? 6.646   -7.772  -9.554  1.00 66.92  ? 93  ASP A CA  1 
ATOM 694 C C   . ASP A 1 93  ? 5.365   -7.164  -9.008  1.00 66.92  ? 93  ASP A C   1 
ATOM 695 O O   . ASP A 1 93  ? 5.248   -5.935  -8.938  1.00 66.92  ? 93  ASP A O   1 
ATOM 696 C CB  . ASP A 1 93  ? 7.198   -6.935  -10.716 1.00 66.92  ? 93  ASP A CB  1 
ATOM 697 C CG  . ASP A 1 93  ? 6.313   -6.973  -11.955 1.00 66.92  ? 93  ASP A CG  1 
ATOM 698 O OD1 . ASP A 1 93  ? 5.347   -7.764  -12.000 1.00 66.92  ? 93  ASP A OD1 1 
ATOM 699 O OD2 . ASP A 1 93  ? 6.583   -6.195  -12.894 1.00 66.92  ? 93  ASP A OD2 1 
ATOM 700 N N   . ILE A 1 94  ? 4.396   -7.996  -8.650  1.00 57.63  ? 94  ILE A N   1 
ATOM 701 C CA  . ILE A 1 94  ? 3.063   -7.553  -8.278  1.00 57.63  ? 94  ILE A CA  1 
ATOM 702 C C   . ILE A 1 94  ? 2.964   -7.611  -6.764  1.00 57.63  ? 94  ILE A C   1 
ATOM 703 O O   . ILE A 1 94  ? 3.058   -8.686  -6.165  1.00 57.63  ? 94  ILE A O   1 
ATOM 704 C CB  . ILE A 1 94  ? 1.981   -8.407  -8.947  1.00 57.63  ? 94  ILE A CB  1 
ATOM 705 C CG1 . ILE A 1 94  ? 2.072   -8.263  -10.462 1.00 57.63  ? 94  ILE A CG1 1 
ATOM 706 C CG2 . ILE A 1 94  ? 0.611   -7.991  -8.474  1.00 57.63  ? 94  ILE A CG2 1 
ATOM 707 C CD1 . ILE A 1 94  ? 1.225   -9.247  -11.213 1.00 57.63  ? 94  ILE A CD1 1 
ATOM 708 N N   . PHE A 1 95  ? 2.783   -6.452  -6.144  1.00 53.33  ? 95  PHE A N   1 
ATOM 709 C CA  . PHE A 1 95  ? 2.674   -6.336  -4.694  1.00 53.33  ? 95  PHE A CA  1 
ATOM 710 C C   . PHE A 1 95  ? 1.207   -6.110  -4.360  1.00 53.33  ? 95  PHE A C   1 
ATOM 711 O O   . PHE A 1 95  ? 0.704   -4.990  -4.394  1.00 53.33  ? 95  PHE A O   1 
ATOM 712 C CB  . PHE A 1 95  ? 3.583   -5.226  -4.193  1.00 53.33  ? 95  PHE A CB  1 
ATOM 713 C CG  . PHE A 1 95  ? 3.435   -4.914  -2.743  1.00 53.33  ? 95  PHE A CG  1 
ATOM 714 C CD1 . PHE A 1 95  ? 3.608   -5.894  -1.786  1.00 53.33  ? 95  PHE A CD1 1 
ATOM 715 C CD2 . PHE A 1 95  ? 3.237   -3.610  -2.331  1.00 53.33  ? 95  PHE A CD2 1 
ATOM 716 C CE1 . PHE A 1 95  ? 3.496   -5.591  -0.446  1.00 53.33  ? 95  PHE A CE1 1 
ATOM 717 C CE2 . PHE A 1 95  ? 3.147   -3.299  -0.999  1.00 53.33  ? 95  PHE A CE2 1 
ATOM 718 C CZ  . PHE A 1 95  ? 3.267   -4.290  -0.055  1.00 53.33  ? 95  PHE A CZ  1 
ATOM 719 N N   . ARG A 1 96  ? 0.519   -7.199  -4.043  1.00 49.51  ? 96  ARG A N   1 
ATOM 720 C CA  . ARG A 1 96  ? -0.917  -7.172  -3.810  1.00 49.51  ? 96  ARG A CA  1 
ATOM 721 C C   . ARG A 1 96  ? -1.211  -6.691  -2.398  1.00 49.51  ? 96  ARG A C   1 
ATOM 722 O O   . ARG A 1 96  ? -0.863  -7.365  -1.425  1.00 49.51  ? 96  ARG A O   1 
ATOM 723 C CB  . ARG A 1 96  ? -1.503  -8.561  -4.034  1.00 49.51  ? 96  ARG A CB  1 
ATOM 724 C CG  . ARG A 1 96  ? -1.503  -8.994  -5.477  1.00 49.51  ? 96  ARG A CG  1 
ATOM 725 C CD  . ARG A 1 96  ? -2.021  -10.405 -5.637  1.00 49.51  ? 96  ARG A CD  1 
ATOM 726 N NE  . ARG A 1 96  ? -2.135  -10.767 -7.043  1.00 49.51  ? 96  ARG A NE  1 
ATOM 727 C CZ  . ARG A 1 96  ? -1.149  -11.289 -7.761  1.00 49.51  ? 96  ARG A CZ  1 
ATOM 728 N NH1 . ARG A 1 96  ? 0.031   -11.510 -7.204  1.00 49.51  ? 96  ARG A NH1 1 
ATOM 729 N NH2 . ARG A 1 96  ? -1.345  -11.584 -9.037  1.00 49.51  ? 96  ARG A NH2 1 
ATOM 730 N N   . ILE A 1 97  ? -1.857  -5.538  -2.285  1.00 46.85  ? 97  ILE A N   1 
ATOM 731 C CA  . ILE A 1 97  ? -2.322  -5.032  -1.005  1.00 46.85  ? 97  ILE A CA  1 
ATOM 732 C C   . ILE A 1 97  ? -3.838  -5.119  -0.968  1.00 46.85  ? 97  ILE A C   1 
ATOM 733 O O   . ILE A 1 97  ? -4.512  -5.187  -1.998  1.00 46.85  ? 97  ILE A O   1 
ATOM 734 C CB  . ILE A 1 97  ? -1.851  -3.595  -0.732  1.00 46.85  ? 97  ILE A CB  1 
ATOM 735 C CG1 . ILE A 1 97  ? -2.353  -2.647  -1.808  1.00 46.85  ? 97  ILE A CG1 1 
ATOM 736 C CG2 . ILE A 1 97  ? -0.369  -3.546  -0.678  1.00 46.85  ? 97  ILE A CG2 1 
ATOM 737 C CD1 . ILE A 1 97  ? -2.078  -1.208  -1.498  1.00 46.85  ? 97  ILE A CD1 1 
ATOM 738 N N   . TYR A 1 98  ? -4.376  -5.112  0.245   1.00 46.20  ? 98  TYR A N   1 
ATOM 739 C CA  . TYR A 1 98  ? -5.800  -5.315  0.479   1.00 46.20  ? 98  TYR A CA  1 
ATOM 740 C C   . TYR A 1 98  ? -6.290  -4.175  1.355   1.00 46.20  ? 98  TYR A C   1 
ATOM 741 O O   . TYR A 1 98  ? -5.880  -4.060  2.512   1.00 46.20  ? 98  TYR A O   1 
ATOM 742 C CB  . TYR A 1 98  ? -6.045  -6.666  1.139   1.00 46.20  ? 98  TYR A CB  1 
ATOM 743 C CG  . TYR A 1 98  ? -5.696  -7.838  0.256   1.00 46.20  ? 98  TYR A CG  1 
ATOM 744 C CD1 . TYR A 1 98  ? -6.632  -8.386  -0.603  1.00 46.20  ? 98  TYR A CD1 1 
ATOM 745 C CD2 . TYR A 1 98  ? -4.419  -8.373  0.259   1.00 46.20  ? 98  TYR A CD2 1 
ATOM 746 C CE1 . TYR A 1 98  ? -6.312  -9.451  -1.413  1.00 46.20  ? 98  TYR A CE1 1 
ATOM 747 C CE2 . TYR A 1 98  ? -4.089  -9.431  -0.551  1.00 46.20  ? 98  TYR A CE2 1 
ATOM 748 C CZ  . TYR A 1 98  ? -5.038  -9.965  -1.385  1.00 46.20  ? 98  TYR A CZ  1 
ATOM 749 O OH  . TYR A 1 98  ? -4.710  -11.025 -2.195  1.00 46.20  ? 98  TYR A OH  1 
ATOM 750 N N   . ILE A 1 99  ? -7.154  -3.334  0.809   1.00 49.26  ? 99  ILE A N   1 
ATOM 751 C CA  . ILE A 1 99  ? -7.575  -2.113  1.480   1.00 49.26  ? 99  ILE A CA  1 
ATOM 752 C C   . ILE A 1 99  ? -8.865  -2.385  2.241   1.00 49.26  ? 99  ILE A C   1 
ATOM 753 O O   . ILE A 1 99  ? -9.802  -2.977  1.697   1.00 49.26  ? 99  ILE A O   1 
ATOM 754 C CB  . ILE A 1 99  ? -7.764  -0.975  0.467   1.00 49.26  ? 99  ILE A CB  1 
ATOM 755 C CG1 . ILE A 1 99  ? -6.505  -0.799  -0.374  1.00 49.26  ? 99  ILE A CG1 1 
ATOM 756 C CG2 . ILE A 1 99  ? -8.066  0.315   1.177   1.00 49.26  ? 99  ILE A CG2 1 
ATOM 757 C CD1 . ILE A 1 99  ? -5.294  -0.446  0.421   1.00 49.26  ? 99  ILE A CD1 1 
ATOM 758 N N   . LYS A 1 100 ? -8.913  -1.962  3.500   1.00 54.01  ? 100 LYS A N   1 
ATOM 759 C CA  . LYS A 1 100 ? -10.126 -2.014  4.301   1.00 54.01  ? 100 LYS A CA  1 
ATOM 760 C C   . LYS A 1 100 ? -10.349 -0.657  4.944   1.00 54.01  ? 100 LYS A C   1 
ATOM 761 O O   . LYS A 1 100 ? -9.402  -0.029  5.422   1.00 54.01  ? 100 LYS A O   1 
ATOM 762 C CB  . LYS A 1 100 ? -10.052 -3.095  5.378   1.00 54.01  ? 100 LYS A CB  1 
ATOM 763 C CG  . LYS A 1 100 ? -10.096 -4.505  4.835   1.00 54.01  ? 100 LYS A CG  1 
ATOM 764 C CD  . LYS A 1 100 ? -9.981  -5.530  5.942   1.00 54.01  ? 100 LYS A CD  1 
ATOM 765 C CE  . LYS A 1 100 ? -11.242 -5.563  6.775   1.00 54.01  ? 100 LYS A CE  1 
ATOM 766 N NZ  . LYS A 1 100 ? -12.400 -6.070  5.990   1.00 54.01  ? 100 LYS A NZ  1 
ATOM 767 N N   . GLU A 1 101 ? -11.599 -0.207  4.956   1.00 61.85  ? 101 GLU A N   1 
ATOM 768 C CA  . GLU A 1 101 ? -11.917 1.103   5.493   1.00 61.85  ? 101 GLU A CA  1 
ATOM 769 C C   . GLU A 1 101 ? -12.099 1.037   7.007   1.00 61.85  ? 101 GLU A C   1 
ATOM 770 O O   . GLU A 1 101 ? -12.366 -0.018  7.585   1.00 61.85  ? 101 GLU A O   1 
ATOM 771 C CB  . GLU A 1 101 ? -13.171 1.661   4.830   1.00 61.85  ? 101 GLU A CB  1 
ATOM 772 C CG  . GLU A 1 101 ? -12.988 1.998   3.367   1.00 61.85  ? 101 GLU A CG  1 
ATOM 773 C CD  . GLU A 1 101 ? -14.251 2.540   2.735   1.00 61.85  ? 101 GLU A CD  1 
ATOM 774 O OE1 . GLU A 1 101 ? -15.304 2.525   3.404   1.00 61.85  ? 101 GLU A OE1 1 
ATOM 775 O OE2 . GLU A 1 101 ? -14.193 2.984   1.572   1.00 61.85  ? 101 GLU A OE2 1 
ATOM 776 N N   . LYS A 1 102 ? -11.956 2.193   7.651   1.00 62.49  ? 102 LYS A N   1 
ATOM 777 C CA  . LYS A 1 102 ? -11.996 2.300   9.105   1.00 62.49  ? 102 LYS A CA  1 
ATOM 778 C C   . LYS A 1 102 ? -13.383 2.760   9.536   1.00 62.49  ? 102 LYS A C   1 
ATOM 779 O O   . LYS A 1 102 ? -13.678 3.959   9.526   1.00 62.49  ? 102 LYS A O   1 
ATOM 780 C CB  . LYS A 1 102 ? -10.917 3.252   9.611   1.00 62.49  ? 102 LYS A CB  1 
ATOM 781 C CG  . LYS A 1 102 ? -9.510  2.706   9.480   1.00 62.49  ? 102 LYS A CG  1 
ATOM 782 C CD  . LYS A 1 102 ? -8.498  3.666   10.071  1.00 62.49  ? 102 LYS A CD  1 
ATOM 783 C CE  . LYS A 1 102 ? -7.092  3.119   9.956   1.00 62.49  ? 102 LYS A CE  1 
ATOM 784 N NZ  . LYS A 1 102 ? -6.084  4.052   10.521  1.00 62.49  ? 102 LYS A NZ  1 
ATOM 785 N N   . LYS A 1 103 ? -14.223 1.804   9.922   1.00 69.53  ? 103 LYS A N   1 
ATOM 786 C CA  . LYS A 1 103 ? -15.586 2.061   10.369  1.00 69.53  ? 103 LYS A CA  1 
ATOM 787 C C   . LYS A 1 103 ? -15.634 2.274   11.876  1.00 69.53  ? 103 LYS A C   1 
ATOM 788 O O   . LYS A 1 103 ? -14.613 2.607   12.486  1.00 69.53  ? 103 LYS A O   1 
ATOM 789 C CB  . LYS A 1 103 ? -16.515 0.924   9.946   1.00 69.53  ? 103 LYS A CB  1 
ATOM 790 C CG  . LYS A 1 103 ? -16.784 0.898   8.450   1.00 69.53  ? 103 LYS A CG  1 
ATOM 791 C CD  . LYS A 1 103 ? -17.798 -0.166  8.068   1.00 69.53  ? 103 LYS A CD  1 
ATOM 792 C CE  . LYS A 1 103 ? -17.120 -1.421  7.549   1.00 69.53  ? 103 LYS A CE  1 
ATOM 793 N NZ  . LYS A 1 103 ? -16.481 -2.217  8.631   1.00 69.53  ? 103 LYS A NZ  1 
ATOM 794 N N   . GLU A 1 104 ? -16.833 2.136   12.456  1.00 75.96  ? 104 GLU A N   1 
ATOM 795 C CA  . GLU A 1 104 ? -17.165 2.496   13.834  1.00 75.96  ? 104 GLU A CA  1 
ATOM 796 C C   . GLU A 1 104 ? -16.262 1.835   14.867  1.00 75.96  ? 104 GLU A C   1 
ATOM 797 O O   . GLU A 1 104 ? -15.492 2.514   15.553  1.00 75.96  ? 104 GLU A O   1 
ATOM 798 C CB  . GLU A 1 104 ? -18.608 2.089   14.157  1.00 75.96  ? 104 GLU A CB  1 
ATOM 799 C CG  . GLU A 1 104 ? -19.685 2.607   13.220  1.00 75.96  ? 104 GLU A CG  1 
ATOM 800 C CD  . GLU A 1 104 ? -19.954 1.656   12.062  1.00 75.96  ? 104 GLU A CD  1 
ATOM 801 O OE1 . GLU A 1 104 ? -19.332 0.574   12.026  1.00 75.96  ? 104 GLU A OE1 1 
ATOM 802 O OE2 . GLU A 1 104 ? -20.791 1.982   11.195  1.00 75.96  ? 104 GLU A OE2 1 
ATOM 803 N N   . CYS A 1 105 ? -16.340 0.512   14.961  1.00 83.63  ? 105 CYS A N   1 
ATOM 804 C CA  . CYS A 1 105 ? -15.584 -0.254  15.945  1.00 83.63  ? 105 CYS A CA  1 
ATOM 805 C C   . CYS A 1 105 ? -15.468 -1.709  15.510  1.00 83.63  ? 105 CYS A C   1 
ATOM 806 O O   . CYS A 1 105 ? -16.357 -2.238  14.840  1.00 83.63  ? 105 CYS A O   1 
ATOM 807 C CB  . CYS A 1 105 ? -16.244 -0.169  17.325  1.00 83.63  ? 105 CYS A CB  1 
ATOM 808 S SG  . CYS A 1 105 ? -17.895 -0.901  17.418  1.00 83.63  ? 105 CYS A SG  1 
# 
